data_1ICM
# 
_entry.id   1ICM 
# 
_audit_conform.dict_name       mmcif_pdbx.dic 
_audit_conform.dict_version    5.386 
_audit_conform.dict_location   http://mmcif.pdb.org/dictionaries/ascii/mmcif_pdbx.dic 
# 
loop_
_database_2.database_id 
_database_2.database_code 
_database_2.pdbx_database_accession 
_database_2.pdbx_DOI 
PDB   1ICM         pdb_00001icm 10.2210/pdb1icm/pdb 
WWPDB D_1000174103 ?            ?                   
# 
loop_
_pdbx_audit_revision_history.ordinal 
_pdbx_audit_revision_history.data_content_type 
_pdbx_audit_revision_history.major_revision 
_pdbx_audit_revision_history.minor_revision 
_pdbx_audit_revision_history.revision_date 
1 'Structure model' 1 0 1994-01-31 
2 'Structure model' 1 1 2008-03-03 
3 'Structure model' 1 2 2011-07-13 
4 'Structure model' 1 3 2017-11-29 
5 'Structure model' 1 4 2024-02-07 
# 
_pdbx_audit_revision_details.ordinal             1 
_pdbx_audit_revision_details.revision_ordinal    1 
_pdbx_audit_revision_details.data_content_type   'Structure model' 
_pdbx_audit_revision_details.provider            repository 
_pdbx_audit_revision_details.type                'Initial release' 
_pdbx_audit_revision_details.description         ? 
_pdbx_audit_revision_details.details             ? 
# 
loop_
_pdbx_audit_revision_group.ordinal 
_pdbx_audit_revision_group.revision_ordinal 
_pdbx_audit_revision_group.data_content_type 
_pdbx_audit_revision_group.group 
1 2 'Structure model' 'Version format compliance' 
2 3 'Structure model' 'Version format compliance' 
3 4 'Structure model' 'Derived calculations'      
4 4 'Structure model' Other                       
5 5 'Structure model' 'Data collection'           
6 5 'Structure model' 'Database references'       
7 5 'Structure model' 'Derived calculations'      
# 
loop_
_pdbx_audit_revision_category.ordinal 
_pdbx_audit_revision_category.revision_ordinal 
_pdbx_audit_revision_category.data_content_type 
_pdbx_audit_revision_category.category 
1 4 'Structure model' pdbx_database_status 
2 4 'Structure model' struct_conf          
3 4 'Structure model' struct_conf_type     
4 5 'Structure model' chem_comp_atom       
5 5 'Structure model' chem_comp_bond       
6 5 'Structure model' database_2           
7 5 'Structure model' struct_site          
# 
loop_
_pdbx_audit_revision_item.ordinal 
_pdbx_audit_revision_item.revision_ordinal 
_pdbx_audit_revision_item.data_content_type 
_pdbx_audit_revision_item.item 
1 4 'Structure model' '_pdbx_database_status.process_site'  
2 5 'Structure model' '_database_2.pdbx_DOI'                
3 5 'Structure model' '_database_2.pdbx_database_accession' 
4 5 'Structure model' '_struct_site.pdbx_auth_asym_id'      
5 5 'Structure model' '_struct_site.pdbx_auth_comp_id'      
6 5 'Structure model' '_struct_site.pdbx_auth_seq_id'       
# 
_pdbx_database_status.status_code                     REL 
_pdbx_database_status.entry_id                        1ICM 
_pdbx_database_status.recvd_initial_deposition_date   1993-09-20 
_pdbx_database_status.deposit_site                    ? 
_pdbx_database_status.process_site                    BNL 
_pdbx_database_status.status_code_sf                  REL 
_pdbx_database_status.status_code_mr                  ? 
_pdbx_database_status.SG_entry                        ? 
_pdbx_database_status.pdb_format_compatible           Y 
_pdbx_database_status.status_code_cs                  ? 
_pdbx_database_status.methods_development_category    ? 
_pdbx_database_status.status_code_nmr_data            ? 
# 
loop_
_audit_author.name 
_audit_author.pdbx_ordinal 
'Eads, J.C.'        1 
'Sacchettini, J.C.' 2 
'Kromminga, A.'     3 
'Gordon, J.I.'      4 
# 
loop_
_citation.id 
_citation.title 
_citation.journal_abbrev 
_citation.journal_volume 
_citation.page_first 
_citation.page_last 
_citation.year 
_citation.journal_id_ASTM 
_citation.country 
_citation.journal_id_ISSN 
_citation.journal_id_CSD 
_citation.book_publisher 
_citation.pdbx_database_id_PubMed 
_citation.pdbx_database_id_DOI 
primary 
;Escherichia coli-derived rat intestinal fatty acid binding protein with bound myristate at 1.5 A resolution and I-FABPArg106-->Gln with bound oleate at 1.74 A resolution.
;
J.Biol.Chem. 268 26375 26385 1993 JBCHA3 US 0021-9258 0071 ? 8253762 ? 
1       'Refinement of the Structure of Recombinant Rat Intestinal Fatty Acid-Binding Apoprotein at 1.2 Angstroms Resolution' 
J.Biol.Chem. 267 4253  ?     1992 JBCHA3 US 0021-9258 0071 ? ?       ? 
# 
loop_
_citation_author.citation_id 
_citation_author.name 
_citation_author.ordinal 
_citation_author.identifier_ORCID 
primary 'Eads, J.'          1 ? 
primary 'Sacchettini, J.C.' 2 ? 
primary 'Kromminga, A.'     3 ? 
primary 'Gordon, J.I.'      4 ? 
1       'Scapin, G.'        5 ? 
1       'Gordon, J.I.'      6 ? 
1       'Sacchettini, J.C.' 7 ? 
# 
loop_
_entity.id 
_entity.type 
_entity.src_method 
_entity.pdbx_description 
_entity.formula_weight 
_entity.pdbx_number_of_molecules 
_entity.pdbx_ec 
_entity.pdbx_mutation 
_entity.pdbx_fragment 
_entity.details 
1 polymer     man 'INTESTINAL FATTY ACID BINDING PROTEIN' 15015.015 1   ? ? ? ? 
2 non-polymer syn 'MYRISTIC ACID'                         228.371   1   ? ? ? ? 
3 water       nat water                                   18.015    130 ? ? ? ? 
# 
_entity_poly.entity_id                      1 
_entity_poly.type                           'polypeptide(L)' 
_entity_poly.nstd_linkage                   no 
_entity_poly.nstd_monomer                   no 
_entity_poly.pdbx_seq_one_letter_code       
;AFDGTWKVDRNENYEKFMEKMGINVVKRKLGAHDNLKLTITQEGNKFTVKESSNFRNIDVVFELGVDFAYSLADGTELTG
TWTMEGNKLVGKFKRVDNGKELIAVREISGNELIQTYTYEGVEAKRIFKKE
;
_entity_poly.pdbx_seq_one_letter_code_can   
;AFDGTWKVDRNENYEKFMEKMGINVVKRKLGAHDNLKLTITQEGNKFTVKESSNFRNIDVVFELGVDFAYSLADGTELTG
TWTMEGNKLVGKFKRVDNGKELIAVREISGNELIQTYTYEGVEAKRIFKKE
;
_entity_poly.pdbx_strand_id                 A 
_entity_poly.pdbx_target_identifier         ? 
# 
loop_
_pdbx_entity_nonpoly.entity_id 
_pdbx_entity_nonpoly.name 
_pdbx_entity_nonpoly.comp_id 
2 'MYRISTIC ACID' MYR 
3 water           HOH 
# 
loop_
_entity_poly_seq.entity_id 
_entity_poly_seq.num 
_entity_poly_seq.mon_id 
_entity_poly_seq.hetero 
1 1   ALA n 
1 2   PHE n 
1 3   ASP n 
1 4   GLY n 
1 5   THR n 
1 6   TRP n 
1 7   LYS n 
1 8   VAL n 
1 9   ASP n 
1 10  ARG n 
1 11  ASN n 
1 12  GLU n 
1 13  ASN n 
1 14  TYR n 
1 15  GLU n 
1 16  LYS n 
1 17  PHE n 
1 18  MET n 
1 19  GLU n 
1 20  LYS n 
1 21  MET n 
1 22  GLY n 
1 23  ILE n 
1 24  ASN n 
1 25  VAL n 
1 26  VAL n 
1 27  LYS n 
1 28  ARG n 
1 29  LYS n 
1 30  LEU n 
1 31  GLY n 
1 32  ALA n 
1 33  HIS n 
1 34  ASP n 
1 35  ASN n 
1 36  LEU n 
1 37  LYS n 
1 38  LEU n 
1 39  THR n 
1 40  ILE n 
1 41  THR n 
1 42  GLN n 
1 43  GLU n 
1 44  GLY n 
1 45  ASN n 
1 46  LYS n 
1 47  PHE n 
1 48  THR n 
1 49  VAL n 
1 50  LYS n 
1 51  GLU n 
1 52  SER n 
1 53  SER n 
1 54  ASN n 
1 55  PHE n 
1 56  ARG n 
1 57  ASN n 
1 58  ILE n 
1 59  ASP n 
1 60  VAL n 
1 61  VAL n 
1 62  PHE n 
1 63  GLU n 
1 64  LEU n 
1 65  GLY n 
1 66  VAL n 
1 67  ASP n 
1 68  PHE n 
1 69  ALA n 
1 70  TYR n 
1 71  SER n 
1 72  LEU n 
1 73  ALA n 
1 74  ASP n 
1 75  GLY n 
1 76  THR n 
1 77  GLU n 
1 78  LEU n 
1 79  THR n 
1 80  GLY n 
1 81  THR n 
1 82  TRP n 
1 83  THR n 
1 84  MET n 
1 85  GLU n 
1 86  GLY n 
1 87  ASN n 
1 88  LYS n 
1 89  LEU n 
1 90  VAL n 
1 91  GLY n 
1 92  LYS n 
1 93  PHE n 
1 94  LYS n 
1 95  ARG n 
1 96  VAL n 
1 97  ASP n 
1 98  ASN n 
1 99  GLY n 
1 100 LYS n 
1 101 GLU n 
1 102 LEU n 
1 103 ILE n 
1 104 ALA n 
1 105 VAL n 
1 106 ARG n 
1 107 GLU n 
1 108 ILE n 
1 109 SER n 
1 110 GLY n 
1 111 ASN n 
1 112 GLU n 
1 113 LEU n 
1 114 ILE n 
1 115 GLN n 
1 116 THR n 
1 117 TYR n 
1 118 THR n 
1 119 TYR n 
1 120 GLU n 
1 121 GLY n 
1 122 VAL n 
1 123 GLU n 
1 124 ALA n 
1 125 LYS n 
1 126 ARG n 
1 127 ILE n 
1 128 PHE n 
1 129 LYS n 
1 130 LYS n 
1 131 GLU n 
# 
_entity_src_gen.entity_id                          1 
_entity_src_gen.pdbx_src_id                        1 
_entity_src_gen.pdbx_alt_source_flag               sample 
_entity_src_gen.pdbx_seq_type                      ? 
_entity_src_gen.pdbx_beg_seq_num                   ? 
_entity_src_gen.pdbx_end_seq_num                   ? 
_entity_src_gen.gene_src_common_name               'Norway rat' 
_entity_src_gen.gene_src_genus                     Rattus 
_entity_src_gen.pdbx_gene_src_gene                 ? 
_entity_src_gen.gene_src_species                   ? 
_entity_src_gen.gene_src_strain                    ? 
_entity_src_gen.gene_src_tissue                    ? 
_entity_src_gen.gene_src_tissue_fraction           ? 
_entity_src_gen.gene_src_details                   ? 
_entity_src_gen.pdbx_gene_src_fragment             ? 
_entity_src_gen.pdbx_gene_src_scientific_name      'Rattus norvegicus' 
_entity_src_gen.pdbx_gene_src_ncbi_taxonomy_id     10116 
_entity_src_gen.pdbx_gene_src_variant              ? 
_entity_src_gen.pdbx_gene_src_cell_line            ? 
_entity_src_gen.pdbx_gene_src_atcc                 ? 
_entity_src_gen.pdbx_gene_src_organ                ? 
_entity_src_gen.pdbx_gene_src_organelle            ? 
_entity_src_gen.pdbx_gene_src_cell                 ? 
_entity_src_gen.pdbx_gene_src_cellular_location    ? 
_entity_src_gen.host_org_common_name               ? 
_entity_src_gen.pdbx_host_org_scientific_name      ? 
_entity_src_gen.pdbx_host_org_ncbi_taxonomy_id     ? 
_entity_src_gen.host_org_genus                     ? 
_entity_src_gen.pdbx_host_org_gene                 ? 
_entity_src_gen.pdbx_host_org_organ                ? 
_entity_src_gen.host_org_species                   ? 
_entity_src_gen.pdbx_host_org_tissue               ? 
_entity_src_gen.pdbx_host_org_tissue_fraction      ? 
_entity_src_gen.pdbx_host_org_strain               ? 
_entity_src_gen.pdbx_host_org_variant              ? 
_entity_src_gen.pdbx_host_org_cell_line            ? 
_entity_src_gen.pdbx_host_org_atcc                 ? 
_entity_src_gen.pdbx_host_org_culture_collection   ? 
_entity_src_gen.pdbx_host_org_cell                 ? 
_entity_src_gen.pdbx_host_org_organelle            ? 
_entity_src_gen.pdbx_host_org_cellular_location    ? 
_entity_src_gen.pdbx_host_org_vector_type          ? 
_entity_src_gen.pdbx_host_org_vector               ? 
_entity_src_gen.host_org_details                   ? 
_entity_src_gen.expression_system_id               ? 
_entity_src_gen.plasmid_name                       ? 
_entity_src_gen.plasmid_details                    ? 
_entity_src_gen.pdbx_description                   ? 
# 
loop_
_chem_comp.id 
_chem_comp.type 
_chem_comp.mon_nstd_flag 
_chem_comp.name 
_chem_comp.pdbx_synonyms 
_chem_comp.formula 
_chem_comp.formula_weight 
ALA 'L-peptide linking' y ALANINE         ? 'C3 H7 N O2'     89.093  
ARG 'L-peptide linking' y ARGININE        ? 'C6 H15 N4 O2 1' 175.209 
ASN 'L-peptide linking' y ASPARAGINE      ? 'C4 H8 N2 O3'    132.118 
ASP 'L-peptide linking' y 'ASPARTIC ACID' ? 'C4 H7 N O4'     133.103 
GLN 'L-peptide linking' y GLUTAMINE       ? 'C5 H10 N2 O3'   146.144 
GLU 'L-peptide linking' y 'GLUTAMIC ACID' ? 'C5 H9 N O4'     147.129 
GLY 'peptide linking'   y GLYCINE         ? 'C2 H5 N O2'     75.067  
HIS 'L-peptide linking' y HISTIDINE       ? 'C6 H10 N3 O2 1' 156.162 
HOH non-polymer         . WATER           ? 'H2 O'           18.015  
ILE 'L-peptide linking' y ISOLEUCINE      ? 'C6 H13 N O2'    131.173 
LEU 'L-peptide linking' y LEUCINE         ? 'C6 H13 N O2'    131.173 
LYS 'L-peptide linking' y LYSINE          ? 'C6 H15 N2 O2 1' 147.195 
MET 'L-peptide linking' y METHIONINE      ? 'C5 H11 N O2 S'  149.211 
MYR non-polymer         . 'MYRISTIC ACID' ? 'C14 H28 O2'     228.371 
PHE 'L-peptide linking' y PHENYLALANINE   ? 'C9 H11 N O2'    165.189 
SER 'L-peptide linking' y SERINE          ? 'C3 H7 N O3'     105.093 
THR 'L-peptide linking' y THREONINE       ? 'C4 H9 N O3'     119.119 
TRP 'L-peptide linking' y TRYPTOPHAN      ? 'C11 H12 N2 O2'  204.225 
TYR 'L-peptide linking' y TYROSINE        ? 'C9 H11 N O3'    181.189 
VAL 'L-peptide linking' y VALINE          ? 'C5 H11 N O2'    117.146 
# 
loop_
_pdbx_poly_seq_scheme.asym_id 
_pdbx_poly_seq_scheme.entity_id 
_pdbx_poly_seq_scheme.seq_id 
_pdbx_poly_seq_scheme.mon_id 
_pdbx_poly_seq_scheme.ndb_seq_num 
_pdbx_poly_seq_scheme.pdb_seq_num 
_pdbx_poly_seq_scheme.auth_seq_num 
_pdbx_poly_seq_scheme.pdb_mon_id 
_pdbx_poly_seq_scheme.auth_mon_id 
_pdbx_poly_seq_scheme.pdb_strand_id 
_pdbx_poly_seq_scheme.pdb_ins_code 
_pdbx_poly_seq_scheme.hetero 
A 1 1   ALA 1   1   1   ALA ALA A . n 
A 1 2   PHE 2   2   2   PHE PHE A . n 
A 1 3   ASP 3   3   3   ASP ASP A . n 
A 1 4   GLY 4   4   4   GLY GLY A . n 
A 1 5   THR 5   5   5   THR THR A . n 
A 1 6   TRP 6   6   6   TRP TRP A . n 
A 1 7   LYS 7   7   7   LYS LYS A . n 
A 1 8   VAL 8   8   8   VAL VAL A . n 
A 1 9   ASP 9   9   9   ASP ASP A . n 
A 1 10  ARG 10  10  10  ARG ARG A . n 
A 1 11  ASN 11  11  11  ASN ASN A . n 
A 1 12  GLU 12  12  12  GLU GLU A . n 
A 1 13  ASN 13  13  13  ASN ASN A . n 
A 1 14  TYR 14  14  14  TYR TYR A . n 
A 1 15  GLU 15  15  15  GLU GLU A . n 
A 1 16  LYS 16  16  16  LYS LYS A . n 
A 1 17  PHE 17  17  17  PHE PHE A . n 
A 1 18  MET 18  18  18  MET MET A . n 
A 1 19  GLU 19  19  19  GLU GLU A . n 
A 1 20  LYS 20  20  20  LYS LYS A . n 
A 1 21  MET 21  21  21  MET MET A . n 
A 1 22  GLY 22  22  22  GLY GLY A . n 
A 1 23  ILE 23  23  23  ILE ILE A . n 
A 1 24  ASN 24  24  24  ASN ASN A . n 
A 1 25  VAL 25  25  25  VAL VAL A . n 
A 1 26  VAL 26  26  26  VAL VAL A . n 
A 1 27  LYS 27  27  27  LYS LYS A . n 
A 1 28  ARG 28  28  28  ARG ARG A . n 
A 1 29  LYS 29  29  29  LYS LYS A . n 
A 1 30  LEU 30  30  30  LEU LEU A . n 
A 1 31  GLY 31  31  31  GLY GLY A . n 
A 1 32  ALA 32  32  32  ALA ALA A . n 
A 1 33  HIS 33  33  33  HIS HIS A . n 
A 1 34  ASP 34  34  34  ASP ASP A . n 
A 1 35  ASN 35  35  35  ASN ASN A . n 
A 1 36  LEU 36  36  36  LEU LEU A . n 
A 1 37  LYS 37  37  37  LYS LYS A . n 
A 1 38  LEU 38  38  38  LEU LEU A . n 
A 1 39  THR 39  39  39  THR THR A . n 
A 1 40  ILE 40  40  40  ILE ILE A . n 
A 1 41  THR 41  41  41  THR THR A . n 
A 1 42  GLN 42  42  42  GLN GLN A . n 
A 1 43  GLU 43  43  43  GLU GLU A . n 
A 1 44  GLY 44  44  44  GLY GLY A . n 
A 1 45  ASN 45  45  45  ASN ASN A . n 
A 1 46  LYS 46  46  46  LYS LYS A . n 
A 1 47  PHE 47  47  47  PHE PHE A . n 
A 1 48  THR 48  48  48  THR THR A . n 
A 1 49  VAL 49  49  49  VAL VAL A . n 
A 1 50  LYS 50  50  50  LYS LYS A . n 
A 1 51  GLU 51  51  51  GLU GLU A . n 
A 1 52  SER 52  52  52  SER SER A . n 
A 1 53  SER 53  53  53  SER SER A . n 
A 1 54  ASN 54  54  54  ASN ASN A . n 
A 1 55  PHE 55  55  55  PHE PHE A . n 
A 1 56  ARG 56  56  56  ARG ARG A . n 
A 1 57  ASN 57  57  57  ASN ASN A . n 
A 1 58  ILE 58  58  58  ILE ILE A . n 
A 1 59  ASP 59  59  59  ASP ASP A . n 
A 1 60  VAL 60  60  60  VAL VAL A . n 
A 1 61  VAL 61  61  61  VAL VAL A . n 
A 1 62  PHE 62  62  62  PHE PHE A . n 
A 1 63  GLU 63  63  63  GLU GLU A . n 
A 1 64  LEU 64  64  64  LEU LEU A . n 
A 1 65  GLY 65  65  65  GLY GLY A . n 
A 1 66  VAL 66  66  66  VAL VAL A . n 
A 1 67  ASP 67  67  67  ASP ASP A . n 
A 1 68  PHE 68  68  68  PHE PHE A . n 
A 1 69  ALA 69  69  69  ALA ALA A . n 
A 1 70  TYR 70  70  70  TYR TYR A . n 
A 1 71  SER 71  71  71  SER SER A . n 
A 1 72  LEU 72  72  72  LEU LEU A . n 
A 1 73  ALA 73  73  73  ALA ALA A . n 
A 1 74  ASP 74  74  74  ASP ASP A . n 
A 1 75  GLY 75  75  75  GLY GLY A . n 
A 1 76  THR 76  76  76  THR THR A . n 
A 1 77  GLU 77  77  77  GLU GLU A . n 
A 1 78  LEU 78  78  78  LEU LEU A . n 
A 1 79  THR 79  79  79  THR THR A . n 
A 1 80  GLY 80  80  80  GLY GLY A . n 
A 1 81  THR 81  81  81  THR THR A . n 
A 1 82  TRP 82  82  82  TRP TRP A . n 
A 1 83  THR 83  83  83  THR THR A . n 
A 1 84  MET 84  84  84  MET MET A . n 
A 1 85  GLU 85  85  85  GLU GLU A . n 
A 1 86  GLY 86  86  86  GLY GLY A . n 
A 1 87  ASN 87  87  87  ASN ASN A . n 
A 1 88  LYS 88  88  88  LYS LYS A . n 
A 1 89  LEU 89  89  89  LEU LEU A . n 
A 1 90  VAL 90  90  90  VAL VAL A . n 
A 1 91  GLY 91  91  91  GLY GLY A . n 
A 1 92  LYS 92  92  92  LYS LYS A . n 
A 1 93  PHE 93  93  93  PHE PHE A . n 
A 1 94  LYS 94  94  94  LYS LYS A . n 
A 1 95  ARG 95  95  95  ARG ARG A . n 
A 1 96  VAL 96  96  96  VAL VAL A . n 
A 1 97  ASP 97  97  97  ASP ASP A . n 
A 1 98  ASN 98  98  98  ASN ASN A . n 
A 1 99  GLY 99  99  99  GLY GLY A . n 
A 1 100 LYS 100 100 100 LYS LYS A . n 
A 1 101 GLU 101 101 101 GLU GLU A . n 
A 1 102 LEU 102 102 102 LEU LEU A . n 
A 1 103 ILE 103 103 103 ILE ILE A . n 
A 1 104 ALA 104 104 104 ALA ALA A . n 
A 1 105 VAL 105 105 105 VAL VAL A . n 
A 1 106 ARG 106 106 106 ARG ARG A . n 
A 1 107 GLU 107 107 107 GLU GLU A . n 
A 1 108 ILE 108 108 108 ILE ILE A . n 
A 1 109 SER 109 109 109 SER SER A . n 
A 1 110 GLY 110 110 110 GLY GLY A . n 
A 1 111 ASN 111 111 111 ASN ASN A . n 
A 1 112 GLU 112 112 112 GLU GLU A . n 
A 1 113 LEU 113 113 113 LEU LEU A . n 
A 1 114 ILE 114 114 114 ILE ILE A . n 
A 1 115 GLN 115 115 115 GLN GLN A . n 
A 1 116 THR 116 116 116 THR THR A . n 
A 1 117 TYR 117 117 117 TYR TYR A . n 
A 1 118 THR 118 118 118 THR THR A . n 
A 1 119 TYR 119 119 119 TYR TYR A . n 
A 1 120 GLU 120 120 120 GLU GLU A . n 
A 1 121 GLY 121 121 121 GLY GLY A . n 
A 1 122 VAL 122 122 122 VAL VAL A . n 
A 1 123 GLU 123 123 123 GLU GLU A . n 
A 1 124 ALA 124 124 124 ALA ALA A . n 
A 1 125 LYS 125 125 125 LYS LYS A . n 
A 1 126 ARG 126 126 126 ARG ARG A . n 
A 1 127 ILE 127 127 127 ILE ILE A . n 
A 1 128 PHE 128 128 128 PHE PHE A . n 
A 1 129 LYS 129 129 129 LYS LYS A . n 
A 1 130 LYS 130 130 130 LYS LYS A . n 
A 1 131 GLU 131 131 131 GLU GLU A . n 
# 
loop_
_pdbx_nonpoly_scheme.asym_id 
_pdbx_nonpoly_scheme.entity_id 
_pdbx_nonpoly_scheme.mon_id 
_pdbx_nonpoly_scheme.ndb_seq_num 
_pdbx_nonpoly_scheme.pdb_seq_num 
_pdbx_nonpoly_scheme.auth_seq_num 
_pdbx_nonpoly_scheme.pdb_mon_id 
_pdbx_nonpoly_scheme.auth_mon_id 
_pdbx_nonpoly_scheme.pdb_strand_id 
_pdbx_nonpoly_scheme.pdb_ins_code 
B 2 MYR 1   133 133 MYR MYR A . 
C 3 HOH 1   134 134 HOH HOH A . 
C 3 HOH 2   135 135 HOH HOH A . 
C 3 HOH 3   136 136 HOH HOH A . 
C 3 HOH 4   137 137 HOH HOH A . 
C 3 HOH 5   138 138 HOH HOH A . 
C 3 HOH 6   139 139 HOH HOH A . 
C 3 HOH 7   140 140 HOH HOH A . 
C 3 HOH 8   141 141 HOH HOH A . 
C 3 HOH 9   142 142 HOH HOH A . 
C 3 HOH 10  143 143 HOH HOH A . 
C 3 HOH 11  144 144 HOH HOH A . 
C 3 HOH 12  145 145 HOH HOH A . 
C 3 HOH 13  146 146 HOH HOH A . 
C 3 HOH 14  147 147 HOH HOH A . 
C 3 HOH 15  148 148 HOH HOH A . 
C 3 HOH 16  149 149 HOH HOH A . 
C 3 HOH 17  150 150 HOH HOH A . 
C 3 HOH 18  151 151 HOH HOH A . 
C 3 HOH 19  152 152 HOH HOH A . 
C 3 HOH 20  153 153 HOH HOH A . 
C 3 HOH 21  154 154 HOH HOH A . 
C 3 HOH 22  155 155 HOH HOH A . 
C 3 HOH 23  156 156 HOH HOH A . 
C 3 HOH 24  157 157 HOH HOH A . 
C 3 HOH 25  158 158 HOH HOH A . 
C 3 HOH 26  159 159 HOH HOH A . 
C 3 HOH 27  160 160 HOH HOH A . 
C 3 HOH 28  161 161 HOH HOH A . 
C 3 HOH 29  162 162 HOH HOH A . 
C 3 HOH 30  163 163 HOH HOH A . 
C 3 HOH 31  164 164 HOH HOH A . 
C 3 HOH 32  165 165 HOH HOH A . 
C 3 HOH 33  166 166 HOH HOH A . 
C 3 HOH 34  167 167 HOH HOH A . 
C 3 HOH 35  168 168 HOH HOH A . 
C 3 HOH 36  169 169 HOH HOH A . 
C 3 HOH 37  170 170 HOH HOH A . 
C 3 HOH 38  172 172 HOH HOH A . 
C 3 HOH 39  173 173 HOH HOH A . 
C 3 HOH 40  174 174 HOH HOH A . 
C 3 HOH 41  175 175 HOH HOH A . 
C 3 HOH 42  176 176 HOH HOH A . 
C 3 HOH 43  177 177 HOH HOH A . 
C 3 HOH 44  178 178 HOH HOH A . 
C 3 HOH 45  179 179 HOH HOH A . 
C 3 HOH 46  180 180 HOH HOH A . 
C 3 HOH 47  181 181 HOH HOH A . 
C 3 HOH 48  182 182 HOH HOH A . 
C 3 HOH 49  183 183 HOH HOH A . 
C 3 HOH 50  184 184 HOH HOH A . 
C 3 HOH 51  185 185 HOH HOH A . 
C 3 HOH 52  186 186 HOH HOH A . 
C 3 HOH 53  187 187 HOH HOH A . 
C 3 HOH 54  188 188 HOH HOH A . 
C 3 HOH 55  189 189 HOH HOH A . 
C 3 HOH 56  190 190 HOH HOH A . 
C 3 HOH 57  191 191 HOH HOH A . 
C 3 HOH 58  192 192 HOH HOH A . 
C 3 HOH 59  193 193 HOH HOH A . 
C 3 HOH 60  194 194 HOH HOH A . 
C 3 HOH 61  195 195 HOH HOH A . 
C 3 HOH 62  196 196 HOH HOH A . 
C 3 HOH 63  197 197 HOH HOH A . 
C 3 HOH 64  198 198 HOH HOH A . 
C 3 HOH 65  199 199 HOH HOH A . 
C 3 HOH 66  200 200 HOH HOH A . 
C 3 HOH 67  201 201 HOH HOH A . 
C 3 HOH 68  202 202 HOH HOH A . 
C 3 HOH 69  203 203 HOH HOH A . 
C 3 HOH 70  204 204 HOH HOH A . 
C 3 HOH 71  205 205 HOH HOH A . 
C 3 HOH 72  206 206 HOH HOH A . 
C 3 HOH 73  207 207 HOH HOH A . 
C 3 HOH 74  208 208 HOH HOH A . 
C 3 HOH 75  209 209 HOH HOH A . 
C 3 HOH 76  210 210 HOH HOH A . 
C 3 HOH 77  211 211 HOH HOH A . 
C 3 HOH 78  212 212 HOH HOH A . 
C 3 HOH 79  213 213 HOH HOH A . 
C 3 HOH 80  214 214 HOH HOH A . 
C 3 HOH 81  215 215 HOH HOH A . 
C 3 HOH 82  216 216 HOH HOH A . 
C 3 HOH 83  217 217 HOH HOH A . 
C 3 HOH 84  218 218 HOH HOH A . 
C 3 HOH 85  219 219 HOH HOH A . 
C 3 HOH 86  220 220 HOH HOH A . 
C 3 HOH 87  221 221 HOH HOH A . 
C 3 HOH 88  222 222 HOH HOH A . 
C 3 HOH 89  223 223 HOH HOH A . 
C 3 HOH 90  224 224 HOH HOH A . 
C 3 HOH 91  225 225 HOH HOH A . 
C 3 HOH 92  226 226 HOH HOH A . 
C 3 HOH 93  227 227 HOH HOH A . 
C 3 HOH 94  228 228 HOH HOH A . 
C 3 HOH 95  229 229 HOH HOH A . 
C 3 HOH 96  230 230 HOH HOH A . 
C 3 HOH 97  231 231 HOH HOH A . 
C 3 HOH 98  232 232 HOH HOH A . 
C 3 HOH 99  233 233 HOH HOH A . 
C 3 HOH 100 234 234 HOH HOH A . 
C 3 HOH 101 235 235 HOH HOH A . 
C 3 HOH 102 236 236 HOH HOH A . 
C 3 HOH 103 237 237 HOH HOH A . 
C 3 HOH 104 238 238 HOH HOH A . 
C 3 HOH 105 239 239 HOH HOH A . 
C 3 HOH 106 240 240 HOH HOH A . 
C 3 HOH 107 241 241 HOH HOH A . 
C 3 HOH 108 242 242 HOH HOH A . 
C 3 HOH 109 243 243 HOH HOH A . 
C 3 HOH 110 244 244 HOH HOH A . 
C 3 HOH 111 245 245 HOH HOH A . 
C 3 HOH 112 246 246 HOH HOH A . 
C 3 HOH 113 247 247 HOH HOH A . 
C 3 HOH 114 248 248 HOH HOH A . 
C 3 HOH 115 249 249 HOH HOH A . 
C 3 HOH 116 250 250 HOH HOH A . 
C 3 HOH 117 251 251 HOH HOH A . 
C 3 HOH 118 252 252 HOH HOH A . 
C 3 HOH 119 253 253 HOH HOH A . 
C 3 HOH 120 254 254 HOH HOH A . 
C 3 HOH 121 255 255 HOH HOH A . 
C 3 HOH 122 256 256 HOH HOH A . 
C 3 HOH 123 257 257 HOH HOH A . 
C 3 HOH 124 258 258 HOH HOH A . 
C 3 HOH 125 259 259 HOH HOH A . 
C 3 HOH 126 260 260 HOH HOH A . 
C 3 HOH 127 261 261 HOH HOH A . 
C 3 HOH 128 262 262 HOH HOH A . 
C 3 HOH 129 263 263 HOH HOH A . 
C 3 HOH 130 264 264 HOH HOH A . 
# 
loop_
_software.name 
_software.classification 
_software.version 
_software.citation_id 
_software.pdbx_ordinal 
X-PLOR 'model building' . ? 1 
TNT    refinement       . ? 2 
X-PLOR refinement       . ? 3 
X-PLOR phasing          . ? 4 
# 
_cell.entry_id           1ICM 
_cell.length_a           36.050 
_cell.length_b           51.800 
_cell.length_c           31.480 
_cell.angle_alpha        90.00 
_cell.angle_beta         92.00 
_cell.angle_gamma        90.00 
_cell.Z_PDB              2 
_cell.pdbx_unique_axis   ? 
# 
_symmetry.entry_id                         1ICM 
_symmetry.space_group_name_H-M             'P 1 21 1' 
_symmetry.pdbx_full_space_group_name_H-M   ? 
_symmetry.cell_setting                     ? 
_symmetry.Int_Tables_number                4 
# 
_exptl.entry_id          1ICM 
_exptl.method            'X-RAY DIFFRACTION' 
_exptl.crystals_number   ? 
# 
_exptl_crystal.id                    1 
_exptl_crystal.density_meas          ? 
_exptl_crystal.density_Matthews      1.96 
_exptl_crystal.density_percent_sol   37.13 
_exptl_crystal.description           ? 
# 
_diffrn.id                     1 
_diffrn.ambient_temp           ? 
_diffrn.ambient_temp_details   ? 
_diffrn.crystal_id             1 
# 
_diffrn_radiation.diffrn_id                        1 
_diffrn_radiation.wavelength_id                    1 
_diffrn_radiation.pdbx_monochromatic_or_laue_m_l   ? 
_diffrn_radiation.monochromator                    ? 
_diffrn_radiation.pdbx_diffrn_protocol             ? 
_diffrn_radiation.pdbx_scattering_type             x-ray 
# 
_diffrn_radiation_wavelength.id           1 
_diffrn_radiation_wavelength.wavelength   . 
_diffrn_radiation_wavelength.wt           1.0 
# 
_refine.entry_id                                 1ICM 
_refine.ls_number_reflns_obs                     ? 
_refine.ls_number_reflns_all                     ? 
_refine.pdbx_ls_sigma_I                          ? 
_refine.pdbx_ls_sigma_F                          ? 
_refine.pdbx_data_cutoff_high_absF               ? 
_refine.pdbx_data_cutoff_low_absF                ? 
_refine.pdbx_data_cutoff_high_rms_absF           ? 
_refine.ls_d_res_low                             ? 
_refine.ls_d_res_high                            1.5 
_refine.ls_percent_reflns_obs                    ? 
_refine.ls_R_factor_obs                          0.1590000 
_refine.ls_R_factor_all                          ? 
_refine.ls_R_factor_R_work                       ? 
_refine.ls_R_factor_R_free                       ? 
_refine.ls_R_factor_R_free_error                 ? 
_refine.ls_R_factor_R_free_error_details         ? 
_refine.ls_percent_reflns_R_free                 ? 
_refine.ls_number_reflns_R_free                  ? 
_refine.ls_number_parameters                     ? 
_refine.ls_number_restraints                     ? 
_refine.occupancy_min                            ? 
_refine.occupancy_max                            ? 
_refine.B_iso_mean                               ? 
_refine.aniso_B[1][1]                            ? 
_refine.aniso_B[2][2]                            ? 
_refine.aniso_B[3][3]                            ? 
_refine.aniso_B[1][2]                            ? 
_refine.aniso_B[1][3]                            ? 
_refine.aniso_B[2][3]                            ? 
_refine.solvent_model_details                    ? 
_refine.solvent_model_param_ksol                 ? 
_refine.solvent_model_param_bsol                 ? 
_refine.pdbx_ls_cross_valid_method               ? 
_refine.details                                  ? 
_refine.pdbx_starting_model                      ? 
_refine.pdbx_method_to_determine_struct          ? 
_refine.pdbx_isotropic_thermal_model             ? 
_refine.pdbx_stereochemistry_target_values       ? 
_refine.pdbx_stereochem_target_val_spec_case     ? 
_refine.pdbx_R_Free_selection_details            ? 
_refine.pdbx_overall_ESU_R                       ? 
_refine.pdbx_overall_ESU_R_Free                  ? 
_refine.overall_SU_ML                            ? 
_refine.overall_SU_B                             ? 
_refine.pdbx_refine_id                           'X-RAY DIFFRACTION' 
_refine.pdbx_diffrn_id                           1 
_refine.pdbx_TLS_residual_ADP_flag               ? 
_refine.correlation_coeff_Fo_to_Fc               ? 
_refine.correlation_coeff_Fo_to_Fc_free          ? 
_refine.pdbx_solvent_vdw_probe_radii             ? 
_refine.pdbx_solvent_ion_probe_radii             ? 
_refine.pdbx_solvent_shrinkage_radii             ? 
_refine.pdbx_overall_phase_error                 ? 
_refine.overall_SU_R_Cruickshank_DPI             ? 
_refine.pdbx_overall_SU_R_free_Cruickshank_DPI   ? 
_refine.pdbx_overall_SU_R_Blow_DPI               ? 
_refine.pdbx_overall_SU_R_free_Blow_DPI          ? 
# 
_refine_hist.pdbx_refine_id                   'X-RAY DIFFRACTION' 
_refine_hist.cycle_id                         LAST 
_refine_hist.pdbx_number_atoms_protein        1057 
_refine_hist.pdbx_number_atoms_nucleic_acid   0 
_refine_hist.pdbx_number_atoms_ligand         16 
_refine_hist.number_atoms_solvent             130 
_refine_hist.number_atoms_total               1203 
_refine_hist.d_res_high                       1.5 
_refine_hist.d_res_low                        . 
# 
loop_
_refine_ls_restr.type 
_refine_ls_restr.dev_ideal 
_refine_ls_restr.dev_ideal_target 
_refine_ls_restr.weight 
_refine_ls_restr.number 
_refine_ls_restr.pdbx_refine_id 
_refine_ls_restr.pdbx_restraint_function 
t_bond_d           0.01 ? ? ? 'X-RAY DIFFRACTION' ? 
t_angle_deg        2.69 ? ? ? 'X-RAY DIFFRACTION' ? 
t_dihedral_angle_d ?    ? ? ? 'X-RAY DIFFRACTION' ? 
t_incorr_chiral_ct ?    ? ? ? 'X-RAY DIFFRACTION' ? 
t_pseud_angle      ?    ? ? ? 'X-RAY DIFFRACTION' ? 
t_trig_c_planes    ?    ? ? ? 'X-RAY DIFFRACTION' ? 
t_gen_planes       ?    ? ? ? 'X-RAY DIFFRACTION' ? 
t_it               ?    ? ? ? 'X-RAY DIFFRACTION' ? 
t_nbd              ?    ? ? ? 'X-RAY DIFFRACTION' ? 
# 
_struct.entry_id                  1ICM 
_struct.title                     
;ESCHERICHIA COLI-DERIVED RAT INTESTINAL FATTY ACID BINDING PROTEIN WITH BOUND MYRISTATE AT 1.5 A RESOLUTION AND I-FABPARG106-->GLN WITH BOUND OLEATE AT 1.74 A RESOLUTION
;
_struct.pdbx_model_details        ? 
_struct.pdbx_CASP_flag            ? 
_struct.pdbx_model_type_details   ? 
# 
_struct_keywords.entry_id        1ICM 
_struct_keywords.pdbx_keywords   'BINDING PROTEIN(FATTY ACID)' 
_struct_keywords.text            'BINDING PROTEIN(FATTY ACID)' 
# 
loop_
_struct_asym.id 
_struct_asym.pdbx_blank_PDB_chainid_flag 
_struct_asym.pdbx_modified 
_struct_asym.entity_id 
_struct_asym.details 
A N N 1 ? 
B N N 2 ? 
C N N 3 ? 
# 
_struct_ref.id                         1 
_struct_ref.db_name                    UNP 
_struct_ref.db_code                    FABPI_RAT 
_struct_ref.entity_id                  1 
_struct_ref.pdbx_db_accession          P02693 
_struct_ref.pdbx_align_begin           1 
_struct_ref.pdbx_seq_one_letter_code   
;AFDGTWKVDRNENYEKFMEKMGINVVKRKLGAHDNLKLTITQEGNKFTVKESSNFRNIDVVFELGVDFAYSLADGTELTG
TWTMEGNKLVGKFKRVDNGKELIAVREISGNELIQTYTYEGVEAKRIFKKE
;
_struct_ref.pdbx_db_isoform            ? 
# 
_struct_ref_seq.align_id                      1 
_struct_ref_seq.ref_id                        1 
_struct_ref_seq.pdbx_PDB_id_code              1ICM 
_struct_ref_seq.pdbx_strand_id                A 
_struct_ref_seq.seq_align_beg                 1 
_struct_ref_seq.pdbx_seq_align_beg_ins_code   ? 
_struct_ref_seq.seq_align_end                 131 
_struct_ref_seq.pdbx_seq_align_end_ins_code   ? 
_struct_ref_seq.pdbx_db_accession             P02693 
_struct_ref_seq.db_align_beg                  1 
_struct_ref_seq.pdbx_db_align_beg_ins_code    ? 
_struct_ref_seq.db_align_end                  131 
_struct_ref_seq.pdbx_db_align_end_ins_code    ? 
_struct_ref_seq.pdbx_auth_seq_align_beg       1 
_struct_ref_seq.pdbx_auth_seq_align_end       131 
# 
_pdbx_struct_assembly.id                   1 
_pdbx_struct_assembly.details              author_defined_assembly 
_pdbx_struct_assembly.method_details       ? 
_pdbx_struct_assembly.oligomeric_details   monomeric 
_pdbx_struct_assembly.oligomeric_count     1 
# 
_pdbx_struct_assembly_gen.assembly_id       1 
_pdbx_struct_assembly_gen.oper_expression   1 
_pdbx_struct_assembly_gen.asym_id_list      A,B,C 
# 
_pdbx_struct_oper_list.id                   1 
_pdbx_struct_oper_list.type                 'identity operation' 
_pdbx_struct_oper_list.name                 1_555 
_pdbx_struct_oper_list.symmetry_operation   x,y,z 
_pdbx_struct_oper_list.matrix[1][1]         1.0000000000 
_pdbx_struct_oper_list.matrix[1][2]         0.0000000000 
_pdbx_struct_oper_list.matrix[1][3]         0.0000000000 
_pdbx_struct_oper_list.vector[1]            0.0000000000 
_pdbx_struct_oper_list.matrix[2][1]         0.0000000000 
_pdbx_struct_oper_list.matrix[2][2]         1.0000000000 
_pdbx_struct_oper_list.matrix[2][3]         0.0000000000 
_pdbx_struct_oper_list.vector[2]            0.0000000000 
_pdbx_struct_oper_list.matrix[3][1]         0.0000000000 
_pdbx_struct_oper_list.matrix[3][2]         0.0000000000 
_pdbx_struct_oper_list.matrix[3][3]         1.0000000000 
_pdbx_struct_oper_list.vector[3]            0.0000000000 
# 
_struct_biol.id   1 
# 
loop_
_struct_conf.conf_type_id 
_struct_conf.id 
_struct_conf.pdbx_PDB_helix_id 
_struct_conf.beg_label_comp_id 
_struct_conf.beg_label_asym_id 
_struct_conf.beg_label_seq_id 
_struct_conf.pdbx_beg_PDB_ins_code 
_struct_conf.end_label_comp_id 
_struct_conf.end_label_asym_id 
_struct_conf.end_label_seq_id 
_struct_conf.pdbx_end_PDB_ins_code 
_struct_conf.beg_auth_comp_id 
_struct_conf.beg_auth_asym_id 
_struct_conf.beg_auth_seq_id 
_struct_conf.end_auth_comp_id 
_struct_conf.end_auth_asym_id 
_struct_conf.end_auth_seq_id 
_struct_conf.pdbx_PDB_helix_class 
_struct_conf.details 
_struct_conf.pdbx_PDB_helix_length 
HELX_P HELX_P1 A1 TYR A 14 ? LYS A 20 ? TYR A 14 LYS A 20 1 ? 7 
HELX_P HELX_P2 A2 VAL A 25 ? HIS A 33 ? VAL A 25 HIS A 33 1 ? 9 
# 
_struct_conf_type.id          HELX_P 
_struct_conf_type.criteria    ? 
_struct_conf_type.reference   ? 
# 
loop_
_struct_sheet.id 
_struct_sheet.type 
_struct_sheet.number_strands 
_struct_sheet.details 
A ? 6 ? 
B ? 5 ? 
# 
loop_
_struct_sheet_order.sheet_id 
_struct_sheet_order.range_id_1 
_struct_sheet_order.range_id_2 
_struct_sheet_order.offset 
_struct_sheet_order.sense 
A 1 2 ? anti-parallel 
A 2 3 ? anti-parallel 
A 3 4 ? anti-parallel 
A 5 6 ? anti-parallel 
B 1 2 ? anti-parallel 
B 2 3 ? anti-parallel 
B 3 4 ? anti-parallel 
B 4 5 ? anti-parallel 
# 
loop_
_struct_sheet_range.sheet_id 
_struct_sheet_range.id 
_struct_sheet_range.beg_label_comp_id 
_struct_sheet_range.beg_label_asym_id 
_struct_sheet_range.beg_label_seq_id 
_struct_sheet_range.pdbx_beg_PDB_ins_code 
_struct_sheet_range.end_label_comp_id 
_struct_sheet_range.end_label_asym_id 
_struct_sheet_range.end_label_seq_id 
_struct_sheet_range.pdbx_end_PDB_ins_code 
_struct_sheet_range.beg_auth_comp_id 
_struct_sheet_range.beg_auth_asym_id 
_struct_sheet_range.beg_auth_seq_id 
_struct_sheet_range.end_auth_comp_id 
_struct_sheet_range.end_auth_asym_id 
_struct_sheet_range.end_auth_seq_id 
A 1 ALA A 1   ? GLU A 12  ? ALA A 1   GLU A 12  
A 2 ASP A 34  ? GLN A 42  ? ASP A 34  GLN A 42  
A 3 PHE A 47  ? SER A 52  ? PHE A 47  SER A 52  
A 4 ASN A 57  ? PHE A 62  ? ASN A 57  PHE A 62  
A 5 ASP A 67  ? SER A 71  ? ASP A 67  SER A 71  
A 6 THR A 76  ? GLY A 80  ? THR A 76  GLY A 80  
B 1 THR A 81  ? MET A 84  ? THR A 81  MET A 84  
B 2 LEU A 89  ? LYS A 94  ? LEU A 89  LYS A 94  
B 3 LYS A 100 ? ILE A 108 ? LYS A 100 ILE A 108 
B 4 LEU A 113 ? THR A 118 ? LEU A 113 THR A 118 
B 5 GLU A 123 ? GLU A 131 ? GLU A 123 GLU A 131 
# 
loop_
_pdbx_struct_sheet_hbond.sheet_id 
_pdbx_struct_sheet_hbond.range_id_1 
_pdbx_struct_sheet_hbond.range_id_2 
_pdbx_struct_sheet_hbond.range_1_label_atom_id 
_pdbx_struct_sheet_hbond.range_1_label_comp_id 
_pdbx_struct_sheet_hbond.range_1_label_asym_id 
_pdbx_struct_sheet_hbond.range_1_label_seq_id 
_pdbx_struct_sheet_hbond.range_1_PDB_ins_code 
_pdbx_struct_sheet_hbond.range_1_auth_atom_id 
_pdbx_struct_sheet_hbond.range_1_auth_comp_id 
_pdbx_struct_sheet_hbond.range_1_auth_asym_id 
_pdbx_struct_sheet_hbond.range_1_auth_seq_id 
_pdbx_struct_sheet_hbond.range_2_label_atom_id 
_pdbx_struct_sheet_hbond.range_2_label_comp_id 
_pdbx_struct_sheet_hbond.range_2_label_asym_id 
_pdbx_struct_sheet_hbond.range_2_label_seq_id 
_pdbx_struct_sheet_hbond.range_2_PDB_ins_code 
_pdbx_struct_sheet_hbond.range_2_auth_atom_id 
_pdbx_struct_sheet_hbond.range_2_auth_comp_id 
_pdbx_struct_sheet_hbond.range_2_auth_asym_id 
_pdbx_struct_sheet_hbond.range_2_auth_seq_id 
A 1 2 O GLY A 4   ? O GLY A 4   N ILE A 40  ? N ILE A 40  
A 2 3 O THR A 41  ? O THR A 41  N THR A 48  ? N THR A 48  
A 3 4 O VAL A 49  ? O VAL A 49  N VAL A 60  ? N VAL A 60  
A 5 6 O TYR A 70  ? O TYR A 70  N LEU A 78  ? N LEU A 78  
B 1 2 O THR A 83  ? O THR A 83  N VAL A 90  ? N VAL A 90  
B 2 3 O GLY A 91  ? O GLY A 91  N ALA A 104 ? N ALA A 104 
B 3 4 O VAL A 105 ? O VAL A 105 N THR A 116 ? N THR A 116 
B 4 5 O GLN A 115 ? O GLN A 115 N ARG A 126 ? N ARG A 126 
# 
loop_
_struct_site.id 
_struct_site.pdbx_evidence_code 
_struct_site.pdbx_auth_asym_id 
_struct_site.pdbx_auth_comp_id 
_struct_site.pdbx_auth_seq_id 
_struct_site.pdbx_auth_ins_code 
_struct_site.pdbx_num_residues 
_struct_site.details 
FA1 Unknown  ? ?   ?   ? 6 ?                                    
AC1 Software A MYR 133 ? 5 'BINDING SITE FOR RESIDUE MYR A 133' 
# 
loop_
_struct_site_gen.id 
_struct_site_gen.site_id 
_struct_site_gen.pdbx_num_res 
_struct_site_gen.label_comp_id 
_struct_site_gen.label_asym_id 
_struct_site_gen.label_seq_id 
_struct_site_gen.pdbx_auth_ins_code 
_struct_site_gen.auth_comp_id 
_struct_site_gen.auth_asym_id 
_struct_site_gen.auth_seq_id 
_struct_site_gen.label_atom_id 
_struct_site_gen.label_alt_id 
_struct_site_gen.symmetry 
_struct_site_gen.details 
1  FA1 6 ARG A 106 ? ARG A 106 . ? 1_555 ? 
2  FA1 6 TRP A 82  ? TRP A 82  . ? 1_555 ? 
3  FA1 6 GLN A 115 ? GLN A 115 . ? 1_555 ? 
4  FA1 6 TYR A 70  ? TYR A 70  . ? 1_555 ? 
5  FA1 6 TYR A 117 ? TYR A 117 . ? 1_555 ? 
6  FA1 6 PHE A 55  ? PHE A 55  . ? 1_555 ? 
7  AC1 5 TYR A 14  ? TYR A 14  . ? 1_555 ? 
8  AC1 5 PHE A 62  ? PHE A 62  . ? 1_555 ? 
9  AC1 5 TRP A 82  ? TRP A 82  . ? 1_555 ? 
10 AC1 5 ARG A 106 ? ARG A 106 . ? 1_555 ? 
11 AC1 5 HOH C .   ? HOH A 170 . ? 1_555 ? 
# 
loop_
_pdbx_validate_rmsd_bond.id 
_pdbx_validate_rmsd_bond.PDB_model_num 
_pdbx_validate_rmsd_bond.auth_atom_id_1 
_pdbx_validate_rmsd_bond.auth_asym_id_1 
_pdbx_validate_rmsd_bond.auth_comp_id_1 
_pdbx_validate_rmsd_bond.auth_seq_id_1 
_pdbx_validate_rmsd_bond.PDB_ins_code_1 
_pdbx_validate_rmsd_bond.label_alt_id_1 
_pdbx_validate_rmsd_bond.auth_atom_id_2 
_pdbx_validate_rmsd_bond.auth_asym_id_2 
_pdbx_validate_rmsd_bond.auth_comp_id_2 
_pdbx_validate_rmsd_bond.auth_seq_id_2 
_pdbx_validate_rmsd_bond.PDB_ins_code_2 
_pdbx_validate_rmsd_bond.label_alt_id_2 
_pdbx_validate_rmsd_bond.bond_value 
_pdbx_validate_rmsd_bond.bond_target_value 
_pdbx_validate_rmsd_bond.bond_deviation 
_pdbx_validate_rmsd_bond.bond_standard_deviation 
_pdbx_validate_rmsd_bond.linker_flag 
1 1 CD A GLU 15  ? ? OE2 A GLU 15  ? ? 1.325 1.252 0.073 0.011 N 
2 1 CD A GLU 19  ? ? OE1 A GLU 19  ? ? 1.319 1.252 0.067 0.011 N 
3 1 CD A GLU 43  ? ? OE2 A GLU 43  ? ? 1.321 1.252 0.069 0.011 N 
4 1 CD A GLU 101 ? ? OE1 A GLU 101 ? ? 1.320 1.252 0.068 0.011 N 
5 1 CD A GLU 107 ? ? OE1 A GLU 107 ? ? 1.331 1.252 0.079 0.011 N 
# 
loop_
_pdbx_validate_rmsd_angle.id 
_pdbx_validate_rmsd_angle.PDB_model_num 
_pdbx_validate_rmsd_angle.auth_atom_id_1 
_pdbx_validate_rmsd_angle.auth_asym_id_1 
_pdbx_validate_rmsd_angle.auth_comp_id_1 
_pdbx_validate_rmsd_angle.auth_seq_id_1 
_pdbx_validate_rmsd_angle.PDB_ins_code_1 
_pdbx_validate_rmsd_angle.label_alt_id_1 
_pdbx_validate_rmsd_angle.auth_atom_id_2 
_pdbx_validate_rmsd_angle.auth_asym_id_2 
_pdbx_validate_rmsd_angle.auth_comp_id_2 
_pdbx_validate_rmsd_angle.auth_seq_id_2 
_pdbx_validate_rmsd_angle.PDB_ins_code_2 
_pdbx_validate_rmsd_angle.label_alt_id_2 
_pdbx_validate_rmsd_angle.auth_atom_id_3 
_pdbx_validate_rmsd_angle.auth_asym_id_3 
_pdbx_validate_rmsd_angle.auth_comp_id_3 
_pdbx_validate_rmsd_angle.auth_seq_id_3 
_pdbx_validate_rmsd_angle.PDB_ins_code_3 
_pdbx_validate_rmsd_angle.label_alt_id_3 
_pdbx_validate_rmsd_angle.angle_value 
_pdbx_validate_rmsd_angle.angle_target_value 
_pdbx_validate_rmsd_angle.angle_deviation 
_pdbx_validate_rmsd_angle.angle_standard_deviation 
_pdbx_validate_rmsd_angle.linker_flag 
1 1 CB A ASP 3  ? ? CG A ASP 3  ? ? OD2 A ASP 3  ? ? 110.11 118.30 -8.19  0.90 N 
2 1 CB A ASP 67 ? ? CG A ASP 67 ? ? OD1 A ASP 67 ? ? 110.03 118.30 -8.27  0.90 N 
3 1 CB A ASP 74 ? ? CG A ASP 74 ? ? OD2 A ASP 74 ? ? 124.65 118.30 6.35   0.90 N 
4 1 CB A GLU 85 ? ? CA A GLU 85 ? ? C   A GLU 85 ? ? 98.39  110.40 -12.01 2.00 N 
5 1 NE A ARG 95 ? ? CZ A ARG 95 ? ? NH1 A ARG 95 ? ? 123.57 120.30 3.27   0.50 N 
6 1 NE A ARG 95 ? ? CZ A ARG 95 ? ? NH2 A ARG 95 ? ? 117.15 120.30 -3.15  0.50 N 
# 
_pdbx_validate_torsion.id              1 
_pdbx_validate_torsion.PDB_model_num   1 
_pdbx_validate_torsion.auth_comp_id    ARG 
_pdbx_validate_torsion.auth_asym_id    A 
_pdbx_validate_torsion.auth_seq_id     56 
_pdbx_validate_torsion.PDB_ins_code    ? 
_pdbx_validate_torsion.label_alt_id    ? 
_pdbx_validate_torsion.phi             -171.39 
_pdbx_validate_torsion.psi             -178.89 
# 
loop_
_chem_comp_atom.comp_id 
_chem_comp_atom.atom_id 
_chem_comp_atom.type_symbol 
_chem_comp_atom.pdbx_aromatic_flag 
_chem_comp_atom.pdbx_stereo_config 
_chem_comp_atom.pdbx_ordinal 
ALA N    N N N 1   
ALA CA   C N S 2   
ALA C    C N N 3   
ALA O    O N N 4   
ALA CB   C N N 5   
ALA OXT  O N N 6   
ALA H    H N N 7   
ALA H2   H N N 8   
ALA HA   H N N 9   
ALA HB1  H N N 10  
ALA HB2  H N N 11  
ALA HB3  H N N 12  
ALA HXT  H N N 13  
ARG N    N N N 14  
ARG CA   C N S 15  
ARG C    C N N 16  
ARG O    O N N 17  
ARG CB   C N N 18  
ARG CG   C N N 19  
ARG CD   C N N 20  
ARG NE   N N N 21  
ARG CZ   C N N 22  
ARG NH1  N N N 23  
ARG NH2  N N N 24  
ARG OXT  O N N 25  
ARG H    H N N 26  
ARG H2   H N N 27  
ARG HA   H N N 28  
ARG HB2  H N N 29  
ARG HB3  H N N 30  
ARG HG2  H N N 31  
ARG HG3  H N N 32  
ARG HD2  H N N 33  
ARG HD3  H N N 34  
ARG HE   H N N 35  
ARG HH11 H N N 36  
ARG HH12 H N N 37  
ARG HH21 H N N 38  
ARG HH22 H N N 39  
ARG HXT  H N N 40  
ASN N    N N N 41  
ASN CA   C N S 42  
ASN C    C N N 43  
ASN O    O N N 44  
ASN CB   C N N 45  
ASN CG   C N N 46  
ASN OD1  O N N 47  
ASN ND2  N N N 48  
ASN OXT  O N N 49  
ASN H    H N N 50  
ASN H2   H N N 51  
ASN HA   H N N 52  
ASN HB2  H N N 53  
ASN HB3  H N N 54  
ASN HD21 H N N 55  
ASN HD22 H N N 56  
ASN HXT  H N N 57  
ASP N    N N N 58  
ASP CA   C N S 59  
ASP C    C N N 60  
ASP O    O N N 61  
ASP CB   C N N 62  
ASP CG   C N N 63  
ASP OD1  O N N 64  
ASP OD2  O N N 65  
ASP OXT  O N N 66  
ASP H    H N N 67  
ASP H2   H N N 68  
ASP HA   H N N 69  
ASP HB2  H N N 70  
ASP HB3  H N N 71  
ASP HD2  H N N 72  
ASP HXT  H N N 73  
GLN N    N N N 74  
GLN CA   C N S 75  
GLN C    C N N 76  
GLN O    O N N 77  
GLN CB   C N N 78  
GLN CG   C N N 79  
GLN CD   C N N 80  
GLN OE1  O N N 81  
GLN NE2  N N N 82  
GLN OXT  O N N 83  
GLN H    H N N 84  
GLN H2   H N N 85  
GLN HA   H N N 86  
GLN HB2  H N N 87  
GLN HB3  H N N 88  
GLN HG2  H N N 89  
GLN HG3  H N N 90  
GLN HE21 H N N 91  
GLN HE22 H N N 92  
GLN HXT  H N N 93  
GLU N    N N N 94  
GLU CA   C N S 95  
GLU C    C N N 96  
GLU O    O N N 97  
GLU CB   C N N 98  
GLU CG   C N N 99  
GLU CD   C N N 100 
GLU OE1  O N N 101 
GLU OE2  O N N 102 
GLU OXT  O N N 103 
GLU H    H N N 104 
GLU H2   H N N 105 
GLU HA   H N N 106 
GLU HB2  H N N 107 
GLU HB3  H N N 108 
GLU HG2  H N N 109 
GLU HG3  H N N 110 
GLU HE2  H N N 111 
GLU HXT  H N N 112 
GLY N    N N N 113 
GLY CA   C N N 114 
GLY C    C N N 115 
GLY O    O N N 116 
GLY OXT  O N N 117 
GLY H    H N N 118 
GLY H2   H N N 119 
GLY HA2  H N N 120 
GLY HA3  H N N 121 
GLY HXT  H N N 122 
HIS N    N N N 123 
HIS CA   C N S 124 
HIS C    C N N 125 
HIS O    O N N 126 
HIS CB   C N N 127 
HIS CG   C Y N 128 
HIS ND1  N Y N 129 
HIS CD2  C Y N 130 
HIS CE1  C Y N 131 
HIS NE2  N Y N 132 
HIS OXT  O N N 133 
HIS H    H N N 134 
HIS H2   H N N 135 
HIS HA   H N N 136 
HIS HB2  H N N 137 
HIS HB3  H N N 138 
HIS HD1  H N N 139 
HIS HD2  H N N 140 
HIS HE1  H N N 141 
HIS HE2  H N N 142 
HIS HXT  H N N 143 
HOH O    O N N 144 
HOH H1   H N N 145 
HOH H2   H N N 146 
ILE N    N N N 147 
ILE CA   C N S 148 
ILE C    C N N 149 
ILE O    O N N 150 
ILE CB   C N S 151 
ILE CG1  C N N 152 
ILE CG2  C N N 153 
ILE CD1  C N N 154 
ILE OXT  O N N 155 
ILE H    H N N 156 
ILE H2   H N N 157 
ILE HA   H N N 158 
ILE HB   H N N 159 
ILE HG12 H N N 160 
ILE HG13 H N N 161 
ILE HG21 H N N 162 
ILE HG22 H N N 163 
ILE HG23 H N N 164 
ILE HD11 H N N 165 
ILE HD12 H N N 166 
ILE HD13 H N N 167 
ILE HXT  H N N 168 
LEU N    N N N 169 
LEU CA   C N S 170 
LEU C    C N N 171 
LEU O    O N N 172 
LEU CB   C N N 173 
LEU CG   C N N 174 
LEU CD1  C N N 175 
LEU CD2  C N N 176 
LEU OXT  O N N 177 
LEU H    H N N 178 
LEU H2   H N N 179 
LEU HA   H N N 180 
LEU HB2  H N N 181 
LEU HB3  H N N 182 
LEU HG   H N N 183 
LEU HD11 H N N 184 
LEU HD12 H N N 185 
LEU HD13 H N N 186 
LEU HD21 H N N 187 
LEU HD22 H N N 188 
LEU HD23 H N N 189 
LEU HXT  H N N 190 
LYS N    N N N 191 
LYS CA   C N S 192 
LYS C    C N N 193 
LYS O    O N N 194 
LYS CB   C N N 195 
LYS CG   C N N 196 
LYS CD   C N N 197 
LYS CE   C N N 198 
LYS NZ   N N N 199 
LYS OXT  O N N 200 
LYS H    H N N 201 
LYS H2   H N N 202 
LYS HA   H N N 203 
LYS HB2  H N N 204 
LYS HB3  H N N 205 
LYS HG2  H N N 206 
LYS HG3  H N N 207 
LYS HD2  H N N 208 
LYS HD3  H N N 209 
LYS HE2  H N N 210 
LYS HE3  H N N 211 
LYS HZ1  H N N 212 
LYS HZ2  H N N 213 
LYS HZ3  H N N 214 
LYS HXT  H N N 215 
MET N    N N N 216 
MET CA   C N S 217 
MET C    C N N 218 
MET O    O N N 219 
MET CB   C N N 220 
MET CG   C N N 221 
MET SD   S N N 222 
MET CE   C N N 223 
MET OXT  O N N 224 
MET H    H N N 225 
MET H2   H N N 226 
MET HA   H N N 227 
MET HB2  H N N 228 
MET HB3  H N N 229 
MET HG2  H N N 230 
MET HG3  H N N 231 
MET HE1  H N N 232 
MET HE2  H N N 233 
MET HE3  H N N 234 
MET HXT  H N N 235 
MYR C1   C N N 236 
MYR O1   O N N 237 
MYR O2   O N N 238 
MYR C2   C N N 239 
MYR C3   C N N 240 
MYR C4   C N N 241 
MYR C5   C N N 242 
MYR C6   C N N 243 
MYR C7   C N N 244 
MYR C8   C N N 245 
MYR C9   C N N 246 
MYR C10  C N N 247 
MYR C11  C N N 248 
MYR C12  C N N 249 
MYR C13  C N N 250 
MYR C14  C N N 251 
MYR HO2  H N N 252 
MYR H21  H N N 253 
MYR H22  H N N 254 
MYR H31  H N N 255 
MYR H32  H N N 256 
MYR H41  H N N 257 
MYR H42  H N N 258 
MYR H51  H N N 259 
MYR H52  H N N 260 
MYR H61  H N N 261 
MYR H62  H N N 262 
MYR H71  H N N 263 
MYR H72  H N N 264 
MYR H81  H N N 265 
MYR H82  H N N 266 
MYR H91  H N N 267 
MYR H92  H N N 268 
MYR H101 H N N 269 
MYR H102 H N N 270 
MYR H111 H N N 271 
MYR H112 H N N 272 
MYR H121 H N N 273 
MYR H122 H N N 274 
MYR H131 H N N 275 
MYR H132 H N N 276 
MYR H141 H N N 277 
MYR H142 H N N 278 
MYR H143 H N N 279 
PHE N    N N N 280 
PHE CA   C N S 281 
PHE C    C N N 282 
PHE O    O N N 283 
PHE CB   C N N 284 
PHE CG   C Y N 285 
PHE CD1  C Y N 286 
PHE CD2  C Y N 287 
PHE CE1  C Y N 288 
PHE CE2  C Y N 289 
PHE CZ   C Y N 290 
PHE OXT  O N N 291 
PHE H    H N N 292 
PHE H2   H N N 293 
PHE HA   H N N 294 
PHE HB2  H N N 295 
PHE HB3  H N N 296 
PHE HD1  H N N 297 
PHE HD2  H N N 298 
PHE HE1  H N N 299 
PHE HE2  H N N 300 
PHE HZ   H N N 301 
PHE HXT  H N N 302 
SER N    N N N 303 
SER CA   C N S 304 
SER C    C N N 305 
SER O    O N N 306 
SER CB   C N N 307 
SER OG   O N N 308 
SER OXT  O N N 309 
SER H    H N N 310 
SER H2   H N N 311 
SER HA   H N N 312 
SER HB2  H N N 313 
SER HB3  H N N 314 
SER HG   H N N 315 
SER HXT  H N N 316 
THR N    N N N 317 
THR CA   C N S 318 
THR C    C N N 319 
THR O    O N N 320 
THR CB   C N R 321 
THR OG1  O N N 322 
THR CG2  C N N 323 
THR OXT  O N N 324 
THR H    H N N 325 
THR H2   H N N 326 
THR HA   H N N 327 
THR HB   H N N 328 
THR HG1  H N N 329 
THR HG21 H N N 330 
THR HG22 H N N 331 
THR HG23 H N N 332 
THR HXT  H N N 333 
TRP N    N N N 334 
TRP CA   C N S 335 
TRP C    C N N 336 
TRP O    O N N 337 
TRP CB   C N N 338 
TRP CG   C Y N 339 
TRP CD1  C Y N 340 
TRP CD2  C Y N 341 
TRP NE1  N Y N 342 
TRP CE2  C Y N 343 
TRP CE3  C Y N 344 
TRP CZ2  C Y N 345 
TRP CZ3  C Y N 346 
TRP CH2  C Y N 347 
TRP OXT  O N N 348 
TRP H    H N N 349 
TRP H2   H N N 350 
TRP HA   H N N 351 
TRP HB2  H N N 352 
TRP HB3  H N N 353 
TRP HD1  H N N 354 
TRP HE1  H N N 355 
TRP HE3  H N N 356 
TRP HZ2  H N N 357 
TRP HZ3  H N N 358 
TRP HH2  H N N 359 
TRP HXT  H N N 360 
TYR N    N N N 361 
TYR CA   C N S 362 
TYR C    C N N 363 
TYR O    O N N 364 
TYR CB   C N N 365 
TYR CG   C Y N 366 
TYR CD1  C Y N 367 
TYR CD2  C Y N 368 
TYR CE1  C Y N 369 
TYR CE2  C Y N 370 
TYR CZ   C Y N 371 
TYR OH   O N N 372 
TYR OXT  O N N 373 
TYR H    H N N 374 
TYR H2   H N N 375 
TYR HA   H N N 376 
TYR HB2  H N N 377 
TYR HB3  H N N 378 
TYR HD1  H N N 379 
TYR HD2  H N N 380 
TYR HE1  H N N 381 
TYR HE2  H N N 382 
TYR HH   H N N 383 
TYR HXT  H N N 384 
VAL N    N N N 385 
VAL CA   C N S 386 
VAL C    C N N 387 
VAL O    O N N 388 
VAL CB   C N N 389 
VAL CG1  C N N 390 
VAL CG2  C N N 391 
VAL OXT  O N N 392 
VAL H    H N N 393 
VAL H2   H N N 394 
VAL HA   H N N 395 
VAL HB   H N N 396 
VAL HG11 H N N 397 
VAL HG12 H N N 398 
VAL HG13 H N N 399 
VAL HG21 H N N 400 
VAL HG22 H N N 401 
VAL HG23 H N N 402 
VAL HXT  H N N 403 
# 
loop_
_chem_comp_bond.comp_id 
_chem_comp_bond.atom_id_1 
_chem_comp_bond.atom_id_2 
_chem_comp_bond.value_order 
_chem_comp_bond.pdbx_aromatic_flag 
_chem_comp_bond.pdbx_stereo_config 
_chem_comp_bond.pdbx_ordinal 
ALA N   CA   sing N N 1   
ALA N   H    sing N N 2   
ALA N   H2   sing N N 3   
ALA CA  C    sing N N 4   
ALA CA  CB   sing N N 5   
ALA CA  HA   sing N N 6   
ALA C   O    doub N N 7   
ALA C   OXT  sing N N 8   
ALA CB  HB1  sing N N 9   
ALA CB  HB2  sing N N 10  
ALA CB  HB3  sing N N 11  
ALA OXT HXT  sing N N 12  
ARG N   CA   sing N N 13  
ARG N   H    sing N N 14  
ARG N   H2   sing N N 15  
ARG CA  C    sing N N 16  
ARG CA  CB   sing N N 17  
ARG CA  HA   sing N N 18  
ARG C   O    doub N N 19  
ARG C   OXT  sing N N 20  
ARG CB  CG   sing N N 21  
ARG CB  HB2  sing N N 22  
ARG CB  HB3  sing N N 23  
ARG CG  CD   sing N N 24  
ARG CG  HG2  sing N N 25  
ARG CG  HG3  sing N N 26  
ARG CD  NE   sing N N 27  
ARG CD  HD2  sing N N 28  
ARG CD  HD3  sing N N 29  
ARG NE  CZ   sing N N 30  
ARG NE  HE   sing N N 31  
ARG CZ  NH1  sing N N 32  
ARG CZ  NH2  doub N N 33  
ARG NH1 HH11 sing N N 34  
ARG NH1 HH12 sing N N 35  
ARG NH2 HH21 sing N N 36  
ARG NH2 HH22 sing N N 37  
ARG OXT HXT  sing N N 38  
ASN N   CA   sing N N 39  
ASN N   H    sing N N 40  
ASN N   H2   sing N N 41  
ASN CA  C    sing N N 42  
ASN CA  CB   sing N N 43  
ASN CA  HA   sing N N 44  
ASN C   O    doub N N 45  
ASN C   OXT  sing N N 46  
ASN CB  CG   sing N N 47  
ASN CB  HB2  sing N N 48  
ASN CB  HB3  sing N N 49  
ASN CG  OD1  doub N N 50  
ASN CG  ND2  sing N N 51  
ASN ND2 HD21 sing N N 52  
ASN ND2 HD22 sing N N 53  
ASN OXT HXT  sing N N 54  
ASP N   CA   sing N N 55  
ASP N   H    sing N N 56  
ASP N   H2   sing N N 57  
ASP CA  C    sing N N 58  
ASP CA  CB   sing N N 59  
ASP CA  HA   sing N N 60  
ASP C   O    doub N N 61  
ASP C   OXT  sing N N 62  
ASP CB  CG   sing N N 63  
ASP CB  HB2  sing N N 64  
ASP CB  HB3  sing N N 65  
ASP CG  OD1  doub N N 66  
ASP CG  OD2  sing N N 67  
ASP OD2 HD2  sing N N 68  
ASP OXT HXT  sing N N 69  
GLN N   CA   sing N N 70  
GLN N   H    sing N N 71  
GLN N   H2   sing N N 72  
GLN CA  C    sing N N 73  
GLN CA  CB   sing N N 74  
GLN CA  HA   sing N N 75  
GLN C   O    doub N N 76  
GLN C   OXT  sing N N 77  
GLN CB  CG   sing N N 78  
GLN CB  HB2  sing N N 79  
GLN CB  HB3  sing N N 80  
GLN CG  CD   sing N N 81  
GLN CG  HG2  sing N N 82  
GLN CG  HG3  sing N N 83  
GLN CD  OE1  doub N N 84  
GLN CD  NE2  sing N N 85  
GLN NE2 HE21 sing N N 86  
GLN NE2 HE22 sing N N 87  
GLN OXT HXT  sing N N 88  
GLU N   CA   sing N N 89  
GLU N   H    sing N N 90  
GLU N   H2   sing N N 91  
GLU CA  C    sing N N 92  
GLU CA  CB   sing N N 93  
GLU CA  HA   sing N N 94  
GLU C   O    doub N N 95  
GLU C   OXT  sing N N 96  
GLU CB  CG   sing N N 97  
GLU CB  HB2  sing N N 98  
GLU CB  HB3  sing N N 99  
GLU CG  CD   sing N N 100 
GLU CG  HG2  sing N N 101 
GLU CG  HG3  sing N N 102 
GLU CD  OE1  doub N N 103 
GLU CD  OE2  sing N N 104 
GLU OE2 HE2  sing N N 105 
GLU OXT HXT  sing N N 106 
GLY N   CA   sing N N 107 
GLY N   H    sing N N 108 
GLY N   H2   sing N N 109 
GLY CA  C    sing N N 110 
GLY CA  HA2  sing N N 111 
GLY CA  HA3  sing N N 112 
GLY C   O    doub N N 113 
GLY C   OXT  sing N N 114 
GLY OXT HXT  sing N N 115 
HIS N   CA   sing N N 116 
HIS N   H    sing N N 117 
HIS N   H2   sing N N 118 
HIS CA  C    sing N N 119 
HIS CA  CB   sing N N 120 
HIS CA  HA   sing N N 121 
HIS C   O    doub N N 122 
HIS C   OXT  sing N N 123 
HIS CB  CG   sing N N 124 
HIS CB  HB2  sing N N 125 
HIS CB  HB3  sing N N 126 
HIS CG  ND1  sing Y N 127 
HIS CG  CD2  doub Y N 128 
HIS ND1 CE1  doub Y N 129 
HIS ND1 HD1  sing N N 130 
HIS CD2 NE2  sing Y N 131 
HIS CD2 HD2  sing N N 132 
HIS CE1 NE2  sing Y N 133 
HIS CE1 HE1  sing N N 134 
HIS NE2 HE2  sing N N 135 
HIS OXT HXT  sing N N 136 
HOH O   H1   sing N N 137 
HOH O   H2   sing N N 138 
ILE N   CA   sing N N 139 
ILE N   H    sing N N 140 
ILE N   H2   sing N N 141 
ILE CA  C    sing N N 142 
ILE CA  CB   sing N N 143 
ILE CA  HA   sing N N 144 
ILE C   O    doub N N 145 
ILE C   OXT  sing N N 146 
ILE CB  CG1  sing N N 147 
ILE CB  CG2  sing N N 148 
ILE CB  HB   sing N N 149 
ILE CG1 CD1  sing N N 150 
ILE CG1 HG12 sing N N 151 
ILE CG1 HG13 sing N N 152 
ILE CG2 HG21 sing N N 153 
ILE CG2 HG22 sing N N 154 
ILE CG2 HG23 sing N N 155 
ILE CD1 HD11 sing N N 156 
ILE CD1 HD12 sing N N 157 
ILE CD1 HD13 sing N N 158 
ILE OXT HXT  sing N N 159 
LEU N   CA   sing N N 160 
LEU N   H    sing N N 161 
LEU N   H2   sing N N 162 
LEU CA  C    sing N N 163 
LEU CA  CB   sing N N 164 
LEU CA  HA   sing N N 165 
LEU C   O    doub N N 166 
LEU C   OXT  sing N N 167 
LEU CB  CG   sing N N 168 
LEU CB  HB2  sing N N 169 
LEU CB  HB3  sing N N 170 
LEU CG  CD1  sing N N 171 
LEU CG  CD2  sing N N 172 
LEU CG  HG   sing N N 173 
LEU CD1 HD11 sing N N 174 
LEU CD1 HD12 sing N N 175 
LEU CD1 HD13 sing N N 176 
LEU CD2 HD21 sing N N 177 
LEU CD2 HD22 sing N N 178 
LEU CD2 HD23 sing N N 179 
LEU OXT HXT  sing N N 180 
LYS N   CA   sing N N 181 
LYS N   H    sing N N 182 
LYS N   H2   sing N N 183 
LYS CA  C    sing N N 184 
LYS CA  CB   sing N N 185 
LYS CA  HA   sing N N 186 
LYS C   O    doub N N 187 
LYS C   OXT  sing N N 188 
LYS CB  CG   sing N N 189 
LYS CB  HB2  sing N N 190 
LYS CB  HB3  sing N N 191 
LYS CG  CD   sing N N 192 
LYS CG  HG2  sing N N 193 
LYS CG  HG3  sing N N 194 
LYS CD  CE   sing N N 195 
LYS CD  HD2  sing N N 196 
LYS CD  HD3  sing N N 197 
LYS CE  NZ   sing N N 198 
LYS CE  HE2  sing N N 199 
LYS CE  HE3  sing N N 200 
LYS NZ  HZ1  sing N N 201 
LYS NZ  HZ2  sing N N 202 
LYS NZ  HZ3  sing N N 203 
LYS OXT HXT  sing N N 204 
MET N   CA   sing N N 205 
MET N   H    sing N N 206 
MET N   H2   sing N N 207 
MET CA  C    sing N N 208 
MET CA  CB   sing N N 209 
MET CA  HA   sing N N 210 
MET C   O    doub N N 211 
MET C   OXT  sing N N 212 
MET CB  CG   sing N N 213 
MET CB  HB2  sing N N 214 
MET CB  HB3  sing N N 215 
MET CG  SD   sing N N 216 
MET CG  HG2  sing N N 217 
MET CG  HG3  sing N N 218 
MET SD  CE   sing N N 219 
MET CE  HE1  sing N N 220 
MET CE  HE2  sing N N 221 
MET CE  HE3  sing N N 222 
MET OXT HXT  sing N N 223 
MYR C1  O1   doub N N 224 
MYR C1  O2   sing N N 225 
MYR C1  C2   sing N N 226 
MYR O2  HO2  sing N N 227 
MYR C2  C3   sing N N 228 
MYR C2  H21  sing N N 229 
MYR C2  H22  sing N N 230 
MYR C3  C4   sing N N 231 
MYR C3  H31  sing N N 232 
MYR C3  H32  sing N N 233 
MYR C4  C5   sing N N 234 
MYR C4  H41  sing N N 235 
MYR C4  H42  sing N N 236 
MYR C5  C6   sing N N 237 
MYR C5  H51  sing N N 238 
MYR C5  H52  sing N N 239 
MYR C6  C7   sing N N 240 
MYR C6  H61  sing N N 241 
MYR C6  H62  sing N N 242 
MYR C7  C8   sing N N 243 
MYR C7  H71  sing N N 244 
MYR C7  H72  sing N N 245 
MYR C8  C9   sing N N 246 
MYR C8  H81  sing N N 247 
MYR C8  H82  sing N N 248 
MYR C9  C10  sing N N 249 
MYR C9  H91  sing N N 250 
MYR C9  H92  sing N N 251 
MYR C10 C11  sing N N 252 
MYR C10 H101 sing N N 253 
MYR C10 H102 sing N N 254 
MYR C11 C12  sing N N 255 
MYR C11 H111 sing N N 256 
MYR C11 H112 sing N N 257 
MYR C12 C13  sing N N 258 
MYR C12 H121 sing N N 259 
MYR C12 H122 sing N N 260 
MYR C13 C14  sing N N 261 
MYR C13 H131 sing N N 262 
MYR C13 H132 sing N N 263 
MYR C14 H141 sing N N 264 
MYR C14 H142 sing N N 265 
MYR C14 H143 sing N N 266 
PHE N   CA   sing N N 267 
PHE N   H    sing N N 268 
PHE N   H2   sing N N 269 
PHE CA  C    sing N N 270 
PHE CA  CB   sing N N 271 
PHE CA  HA   sing N N 272 
PHE C   O    doub N N 273 
PHE C   OXT  sing N N 274 
PHE CB  CG   sing N N 275 
PHE CB  HB2  sing N N 276 
PHE CB  HB3  sing N N 277 
PHE CG  CD1  doub Y N 278 
PHE CG  CD2  sing Y N 279 
PHE CD1 CE1  sing Y N 280 
PHE CD1 HD1  sing N N 281 
PHE CD2 CE2  doub Y N 282 
PHE CD2 HD2  sing N N 283 
PHE CE1 CZ   doub Y N 284 
PHE CE1 HE1  sing N N 285 
PHE CE2 CZ   sing Y N 286 
PHE CE2 HE2  sing N N 287 
PHE CZ  HZ   sing N N 288 
PHE OXT HXT  sing N N 289 
SER N   CA   sing N N 290 
SER N   H    sing N N 291 
SER N   H2   sing N N 292 
SER CA  C    sing N N 293 
SER CA  CB   sing N N 294 
SER CA  HA   sing N N 295 
SER C   O    doub N N 296 
SER C   OXT  sing N N 297 
SER CB  OG   sing N N 298 
SER CB  HB2  sing N N 299 
SER CB  HB3  sing N N 300 
SER OG  HG   sing N N 301 
SER OXT HXT  sing N N 302 
THR N   CA   sing N N 303 
THR N   H    sing N N 304 
THR N   H2   sing N N 305 
THR CA  C    sing N N 306 
THR CA  CB   sing N N 307 
THR CA  HA   sing N N 308 
THR C   O    doub N N 309 
THR C   OXT  sing N N 310 
THR CB  OG1  sing N N 311 
THR CB  CG2  sing N N 312 
THR CB  HB   sing N N 313 
THR OG1 HG1  sing N N 314 
THR CG2 HG21 sing N N 315 
THR CG2 HG22 sing N N 316 
THR CG2 HG23 sing N N 317 
THR OXT HXT  sing N N 318 
TRP N   CA   sing N N 319 
TRP N   H    sing N N 320 
TRP N   H2   sing N N 321 
TRP CA  C    sing N N 322 
TRP CA  CB   sing N N 323 
TRP CA  HA   sing N N 324 
TRP C   O    doub N N 325 
TRP C   OXT  sing N N 326 
TRP CB  CG   sing N N 327 
TRP CB  HB2  sing N N 328 
TRP CB  HB3  sing N N 329 
TRP CG  CD1  doub Y N 330 
TRP CG  CD2  sing Y N 331 
TRP CD1 NE1  sing Y N 332 
TRP CD1 HD1  sing N N 333 
TRP CD2 CE2  doub Y N 334 
TRP CD2 CE3  sing Y N 335 
TRP NE1 CE2  sing Y N 336 
TRP NE1 HE1  sing N N 337 
TRP CE2 CZ2  sing Y N 338 
TRP CE3 CZ3  doub Y N 339 
TRP CE3 HE3  sing N N 340 
TRP CZ2 CH2  doub Y N 341 
TRP CZ2 HZ2  sing N N 342 
TRP CZ3 CH2  sing Y N 343 
TRP CZ3 HZ3  sing N N 344 
TRP CH2 HH2  sing N N 345 
TRP OXT HXT  sing N N 346 
TYR N   CA   sing N N 347 
TYR N   H    sing N N 348 
TYR N   H2   sing N N 349 
TYR CA  C    sing N N 350 
TYR CA  CB   sing N N 351 
TYR CA  HA   sing N N 352 
TYR C   O    doub N N 353 
TYR C   OXT  sing N N 354 
TYR CB  CG   sing N N 355 
TYR CB  HB2  sing N N 356 
TYR CB  HB3  sing N N 357 
TYR CG  CD1  doub Y N 358 
TYR CG  CD2  sing Y N 359 
TYR CD1 CE1  sing Y N 360 
TYR CD1 HD1  sing N N 361 
TYR CD2 CE2  doub Y N 362 
TYR CD2 HD2  sing N N 363 
TYR CE1 CZ   doub Y N 364 
TYR CE1 HE1  sing N N 365 
TYR CE2 CZ   sing Y N 366 
TYR CE2 HE2  sing N N 367 
TYR CZ  OH   sing N N 368 
TYR OH  HH   sing N N 369 
TYR OXT HXT  sing N N 370 
VAL N   CA   sing N N 371 
VAL N   H    sing N N 372 
VAL N   H2   sing N N 373 
VAL CA  C    sing N N 374 
VAL CA  CB   sing N N 375 
VAL CA  HA   sing N N 376 
VAL C   O    doub N N 377 
VAL C   OXT  sing N N 378 
VAL CB  CG1  sing N N 379 
VAL CB  CG2  sing N N 380 
VAL CB  HB   sing N N 381 
VAL CG1 HG11 sing N N 382 
VAL CG1 HG12 sing N N 383 
VAL CG1 HG13 sing N N 384 
VAL CG2 HG21 sing N N 385 
VAL CG2 HG22 sing N N 386 
VAL CG2 HG23 sing N N 387 
VAL OXT HXT  sing N N 388 
# 
_atom_sites.entry_id                    1ICM 
_atom_sites.fract_transf_matrix[1][1]   -0.00270056 
_atom_sites.fract_transf_matrix[1][2]   0.01139143 
_atom_sites.fract_transf_matrix[1][3]   0.02516611 
_atom_sites.fract_transf_matrix[2][1]   0.01626419 
_atom_sites.fract_transf_matrix[2][2]   0.01001882 
_atom_sites.fract_transf_matrix[2][3]   -0.00278971 
_atom_sites.fract_transf_matrix[3][1]   -0.01693982 
_atom_sites.fract_transf_matrix[3][2]   0.02427457 
_atom_sites.fract_transf_matrix[3][3]   -0.01158179 
_atom_sites.fract_transf_vector[1]      0.260727 
_atom_sites.fract_transf_vector[2]      -0.006103 
_atom_sites.fract_transf_vector[3]      0.265616 
# 
loop_
_atom_type.symbol 
C 
N 
O 
S 
# 
loop_
_atom_site.group_PDB 
_atom_site.id 
_atom_site.type_symbol 
_atom_site.label_atom_id 
_atom_site.label_alt_id 
_atom_site.label_comp_id 
_atom_site.label_asym_id 
_atom_site.label_entity_id 
_atom_site.label_seq_id 
_atom_site.pdbx_PDB_ins_code 
_atom_site.Cartn_x 
_atom_site.Cartn_y 
_atom_site.Cartn_z 
_atom_site.occupancy 
_atom_site.B_iso_or_equiv 
_atom_site.pdbx_formal_charge 
_atom_site.auth_seq_id 
_atom_site.auth_comp_id 
_atom_site.auth_asym_id 
_atom_site.auth_atom_id 
_atom_site.pdbx_PDB_model_num 
ATOM   1    N N   . ALA A 1 1   ? -3.131  -7.525  -16.103 1.00 49.97 ? 1   ALA A N   1 
ATOM   2    C CA  . ALA A 1 1   ? -3.181  -7.690  -14.659 1.00 41.62 ? 1   ALA A CA  1 
ATOM   3    C C   . ALA A 1 1   ? -2.456  -6.569  -13.932 1.00 30.83 ? 1   ALA A C   1 
ATOM   4    O O   . ALA A 1 1   ? -2.393  -5.405  -14.365 1.00 26.92 ? 1   ALA A O   1 
ATOM   5    C CB  . ALA A 1 1   ? -2.669  -9.053  -14.197 1.00 40.83 ? 1   ALA A CB  1 
ATOM   6    N N   . PHE A 1 2   ? -1.888  -6.978  -12.804 1.00 26.34 ? 2   PHE A N   1 
ATOM   7    C CA  . PHE A 1 2   ? -1.140  -6.071  -11.962 1.00 24.61 ? 2   PHE A CA  1 
ATOM   8    C C   . PHE A 1 2   ? 0.319   -5.906  -12.393 1.00 25.03 ? 2   PHE A C   1 
ATOM   9    O O   . PHE A 1 2   ? 0.957   -4.994  -11.891 1.00 20.07 ? 2   PHE A O   1 
ATOM   10   C CB  . PHE A 1 2   ? -1.185  -6.548  -10.495 1.00 25.14 ? 2   PHE A CB  1 
ATOM   11   C CG  . PHE A 1 2   ? -2.590  -6.461  -9.986  1.00 19.32 ? 2   PHE A CG  1 
ATOM   12   C CD1 . PHE A 1 2   ? -3.157  -5.204  -9.786  1.00 18.51 ? 2   PHE A CD1 1 
ATOM   13   C CD2 . PHE A 1 2   ? -3.354  -7.605  -9.737  1.00 21.79 ? 2   PHE A CD2 1 
ATOM   14   C CE1 . PHE A 1 2   ? -4.468  -5.092  -9.318  1.00 25.03 ? 2   PHE A CE1 1 
ATOM   15   C CE2 . PHE A 1 2   ? -4.669  -7.509  -9.278  1.00 19.38 ? 2   PHE A CE2 1 
ATOM   16   C CZ  . PHE A 1 2   ? -5.215  -6.244  -9.067  1.00 18.85 ? 2   PHE A CZ  1 
ATOM   17   N N   . ASP A 1 3   ? 0.805   -6.776  -13.298 1.00 21.99 ? 3   ASP A N   1 
ATOM   18   C CA  . ASP A 1 3   ? 2.159   -6.848  -13.832 1.00 18.90 ? 3   ASP A CA  1 
ATOM   19   C C   . ASP A 1 3   ? 2.652   -5.524  -14.342 1.00 20.17 ? 3   ASP A C   1 
ATOM   20   O O   . ASP A 1 3   ? 1.992   -4.835  -15.110 1.00 23.00 ? 3   ASP A O   1 
ATOM   21   C CB  . ASP A 1 3   ? 2.213   -7.762  -15.085 1.00 22.74 ? 3   ASP A CB  1 
ATOM   22   C CG  . ASP A 1 3   ? 1.406   -8.979  -14.839 1.00 25.95 ? 3   ASP A CG  1 
ATOM   23   O OD1 . ASP A 1 3   ? 1.902   -9.940  -14.248 1.00 31.19 ? 3   ASP A OD1 1 
ATOM   24   O OD2 . ASP A 1 3   ? 0.169   -8.803  -15.286 1.00 20.23 ? 3   ASP A OD2 1 
ATOM   25   N N   . GLY A 1 4   ? 3.864   -5.169  -13.963 1.00 15.46 ? 4   GLY A N   1 
ATOM   26   C CA  . GLY A 1 4   ? 4.269   -3.886  -14.517 1.00 15.73 ? 4   GLY A CA  1 
ATOM   27   C C   . GLY A 1 4   ? 4.855   -2.896  -13.498 1.00 15.57 ? 4   GLY A C   1 
ATOM   28   O O   . GLY A 1 4   ? 4.919   -3.196  -12.303 1.00 14.81 ? 4   GLY A O   1 
ATOM   29   N N   . THR A 1 5   ? 5.290   -1.747  -14.040 1.00 11.05 ? 5   THR A N   1 
ATOM   30   C CA  . THR A 1 5   ? 5.891   -0.714  -13.246 1.00 11.31 ? 5   THR A CA  1 
ATOM   31   C C   . THR A 1 5   ? 4.892   0.373   -13.123 1.00 12.52 ? 5   THR A C   1 
ATOM   32   O O   . THR A 1 5   ? 4.381   0.729   -14.177 1.00 14.24 ? 5   THR A O   1 
ATOM   33   C CB  . THR A 1 5   ? 7.258   -0.305  -13.810 1.00 12.85 ? 5   THR A CB  1 
ATOM   34   O OG1 . THR A 1 5   ? 8.106   -1.434  -13.601 1.00 12.52 ? 5   THR A OG1 1 
ATOM   35   C CG2 . THR A 1 5   ? 7.783   0.829   -12.944 1.00 16.69 ? 5   THR A CG2 1 
ATOM   36   N N   . TRP A 1 6   ? 4.621   0.821   -11.876 1.00 10.89 ? 6   TRP A N   1 
ATOM   37   C CA  . TRP A 1 6   ? 3.587   1.829   -11.633 1.00 9.23  ? 6   TRP A CA  1 
ATOM   38   C C   . TRP A 1 6   ? 4.194   2.988   -10.845 1.00 8.84  ? 6   TRP A C   1 
ATOM   39   O O   . TRP A 1 6   ? 4.957   2.760   -9.909  1.00 14.67 ? 6   TRP A O   1 
ATOM   40   C CB  . TRP A 1 6   ? 2.503   1.163   -10.772 1.00 7.85  ? 6   TRP A CB  1 
ATOM   41   C CG  . TRP A 1 6   ? 1.833   -0.057  -11.389 1.00 10.21 ? 6   TRP A CG  1 
ATOM   42   C CD1 . TRP A 1 6   ? 2.210   -1.363  -11.226 1.00 13.80 ? 6   TRP A CD1 1 
ATOM   43   C CD2 . TRP A 1 6   ? 0.690   -0.058  -12.250 1.00 9.62  ? 6   TRP A CD2 1 
ATOM   44   N NE1 . TRP A 1 6   ? 1.396   -2.194  -11.967 1.00 10.77 ? 6   TRP A NE1 1 
ATOM   45   C CE2 . TRP A 1 6   ? 0.433   -1.411  -12.587 1.00 9.82  ? 6   TRP A CE2 1 
ATOM   46   C CE3 . TRP A 1 6   ? -0.126  0.950   -12.813 1.00 10.61 ? 6   TRP A CE3 1 
ATOM   47   C CZ2 . TRP A 1 6   ? -0.645  -1.753  -13.427 1.00 10.86 ? 6   TRP A CZ2 1 
ATOM   48   C CZ3 . TRP A 1 6   ? -1.195  0.610   -13.637 1.00 12.97 ? 6   TRP A CZ3 1 
ATOM   49   C CH2 . TRP A 1 6   ? -1.421  -0.736  -13.943 1.00 8.53  ? 6   TRP A CH2 1 
ATOM   50   N N   . LYS A 1 7   ? 3.830   4.224   -11.185 1.00 11.96 ? 7   LYS A N   1 
ATOM   51   C CA  . LYS A 1 7   ? 4.365   5.414   -10.534 1.00 12.16 ? 7   LYS A CA  1 
ATOM   52   C C   . LYS A 1 7   ? 3.234   6.265   -10.015 1.00 11.70 ? 7   LYS A C   1 
ATOM   53   O O   . LYS A 1 7   ? 2.263   6.598   -10.711 1.00 11.60 ? 7   LYS A O   1 
ATOM   54   C CB  . LYS A 1 7   ? 5.210   6.249   -11.488 1.00 17.12 ? 7   LYS A CB  1 
ATOM   55   C CG  . LYS A 1 7   ? 5.824   7.525   -10.895 1.00 35.21 ? 7   LYS A CG  1 
ATOM   56   C CD  . LYS A 1 7   ? 7.165   7.357   -10.171 1.00 46.41 ? 7   LYS A CD  1 
ATOM   57   C CE  . LYS A 1 7   ? 7.973   8.642   -9.954  1.00 53.12 ? 7   LYS A CE  1 
ATOM   58   N NZ  . LYS A 1 7   ? 9.441   8.446   -9.876  1.00 55.26 ? 7   LYS A NZ  1 
ATOM   59   N N   . VAL A 1 8   ? 3.358   6.664   -8.756  1.00 11.22 ? 8   VAL A N   1 
ATOM   60   C CA  . VAL A 1 8   ? 2.257   7.453   -8.221  1.00 11.09 ? 8   VAL A CA  1 
ATOM   61   C C   . VAL A 1 8   ? 1.961   8.730   -8.979  1.00 14.62 ? 8   VAL A C   1 
ATOM   62   O O   . VAL A 1 8   ? 2.898   9.404   -9.377  1.00 15.19 ? 8   VAL A O   1 
ATOM   63   C CB  . VAL A 1 8   ? 2.450   7.678   -6.717  1.00 12.77 ? 8   VAL A CB  1 
ATOM   64   C CG1 . VAL A 1 8   ? 3.607   8.659   -6.485  1.00 19.80 ? 8   VAL A CG1 1 
ATOM   65   C CG2 . VAL A 1 8   ? 1.146   8.177   -6.078  1.00 15.02 ? 8   VAL A CG2 1 
ATOM   66   N N   . ASP A 1 9   ? 0.675   9.073   -9.152  1.00 15.51 ? 9   ASP A N   1 
ATOM   67   C CA  . ASP A 1 9   ? 0.266   10.258  -9.868  1.00 14.41 ? 9   ASP A CA  1 
ATOM   68   C C   . ASP A 1 9   ? -0.479  11.262  -8.988  1.00 20.62 ? 9   ASP A C   1 
ATOM   69   O O   . ASP A 1 9   ? -0.210  12.466  -9.051  1.00 18.04 ? 9   ASP A O   1 
ATOM   70   C CB  . ASP A 1 9   ? -0.662  9.787   -10.982 1.00 12.62 ? 9   ASP A CB  1 
ATOM   71   C CG  . ASP A 1 9   ? -1.172  10.925  -11.806 1.00 20.50 ? 9   ASP A CG  1 
ATOM   72   O OD1 . ASP A 1 9   ? -0.262  11.640  -12.390 1.00 24.51 ? 9   ASP A OD1 1 
ATOM   73   O OD2 . ASP A 1 9   ? -2.342  11.157  -11.942 1.00 21.52 ? 9   ASP A OD2 1 
ATOM   74   N N   . ARG A 1 10  ? -1.447  10.804  -8.177  1.00 15.14 ? 10  ARG A N   1 
ATOM   75   C CA  . ARG A 1 10  ? -2.175  11.717  -7.313  1.00 13.10 ? 10  ARG A CA  1 
ATOM   76   C C   . ARG A 1 10  ? -2.692  10.992  -6.083  1.00 11.49 ? 10  ARG A C   1 
ATOM   77   O O   . ARG A 1 10  ? -2.746  9.754   -6.080  1.00 11.87 ? 10  ARG A O   1 
ATOM   78   C CB  . ARG A 1 10  ? -3.296  12.455  -8.006  1.00 14.00 ? 10  ARG A CB  1 
ATOM   79   C CG  . ARG A 1 10  ? -4.231  11.449  -8.652  1.00 16.01 ? 10  ARG A CG  1 
ATOM   80   C CD  . ARG A 1 10  ? -5.183  12.078  -9.679  1.00 20.78 ? 10  ARG A CD  1 
ATOM   81   N NE  . ARG A 1 10  ? -6.182  11.114  -10.145 1.00 17.43 ? 10  ARG A NE  1 
ATOM   82   C CZ  . ARG A 1 10  ? -6.002  10.139  -11.059 1.00 21.44 ? 10  ARG A CZ  1 
ATOM   83   N NH1 . ARG A 1 10  ? -4.844  9.961   -11.685 1.00 14.60 ? 10  ARG A NH1 1 
ATOM   84   N NH2 . ARG A 1 10  ? -6.991  9.312   -11.406 1.00 19.85 ? 10  ARG A NH2 1 
ATOM   85   N N   . ASN A 1 11  ? -3.046  11.771  -5.066  1.00 12.13 ? 11  ASN A N   1 
ATOM   86   C CA  . ASN A 1 11  ? -3.558  11.190  -3.825  1.00 8.60  ? 11  ASN A CA  1 
ATOM   87   C C   . ASN A 1 11  ? -4.881  11.820  -3.470  1.00 10.89 ? 11  ASN A C   1 
ATOM   88   O O   . ASN A 1 11  ? -5.201  12.927  -3.938  1.00 14.14 ? 11  ASN A O   1 
ATOM   89   C CB  . ASN A 1 11  ? -2.640  11.562  -2.660  1.00 12.51 ? 11  ASN A CB  1 
ATOM   90   C CG  . ASN A 1 11  ? -1.184  11.238  -2.929  1.00 19.12 ? 11  ASN A CG  1 
ATOM   91   O OD1 . ASN A 1 11  ? -0.759  10.115  -3.237  1.00 19.28 ? 11  ASN A OD1 1 
ATOM   92   N ND2 . ASN A 1 11  ? -0.375  12.273  -2.782  1.00 27.57 ? 11  ASN A ND2 1 
ATOM   93   N N   . GLU A 1 12  ? -5.626  11.121  -2.618  1.00 10.37 ? 12  GLU A N   1 
ATOM   94   C CA  . GLU A 1 12  ? -6.887  11.662  -2.144  1.00 13.65 ? 12  GLU A CA  1 
ATOM   95   C C   . GLU A 1 12  ? -6.936  11.484  -0.634  1.00 8.09  ? 12  GLU A C   1 
ATOM   96   O O   . GLU A 1 12  ? -6.722  10.368  -0.169  1.00 8.97  ? 12  GLU A O   1 
ATOM   97   C CB  . GLU A 1 12  ? -8.108  11.012  -2.819  1.00 21.28 ? 12  GLU A CB  1 
ATOM   98   C CG  . GLU A 1 12  ? -8.266  11.525  -4.264  1.00 26.73 ? 12  GLU A CG  1 
ATOM   99   C CD  . GLU A 1 12  ? -9.510  11.047  -4.984  1.00 31.09 ? 12  GLU A CD  1 
ATOM   100  O OE1 . GLU A 1 12  ? -10.438 10.628  -4.162  1.00 22.69 ? 12  GLU A OE1 1 
ATOM   101  O OE2 . GLU A 1 12  ? -9.622  11.050  -6.197  1.00 33.48 ? 12  GLU A OE2 1 
ATOM   102  N N   . ASN A 1 13  ? -7.098  12.597  0.089   1.00 10.12 ? 13  ASN A N   1 
ATOM   103  C CA  . ASN A 1 13  ? -7.152  12.591  1.547   1.00 7.75  ? 13  ASN A CA  1 
ATOM   104  C C   . ASN A 1 13  ? -6.002  11.912  2.232   1.00 11.59 ? 13  ASN A C   1 
ATOM   105  O O   . ASN A 1 13  ? -6.132  11.409  3.352   1.00 13.14 ? 13  ASN A O   1 
ATOM   106  C CB  . ASN A 1 13  ? -8.447  11.880  1.941   1.00 12.55 ? 13  ASN A CB  1 
ATOM   107  C CG  . ASN A 1 13  ? -9.036  12.378  3.241   1.00 22.30 ? 13  ASN A CG  1 
ATOM   108  O OD1 . ASN A 1 13  ? -9.043  13.593  3.546   1.00 18.77 ? 13  ASN A OD1 1 
ATOM   109  N ND2 . ASN A 1 13  ? -9.534  11.404  4.007   1.00 19.59 ? 13  ASN A ND2 1 
ATOM   110  N N   . TYR A 1 14  ? -4.816  11.856  1.595   1.00 8.25  ? 14  TYR A N   1 
ATOM   111  C CA  . TYR A 1 14  ? -3.691  11.171  2.176   1.00 7.31  ? 14  TYR A CA  1 
ATOM   112  C C   . TYR A 1 14  ? -3.119  11.832  3.440   1.00 11.91 ? 14  TYR A C   1 
ATOM   113  O O   . TYR A 1 14  ? -2.669  11.178  4.400   1.00 11.45 ? 14  TYR A O   1 
ATOM   114  C CB  . TYR A 1 14  ? -2.677  10.960  1.018   1.00 8.65  ? 14  TYR A CB  1 
ATOM   115  C CG  . TYR A 1 14  ? -1.586  9.992   1.366   1.00 11.21 ? 14  TYR A CG  1 
ATOM   116  C CD1 . TYR A 1 14  ? -1.876  8.786   2.008   1.00 12.21 ? 14  TYR A CD1 1 
ATOM   117  C CD2 . TYR A 1 14  ? -0.249  10.245  1.065   1.00 11.37 ? 14  TYR A CD2 1 
ATOM   118  C CE1 . TYR A 1 14  ? -0.896  7.844   2.330   1.00 14.46 ? 14  TYR A CE1 1 
ATOM   119  C CE2 . TYR A 1 14  ? 0.740   9.311   1.364   1.00 14.60 ? 14  TYR A CE2 1 
ATOM   120  C CZ  . TYR A 1 14  ? 0.441   8.108   2.008   1.00 14.19 ? 14  TYR A CZ  1 
ATOM   121  O OH  . TYR A 1 14  ? 1.432   7.183   2.279   1.00 11.72 ? 14  TYR A OH  1 
ATOM   122  N N   . GLU A 1 15  ? -3.092  13.152  3.466   1.00 11.67 ? 15  GLU A N   1 
ATOM   123  C CA  . GLU A 1 15  ? -2.540  13.739  4.674   1.00 14.91 ? 15  GLU A CA  1 
ATOM   124  C C   . GLU A 1 15  ? -3.393  13.490  5.900   1.00 15.54 ? 15  GLU A C   1 
ATOM   125  O O   . GLU A 1 15  ? -2.823  13.232  6.935   1.00 14.16 ? 15  GLU A O   1 
ATOM   126  C CB  . GLU A 1 15  ? -2.248  15.255  4.575   1.00 24.63 ? 15  GLU A CB  1 
ATOM   127  C CG  . GLU A 1 15  ? -0.982  15.571  3.734   1.00 28.69 ? 15  GLU A CG  1 
ATOM   128  C CD  . GLU A 1 15  ? -0.771  17.049  3.533   1.00 34.25 ? 15  GLU A CD  1 
ATOM   129  O OE1 . GLU A 1 15  ? -0.959  17.852  4.429   1.00 37.32 ? 15  GLU A OE1 1 
ATOM   130  O OE2 . GLU A 1 15  ? -0.398  17.369  2.303   1.00 29.85 ? 15  GLU A OE2 1 
ATOM   131  N N   . LYS A 1 16  ? -4.726  13.568  5.788   1.00 15.36 ? 16  LYS A N   1 
ATOM   132  C CA  . LYS A 1 16  ? -5.616  13.322  6.921   1.00 12.21 ? 16  LYS A CA  1 
ATOM   133  C C   . LYS A 1 16  ? -5.438  11.877  7.360   1.00 15.16 ? 16  LYS A C   1 
ATOM   134  O O   . LYS A 1 16  ? -5.415  11.541  8.547   1.00 13.24 ? 16  LYS A O   1 
ATOM   135  C CB  . LYS A 1 16  ? -7.062  13.553  6.530   1.00 17.51 ? 16  LYS A CB  1 
ATOM   136  C CG  . LYS A 1 16  ? -7.554  14.958  6.843   1.00 35.08 ? 16  LYS A CG  1 
ATOM   137  C CD  . LYS A 1 16  ? -7.635  15.258  8.343   1.00 49.20 ? 16  LYS A CD  1 
ATOM   138  C CE  . LYS A 1 16  ? -7.814  16.731  8.714   1.00 55.25 ? 16  LYS A CE  1 
ATOM   139  N NZ  . LYS A 1 16  ? -7.308  17.110  10.052  1.00 58.04 ? 16  LYS A NZ  1 
ATOM   140  N N   . PHE A 1 17  ? -5.273  10.988  6.385   1.00 10.55 ? 17  PHE A N   1 
ATOM   141  C CA  . PHE A 1 17  ? -5.077  9.586   6.726   1.00 9.45  ? 17  PHE A CA  1 
ATOM   142  C C   . PHE A 1 17  ? -3.794  9.403   7.523   1.00 14.06 ? 17  PHE A C   1 
ATOM   143  O O   . PHE A 1 17  ? -3.732  8.686   8.538   1.00 13.04 ? 17  PHE A O   1 
ATOM   144  C CB  . PHE A 1 17  ? -5.100  8.716   5.437   1.00 8.55  ? 17  PHE A CB  1 
ATOM   145  C CG  . PHE A 1 17  ? -4.754  7.276   5.720   1.00 7.65  ? 17  PHE A CG  1 
ATOM   146  C CD1 . PHE A 1 17  ? -3.439  6.824   5.780   1.00 9.34  ? 17  PHE A CD1 1 
ATOM   147  C CD2 . PHE A 1 17  ? -5.778  6.361   5.965   1.00 12.18 ? 17  PHE A CD2 1 
ATOM   148  C CE1 . PHE A 1 17  ? -3.134  5.494   6.049   1.00 15.22 ? 17  PHE A CE1 1 
ATOM   149  C CE2 . PHE A 1 17  ? -5.502  5.028   6.268   1.00 13.30 ? 17  PHE A CE2 1 
ATOM   150  C CZ  . PHE A 1 17  ? -4.179  4.603   6.324   1.00 14.67 ? 17  PHE A CZ  1 
ATOM   151  N N   . MET A 1 18  ? -2.714  10.087  7.067   1.00 11.42 ? 18  MET A N   1 
ATOM   152  C CA  . MET A 1 18  ? -1.456  9.956   7.801   1.00 10.06 ? 18  MET A CA  1 
ATOM   153  C C   . MET A 1 18  ? -1.531  10.569  9.205   1.00 6.36  ? 18  MET A C   1 
ATOM   154  O O   . MET A 1 18  ? -0.926  10.055  10.135  1.00 10.35 ? 18  MET A O   1 
ATOM   155  C CB  . MET A 1 18  ? -0.313  10.655  7.044   1.00 13.01 ? 18  MET A CB  1 
ATOM   156  C CG  . MET A 1 18  ? 0.078   9.824   5.833   1.00 12.65 ? 18  MET A CG  1 
ATOM   157  S SD  . MET A 1 18  ? 1.601   10.407  5.017   1.00 18.82 ? 18  MET A SD  1 
ATOM   158  C CE  . MET A 1 18  ? 0.887   11.696  3.980   1.00 14.94 ? 18  MET A CE  1 
ATOM   159  N N   . GLU A 1 19  ? -2.286  11.646  9.348   1.00 10.39 ? 19  GLU A N   1 
ATOM   160  C CA  . GLU A 1 19  ? -2.463  12.287  10.664  1.00 13.54 ? 19  GLU A CA  1 
ATOM   161  C C   . GLU A 1 19  ? -3.084  11.295  11.650  1.00 14.65 ? 19  GLU A C   1 
ATOM   162  O O   . GLU A 1 19  ? -2.653  11.153  12.786  1.00 16.27 ? 19  GLU A O   1 
ATOM   163  C CB  . GLU A 1 19  ? -3.397  13.498  10.524  1.00 11.85 ? 19  GLU A CB  1 
ATOM   164  C CG  . GLU A 1 19  ? -3.750  14.240  11.819  1.00 22.92 ? 19  GLU A CG  1 
ATOM   165  C CD  . GLU A 1 19  ? -4.470  15.544  11.513  1.00 40.15 ? 19  GLU A CD  1 
ATOM   166  O OE1 . GLU A 1 19  ? -5.754  15.374  11.266  1.00 50.78 ? 19  GLU A OE1 1 
ATOM   167  O OE2 . GLU A 1 19  ? -3.935  16.639  11.465  1.00 44.17 ? 19  GLU A OE2 1 
ATOM   168  N N   . LYS A 1 20  ? -4.102  10.557  11.204  1.00 14.32 ? 20  LYS A N   1 
ATOM   169  C CA  . LYS A 1 20  ? -4.766  9.551   12.028  1.00 17.93 ? 20  LYS A CA  1 
ATOM   170  C C   . LYS A 1 20  ? -3.867  8.428   12.526  1.00 14.75 ? 20  LYS A C   1 
ATOM   171  O O   . LYS A 1 20  ? -4.006  7.905   13.638  1.00 15.12 ? 20  LYS A O   1 
ATOM   172  C CB  . LYS A 1 20  ? -5.933  8.968   11.234  1.00 25.04 ? 20  LYS A CB  1 
ATOM   173  C CG  . LYS A 1 20  ? -7.074  8.394   12.062  1.00 25.20 ? 20  LYS A CG  1 
ATOM   174  C CD  . LYS A 1 20  ? -7.997  9.414   12.709  1.00 29.15 ? 20  LYS A CD  1 
ATOM   175  C CE  . LYS A 1 20  ? -9.025  8.741   13.615  1.00 31.67 ? 20  LYS A CE  1 
ATOM   176  N NZ  . LYS A 1 20  ? -9.984  9.716   14.143  1.00 35.27 ? 20  LYS A NZ  1 
ATOM   177  N N   . MET A 1 21  ? -2.920  8.041   11.670  1.00 11.65 ? 21  MET A N   1 
ATOM   178  C CA  . MET A 1 21  ? -1.939  6.995   11.911  1.00 10.65 ? 21  MET A CA  1 
ATOM   179  C C   . MET A 1 21  ? -0.897  7.438   12.915  1.00 12.68 ? 21  MET A C   1 
ATOM   180  O O   . MET A 1 21  ? -0.173  6.583   13.412  1.00 15.97 ? 21  MET A O   1 
ATOM   181  C CB  . MET A 1 21  ? -1.231  6.542   10.615  1.00 14.13 ? 21  MET A CB  1 
ATOM   182  C CG  . MET A 1 21  ? -2.201  5.762   9.720   1.00 16.53 ? 21  MET A CG  1 
ATOM   183  S SD  . MET A 1 21  ? -2.328  4.007   10.171  1.00 20.29 ? 21  MET A SD  1 
ATOM   184  C CE  . MET A 1 21  ? -0.574  3.539   10.073  1.00 20.25 ? 21  MET A CE  1 
ATOM   185  N N   . GLY A 1 22  ? -0.872  8.756   13.164  1.00 13.45 ? 22  GLY A N   1 
ATOM   186  C CA  . GLY A 1 22  ? 0.063   9.291   14.123  1.00 14.30 ? 22  GLY A CA  1 
ATOM   187  C C   . GLY A 1 22  ? 1.299   9.933   13.488  1.00 21.06 ? 22  GLY A C   1 
ATOM   188  O O   . GLY A 1 22  ? 2.297   10.140  14.173  1.00 23.14 ? 22  GLY A O   1 
ATOM   189  N N   . ILE A 1 23  ? 1.273   10.263  12.199  1.00 16.54 ? 23  ILE A N   1 
ATOM   190  C CA  . ILE A 1 23  ? 2.453   10.875  11.557  1.00 16.91 ? 23  ILE A CA  1 
ATOM   191  C C   . ILE A 1 23  ? 2.476   12.386  11.710  1.00 13.25 ? 23  ILE A C   1 
ATOM   192  O O   . ILE A 1 23  ? 1.470   13.064  11.505  1.00 17.08 ? 23  ILE A O   1 
ATOM   193  C CB  . ILE A 1 23  ? 2.631   10.432  10.107  1.00 15.04 ? 23  ILE A CB  1 
ATOM   194  C CG1 . ILE A 1 23  ? 3.048   8.964   10.057  1.00 18.82 ? 23  ILE A CG1 1 
ATOM   195  C CG2 . ILE A 1 23  ? 3.685   11.277  9.396   1.00 21.08 ? 23  ILE A CG2 1 
ATOM   196  C CD1 . ILE A 1 23  ? 1.909   8.030   9.678   1.00 26.42 ? 23  ILE A CD1 1 
ATOM   197  N N   . ASN A 1 24  ? 3.655   12.922  12.078  1.00 12.65 ? 24  ASN A N   1 
ATOM   198  C CA  . ASN A 1 24  ? 3.817   14.348  12.300  1.00 13.76 ? 24  ASN A CA  1 
ATOM   199  C C   . ASN A 1 24  ? 3.626   15.259  11.093  1.00 18.46 ? 24  ASN A C   1 
ATOM   200  O O   . ASN A 1 24  ? 3.813   14.817  9.954   1.00 20.54 ? 24  ASN A O   1 
ATOM   201  C CB  . ASN A 1 24  ? 5.091   14.659  13.139  1.00 21.85 ? 24  ASN A CB  1 
ATOM   202  C CG  . ASN A 1 24  ? 6.387   14.812  12.362  1.00 22.04 ? 24  ASN A CG  1 
ATOM   203  O OD1 . ASN A 1 24  ? 6.382   15.465  11.303  1.00 27.35 ? 24  ASN A OD1 1 
ATOM   204  N ND2 . ASN A 1 24  ? 7.477   14.245  12.879  1.00 23.76 ? 24  ASN A ND2 1 
ATOM   205  N N   . VAL A 1 25  ? 3.295   16.521  11.329  1.00 13.89 ? 25  VAL A N   1 
ATOM   206  C CA  . VAL A 1 25  ? 3.078   17.435  10.223  1.00 15.82 ? 25  VAL A CA  1 
ATOM   207  C C   . VAL A 1 25  ? 4.150   17.421  9.117   1.00 21.86 ? 25  VAL A C   1 
ATOM   208  O O   . VAL A 1 25  ? 3.870   17.342  7.911   1.00 18.49 ? 25  VAL A O   1 
ATOM   209  C CB  . VAL A 1 25  ? 2.654   18.844  10.593  1.00 25.48 ? 25  VAL A CB  1 
ATOM   210  C CG1 . VAL A 1 25  ? 3.810   19.531  11.309  1.00 38.08 ? 25  VAL A CG1 1 
ATOM   211  C CG2 . VAL A 1 25  ? 2.344   19.661  9.348   1.00 25.85 ? 25  VAL A CG2 1 
ATOM   212  N N   . VAL A 1 26  ? 5.416   17.468  9.530   1.00 21.28 ? 26  VAL A N   1 
ATOM   213  C CA  . VAL A 1 26  ? 6.497   17.479  8.561   1.00 20.09 ? 26  VAL A CA  1 
ATOM   214  C C   . VAL A 1 26  ? 6.639   16.212  7.710   1.00 17.72 ? 26  VAL A C   1 
ATOM   215  O O   . VAL A 1 26  ? 6.828   16.243  6.481   1.00 14.24 ? 26  VAL A O   1 
ATOM   216  C CB  . VAL A 1 26  ? 7.772   17.870  9.294   1.00 20.11 ? 26  VAL A CB  1 
ATOM   217  C CG1 . VAL A 1 26  ? 9.031   17.579  8.493   1.00 21.64 ? 26  VAL A CG1 1 
ATOM   218  C CG2 . VAL A 1 26  ? 7.609   19.359  9.605   1.00 19.96 ? 26  VAL A CG2 1 
ATOM   219  N N   . LYS A 1 27  ? 6.529   15.088  8.406   1.00 13.34 ? 27  LYS A N   1 
ATOM   220  C CA  . LYS A 1 27  ? 6.635   13.795  7.751   1.00 10.83 ? 27  LYS A CA  1 
ATOM   221  C C   . LYS A 1 27  ? 5.435   13.583  6.800   1.00 14.24 ? 27  LYS A C   1 
ATOM   222  O O   . LYS A 1 27  ? 5.564   12.892  5.784   1.00 14.64 ? 27  LYS A O   1 
ATOM   223  C CB  . LYS A 1 27  ? 6.913   12.671  8.739   1.00 12.60 ? 27  LYS A CB  1 
ATOM   224  C CG  . LYS A 1 27  ? 8.082   12.940  9.672   1.00 24.50 ? 27  LYS A CG  1 
ATOM   225  C CD  . LYS A 1 27  ? 9.457   12.770  9.047   1.00 39.66 ? 27  LYS A CD  1 
ATOM   226  C CE  . LYS A 1 27  ? 10.612  13.060  10.013  1.00 51.00 ? 27  LYS A CE  1 
ATOM   227  N NZ  . LYS A 1 27  ? 11.892  13.371  9.345   1.00 53.80 ? 27  LYS A NZ  1 
ATOM   228  N N   . ARG A 1 28  ? 4.273   14.213  7.094   1.00 14.44 ? 28  ARG A N   1 
ATOM   229  C CA  . ARG A 1 28  ? 3.136   14.071  6.186   1.00 11.71 ? 28  ARG A CA  1 
ATOM   230  C C   . ARG A 1 28  ? 3.435   14.764  4.863   1.00 17.39 ? 28  ARG A C   1 
ATOM   231  O O   . ARG A 1 28  ? 3.087   14.255  3.769   1.00 15.26 ? 28  ARG A O   1 
ATOM   232  C CB  . ARG A 1 28  ? 1.800   14.582  6.725   1.00 10.79 ? 28  ARG A CB  1 
ATOM   233  C CG  . ARG A 1 28  ? 1.486   13.898  8.030   1.00 14.04 ? 28  ARG A CG  1 
ATOM   234  C CD  . ARG A 1 28  ? 0.056   14.159  8.477   1.00 16.42 ? 28  ARG A CD  1 
ATOM   235  N NE  . ARG A 1 28  ? -0.385  15.521  8.791   1.00 22.02 ? 28  ARG A NE  1 
ATOM   236  C CZ  . ARG A 1 28  ? -0.413  16.013  10.035  1.00 22.44 ? 28  ARG A CZ  1 
ATOM   237  N NH1 . ARG A 1 28  ? 0.048   15.293  11.071  1.00 21.46 ? 28  ARG A NH1 1 
ATOM   238  N NH2 . ARG A 1 28  ? -0.877  17.235  10.252  1.00 19.47 ? 28  ARG A NH2 1 
ATOM   239  N N   . LYS A 1 29  ? 4.021   15.969  4.976   1.00 12.93 ? 29  LYS A N   1 
ATOM   240  C CA  . LYS A 1 29  ? 4.363   16.690  3.753   1.00 14.30 ? 29  LYS A CA  1 
ATOM   241  C C   . LYS A 1 29  ? 5.383   15.899  2.917   1.00 13.87 ? 29  LYS A C   1 
ATOM   242  O O   . LYS A 1 29  ? 5.341   15.805  1.691   1.00 18.39 ? 29  LYS A O   1 
ATOM   243  C CB  . LYS A 1 29  ? 4.736   18.138  4.064   1.00 11.49 ? 29  LYS A CB  1 
ATOM   244  C CG  . LYS A 1 29  ? 3.549   18.833  4.763   1.00 15.72 ? 29  LYS A CG  1 
ATOM   245  C CD  . LYS A 1 29  ? 2.551   19.344  3.725   1.00 21.07 ? 29  LYS A CD  1 
ATOM   246  C CE  . LYS A 1 29  ? 1.238   20.011  4.160   1.00 28.80 ? 29  LYS A CE  1 
ATOM   247  N NZ  . LYS A 1 29  ? 0.525   20.572  2.987   1.00 33.21 ? 29  LYS A NZ  1 
ATOM   248  N N   . LEU A 1 30  ? 6.326   15.249  3.567   1.00 9.10  ? 30  LEU A N   1 
ATOM   249  C CA  . LEU A 1 30  ? 7.283   14.455  2.817   1.00 13.70 ? 30  LEU A CA  1 
ATOM   250  C C   . LEU A 1 30  ? 6.618   13.196  2.231   1.00 19.43 ? 30  LEU A C   1 
ATOM   251  O O   . LEU A 1 30  ? 6.962   12.796  1.122   1.00 16.97 ? 30  LEU A O   1 
ATOM   252  C CB  . LEU A 1 30  ? 8.499   13.960  3.645   1.00 10.35 ? 30  LEU A CB  1 
ATOM   253  C CG  . LEU A 1 30  ? 9.303   15.075  4.346   1.00 18.30 ? 30  LEU A CG  1 
ATOM   254  C CD1 . LEU A 1 30  ? 10.440  14.527  5.241   1.00 18.67 ? 30  LEU A CD1 1 
ATOM   255  C CD2 . LEU A 1 30  ? 9.800   16.127  3.356   1.00 18.84 ? 30  LEU A CD2 1 
ATOM   256  N N   . GLY A 1 31  ? 5.712   12.573  3.000   1.00 14.47 ? 31  GLY A N   1 
ATOM   257  C CA  . GLY A 1 31  ? 5.005   11.357  2.608   1.00 10.26 ? 31  GLY A CA  1 
ATOM   258  C C   . GLY A 1 31  ? 4.169   11.550  1.362   1.00 12.34 ? 31  GLY A C   1 
ATOM   259  O O   . GLY A 1 31  ? 4.083   10.676  0.484   1.00 18.19 ? 31  GLY A O   1 
ATOM   260  N N   . ALA A 1 32  ? 3.576   12.722  1.257   1.00 8.67  ? 32  ALA A N   1 
ATOM   261  C CA  . ALA A 1 32  ? 2.740   13.037  0.134   1.00 11.02 ? 32  ALA A CA  1 
ATOM   262  C C   . ALA A 1 32  ? 3.448   13.321  -1.177  1.00 14.18 ? 32  ALA A C   1 
ATOM   263  O O   . ALA A 1 32  ? 2.784   13.492  -2.205  1.00 17.47 ? 32  ALA A O   1 
ATOM   264  C CB  . ALA A 1 32  ? 1.873   14.255  0.424   1.00 18.53 ? 32  ALA A CB  1 
ATOM   265  N N   . HIS A 1 33  ? 4.781   13.417  -1.121  1.00 12.66 ? 33  HIS A N   1 
ATOM   266  C CA  . HIS A 1 33  ? 5.605   13.646  -2.270  1.00 8.92  ? 33  HIS A CA  1 
ATOM   267  C C   . HIS A 1 33  ? 6.758   12.651  -2.164  1.00 12.27 ? 33  HIS A C   1 
ATOM   268  O O   . HIS A 1 33  ? 7.952   13.000  -2.266  1.00 16.25 ? 33  HIS A O   1 
ATOM   269  C CB  . HIS A 1 33  ? 6.198   15.047  -2.169  1.00 13.61 ? 33  HIS A CB  1 
ATOM   270  C CG  . HIS A 1 33  ? 5.269   16.133  -2.497  1.00 26.65 ? 33  HIS A CG  1 
ATOM   271  N ND1 . HIS A 1 33  ? 4.576   16.816  -1.506  1.00 32.65 ? 33  HIS A ND1 1 
ATOM   272  C CD2 . HIS A 1 33  ? 4.969   16.651  -3.717  1.00 33.66 ? 33  HIS A CD2 1 
ATOM   273  C CE1 . HIS A 1 33  ? 3.867   17.740  -2.139  1.00 39.06 ? 33  HIS A CE1 1 
ATOM   274  N NE2 . HIS A 1 33  ? 4.074   17.668  -3.455  1.00 42.16 ? 33  HIS A NE2 1 
ATOM   275  N N   . ASP A 1 34  ? 6.425   11.374  -1.952  1.00 10.01 ? 34  ASP A N   1 
ATOM   276  C CA  . ASP A 1 34  ? 7.445   10.356  -1.815  1.00 9.61  ? 34  ASP A CA  1 
ATOM   277  C C   . ASP A 1 34  ? 8.002   9.686   -3.093  1.00 4.63  ? 34  ASP A C   1 
ATOM   278  O O   . ASP A 1 34  ? 8.918   8.866   -2.950  1.00 8.98  ? 34  ASP A O   1 
ATOM   279  C CB  . ASP A 1 34  ? 6.927   9.294   -0.838  1.00 13.01 ? 34  ASP A CB  1 
ATOM   280  C CG  . ASP A 1 34  ? 5.748   8.485   -1.329  1.00 14.88 ? 34  ASP A CG  1 
ATOM   281  O OD1 . ASP A 1 34  ? 5.205   8.895   -2.447  1.00 12.20 ? 34  ASP A OD1 1 
ATOM   282  O OD2 . ASP A 1 34  ? 5.337   7.508   -0.720  1.00 16.32 ? 34  ASP A OD2 1 
ATOM   283  N N   . ASN A 1 35  ? 7.451   10.090  -4.245  1.00 6.83  ? 35  ASN A N   1 
ATOM   284  C CA  . ASN A 1 35  ? 7.880   9.538   -5.554  1.00 9.97  ? 35  ASN A CA  1 
ATOM   285  C C   . ASN A 1 35  ? 7.805   8.023   -5.548  1.00 12.46 ? 35  ASN A C   1 
ATOM   286  O O   . ASN A 1 35  ? 8.657   7.368   -6.122  1.00 15.54 ? 35  ASN A O   1 
ATOM   287  C CB  . ASN A 1 35  ? 9.311   9.940   -6.012  1.00 14.59 ? 35  ASN A CB  1 
ATOM   288  C CG  . ASN A 1 35  ? 9.362   11.430  -6.280  1.00 38.39 ? 35  ASN A CG  1 
ATOM   289  O OD1 . ASN A 1 35  ? 8.679   11.926  -7.193  1.00 46.93 ? 35  ASN A OD1 1 
ATOM   290  N ND2 . ASN A 1 35  ? 10.141  12.142  -5.461  1.00 44.97 ? 35  ASN A ND2 1 
ATOM   291  N N   . LEU A 1 36  ? 6.789   7.457   -4.901  1.00 9.71  ? 36  LEU A N   1 
ATOM   292  C CA  . LEU A 1 36  ? 6.721   5.989   -4.832  1.00 10.21 ? 36  LEU A CA  1 
ATOM   293  C C   . LEU A 1 36  ? 6.471   5.362   -6.220  1.00 7.96  ? 36  LEU A C   1 
ATOM   294  O O   . LEU A 1 36  ? 5.644   5.818   -6.999  1.00 7.39  ? 36  LEU A O   1 
ATOM   295  C CB  . LEU A 1 36  ? 5.515   5.673   -3.904  1.00 12.74 ? 36  LEU A CB  1 
ATOM   296  C CG  . LEU A 1 36  ? 5.219   4.197   -3.716  1.00 9.71  ? 36  LEU A CG  1 
ATOM   297  C CD1 . LEU A 1 36  ? 6.379   3.417   -3.092  1.00 11.10 ? 36  LEU A CD1 1 
ATOM   298  C CD2 . LEU A 1 36  ? 3.880   4.082   -2.937  1.00 12.22 ? 36  LEU A CD2 1 
ATOM   299  N N   . LYS A 1 37  ? 7.197   4.296   -6.426  1.00 9.96  ? 37  LYS A N   1 
ATOM   300  C CA  . LYS A 1 37  ? 7.157   3.495   -7.633  1.00 11.36 ? 37  LYS A CA  1 
ATOM   301  C C   . LYS A 1 37  ? 7.112   2.034   -7.191  1.00 9.34  ? 37  LYS A C   1 
ATOM   302  O O   . LYS A 1 37  ? 7.823   1.563   -6.274  1.00 9.54  ? 37  LYS A O   1 
ATOM   303  C CB  . LYS A 1 37  ? 8.486   3.758   -8.324  1.00 13.81 ? 37  LYS A CB  1 
ATOM   304  C CG  . LYS A 1 37  ? 8.759   2.890   -9.532  1.00 27.54 ? 37  LYS A CG  1 
ATOM   305  C CD  . LYS A 1 37  ? 9.829   3.553   -10.373 1.00 38.94 ? 37  LYS A CD  1 
ATOM   306  C CE  . LYS A 1 37  ? 10.909  2.584   -10.824 1.00 51.61 ? 37  LYS A CE  1 
ATOM   307  N NZ  . LYS A 1 37  ? 11.805  3.136   -11.859 1.00 56.04 ? 37  LYS A NZ  1 
ATOM   308  N N   . LEU A 1 38  ? 6.225   1.280   -7.863  1.00 7.86  ? 38  LEU A N   1 
ATOM   309  C CA  . LEU A 1 38  ? 6.112   -0.136  -7.512  1.00 10.25 ? 38  LEU A CA  1 
ATOM   310  C C   . LEU A 1 38  ? 6.334   -0.976  -8.770  1.00 14.88 ? 38  LEU A C   1 
ATOM   311  O O   . LEU A 1 38  ? 5.798   -0.669  -9.856  1.00 14.84 ? 38  LEU A O   1 
ATOM   312  C CB  . LEU A 1 38  ? 4.633   -0.417  -7.107  1.00 12.20 ? 38  LEU A CB  1 
ATOM   313  C CG  . LEU A 1 38  ? 4.114   0.347   -5.884  1.00 12.97 ? 38  LEU A CG  1 
ATOM   314  C CD1 . LEU A 1 38  ? 2.636   0.044   -5.698  1.00 16.55 ? 38  LEU A CD1 1 
ATOM   315  C CD2 . LEU A 1 38  ? 4.883   -0.150  -4.658  1.00 15.54 ? 38  LEU A CD2 1 
ATOM   316  N N   . THR A 1 39  ? 7.106   -2.053  -8.601  1.00 8.32  ? 39  THR A N   1 
ATOM   317  C CA  . THR A 1 39  ? 7.341   -2.946  -9.725  1.00 12.98 ? 39  THR A CA  1 
ATOM   318  C C   . THR A 1 39  ? 6.731   -4.259  -9.248  1.00 14.68 ? 39  THR A C   1 
ATOM   319  O O   . THR A 1 39  ? 7.219   -4.840  -8.277  1.00 13.03 ? 39  THR A O   1 
ATOM   320  C CB  . THR A 1 39  ? 8.837   -3.075  -10.102 1.00 15.97 ? 39  THR A CB  1 
ATOM   321  O OG1 . THR A 1 39  ? 9.311   -1.818  -10.572 1.00 14.97 ? 39  THR A OG1 1 
ATOM   322  C CG2 . THR A 1 39  ? 9.028   -4.133  -11.176 1.00 17.93 ? 39  THR A CG2 1 
ATOM   323  N N   . ILE A 1 40  ? 5.666   -4.708  -9.934  1.00 11.32 ? 40  ILE A N   1 
ATOM   324  C CA  . ILE A 1 40  ? 4.932   -5.914  -9.549  1.00 16.89 ? 40  ILE A CA  1 
ATOM   325  C C   . ILE A 1 40  ? 5.128   -7.081  -10.483 1.00 13.55 ? 40  ILE A C   1 
ATOM   326  O O   . ILE A 1 40  ? 4.948   -6.947  -11.695 1.00 12.56 ? 40  ILE A O   1 
ATOM   327  C CB  . ILE A 1 40  ? 3.432   -5.623  -9.397  1.00 15.82 ? 40  ILE A CB  1 
ATOM   328  C CG1 . ILE A 1 40  ? 3.289   -4.551  -8.321  1.00 13.67 ? 40  ILE A CG1 1 
ATOM   329  C CG2 . ILE A 1 40  ? 2.710   -6.893  -8.956  1.00 15.44 ? 40  ILE A CG2 1 
ATOM   330  C CD1 . ILE A 1 40  ? 1.949   -3.836  -8.299  1.00 16.20 ? 40  ILE A CD1 1 
ATOM   331  N N   . THR A 1 41  ? 5.481   -8.210  -9.898  1.00 11.22 ? 41  THR A N   1 
ATOM   332  C CA  . THR A 1 41  ? 5.666   -9.387  -10.716 1.00 14.68 ? 41  THR A CA  1 
ATOM   333  C C   . THR A 1 41  ? 5.054   -10.563 -9.980  1.00 19.56 ? 41  THR A C   1 
ATOM   334  O O   . THR A 1 41  ? 5.114   -10.599 -8.756  1.00 11.94 ? 41  THR A O   1 
ATOM   335  C CB  . THR A 1 41  ? 7.124   -9.701  -11.014 1.00 17.85 ? 41  THR A CB  1 
ATOM   336  O OG1 . THR A 1 41  ? 7.811   -9.891  -9.809  1.00 19.54 ? 41  THR A OG1 1 
ATOM   337  C CG2 . THR A 1 41  ? 7.731   -8.524  -11.748 1.00 21.44 ? 41  THR A CG2 1 
ATOM   338  N N   . GLN A 1 42  ? 4.484   -11.498 -10.746 1.00 14.85 ? 42  GLN A N   1 
ATOM   339  C CA  . GLN A 1 42  ? 3.821   -12.675 -10.198 1.00 21.67 ? 42  GLN A CA  1 
ATOM   340  C C   . GLN A 1 42  ? 4.502   -13.961 -10.591 1.00 19.08 ? 42  GLN A C   1 
ATOM   341  O O   . GLN A 1 42  ? 5.046   -14.031 -11.686 1.00 18.57 ? 42  GLN A O   1 
ATOM   342  C CB  . GLN A 1 42  ? 2.356   -12.705 -10.715 1.00 20.05 ? 42  GLN A CB  1 
ATOM   343  C CG  . GLN A 1 42  ? 1.458   -13.826 -10.144 1.00 23.75 ? 42  GLN A CG  1 
ATOM   344  C CD  . GLN A 1 42  ? -0.033  -13.644 -10.442 1.00 26.31 ? 42  GLN A CD  1 
ATOM   345  O OE1 . GLN A 1 42  ? -0.531  -12.598 -10.913 1.00 24.84 ? 42  GLN A OE1 1 
ATOM   346  N NE2 . GLN A 1 42  ? -0.768  -14.697 -10.089 1.00 32.15 ? 42  GLN A NE2 1 
ATOM   347  N N   . GLU A 1 43  ? 4.439   -14.976 -9.733  1.00 15.06 ? 43  GLU A N   1 
ATOM   348  C CA  . GLU A 1 43  ? 4.994   -16.296 -10.022 1.00 14.56 ? 43  GLU A CA  1 
ATOM   349  C C   . GLU A 1 43  ? 4.065   -17.226 -9.272  1.00 21.23 ? 43  GLU A C   1 
ATOM   350  O O   . GLU A 1 43  ? 4.176   -17.461 -8.073  1.00 16.41 ? 43  GLU A O   1 
ATOM   351  C CB  . GLU A 1 43  ? 6.459   -16.548 -9.694  1.00 19.74 ? 43  GLU A CB  1 
ATOM   352  C CG  . GLU A 1 43  ? 6.840   -17.953 -10.150 1.00 38.29 ? 43  GLU A CG  1 
ATOM   353  C CD  . GLU A 1 43  ? 8.310   -18.188 -9.883  1.00 58.72 ? 43  GLU A CD  1 
ATOM   354  O OE1 . GLU A 1 43  ? 9.026   -17.367 -9.323  1.00 57.79 ? 43  GLU A OE1 1 
ATOM   355  O OE2 . GLU A 1 43  ? 8.721   -19.371 -10.304 1.00 68.06 ? 43  GLU A OE2 1 
ATOM   356  N N   . GLY A 1 44  ? 3.070   -17.655 -10.022 1.00 21.28 ? 44  GLY A N   1 
ATOM   357  C CA  . GLY A 1 44  ? 2.024   -18.490 -9.474  1.00 26.45 ? 44  GLY A CA  1 
ATOM   358  C C   . GLY A 1 44  ? 1.130   -17.652 -8.559  1.00 15.45 ? 44  GLY A C   1 
ATOM   359  O O   . GLY A 1 44  ? 0.503   -16.652 -8.904  1.00 20.45 ? 44  GLY A O   1 
ATOM   360  N N   . ASN A 1 45  ? 1.110   -18.157 -7.335  1.00 18.86 ? 45  ASN A N   1 
ATOM   361  C CA  . ASN A 1 45  ? 0.363   -17.637 -6.205  1.00 21.62 ? 45  ASN A CA  1 
ATOM   362  C C   . ASN A 1 45  ? 1.205   -16.633 -5.392  1.00 15.59 ? 45  ASN A C   1 
ATOM   363  O O   . ASN A 1 45  ? 0.726   -16.050 -4.412  1.00 16.77 ? 45  ASN A O   1 
ATOM   364  C CB  . ASN A 1 45  ? 0.019   -18.875 -5.308  1.00 22.05 ? 45  ASN A CB  1 
ATOM   365  C CG  . ASN A 1 45  ? -1.392  -18.870 -4.734  1.00 37.08 ? 45  ASN A CG  1 
ATOM   366  O OD1 . ASN A 1 45  ? -1.647  -19.428 -3.635  1.00 43.68 ? 45  ASN A OD1 1 
ATOM   367  N ND2 . ASN A 1 45  ? -2.303  -18.243 -5.493  1.00 36.27 ? 45  ASN A ND2 1 
ATOM   368  N N   . LYS A 1 46  ? 2.477   -16.436 -5.767  1.00 11.96 ? 46  LYS A N   1 
ATOM   369  C CA  . LYS A 1 46  ? 3.330   -15.507 -5.018  1.00 14.13 ? 46  LYS A CA  1 
ATOM   370  C C   . LYS A 1 46  ? 3.605   -14.226 -5.775  1.00 15.19 ? 46  LYS A C   1 
ATOM   371  O O   . LYS A 1 46  ? 3.882   -14.212 -6.971  1.00 22.28 ? 46  LYS A O   1 
ATOM   372  C CB  . LYS A 1 46  ? 4.709   -16.108 -4.797  1.00 18.65 ? 46  LYS A CB  1 
ATOM   373  C CG  . LYS A 1 46  ? 4.690   -17.195 -3.759  1.00 26.56 ? 46  LYS A CG  1 
ATOM   374  C CD  . LYS A 1 46  ? 5.978   -17.997 -3.654  1.00 25.40 ? 46  LYS A CD  1 
ATOM   375  C CE  . LYS A 1 46  ? 7.041   -17.311 -2.838  1.00 26.81 ? 46  LYS A CE  1 
ATOM   376  N NZ  . LYS A 1 46  ? 7.997   -18.278 -2.282  1.00 29.53 ? 46  LYS A NZ  1 
ATOM   377  N N   . PHE A 1 47  ? 3.570   -13.130 -5.083  1.00 7.14  ? 47  PHE A N   1 
ATOM   378  C CA  . PHE A 1 47  ? 3.826   -11.857 -5.692  1.00 9.99  ? 47  PHE A CA  1 
ATOM   379  C C   . PHE A 1 47  ? 5.092   -11.217 -5.114  1.00 19.06 ? 47  PHE A C   1 
ATOM   380  O O   . PHE A 1 47  ? 5.392   -11.411 -3.921  1.00 12.96 ? 47  PHE A O   1 
ATOM   381  C CB  . PHE A 1 47  ? 2.705   -10.863 -5.387  1.00 12.45 ? 47  PHE A CB  1 
ATOM   382  C CG  . PHE A 1 47  ? 1.446   -11.043 -6.204  1.00 15.83 ? 47  PHE A CG  1 
ATOM   383  C CD1 . PHE A 1 47  ? 0.632   -12.156 -5.990  1.00 17.06 ? 47  PHE A CD1 1 
ATOM   384  C CD2 . PHE A 1 47  ? 1.071   -10.128 -7.190  1.00 19.43 ? 47  PHE A CD2 1 
ATOM   385  C CE1 . PHE A 1 47  ? -0.527  -12.314 -6.751  1.00 19.68 ? 47  PHE A CE1 1 
ATOM   386  C CE2 . PHE A 1 47  ? -0.078  -10.288 -7.969  1.00 18.46 ? 47  PHE A CE2 1 
ATOM   387  C CZ  . PHE A 1 47  ? -0.874  -11.410 -7.757  1.00 14.86 ? 47  PHE A CZ  1 
ATOM   388  N N   . THR A 1 48  ? 5.787   -10.446 -5.965  1.00 14.53 ? 48  THR A N   1 
ATOM   389  C CA  . THR A 1 48  ? 6.963   -9.718  -5.564  1.00 10.27 ? 48  THR A CA  1 
ATOM   390  C C   . THR A 1 48  ? 6.700   -8.283  -5.928  1.00 11.26 ? 48  THR A C   1 
ATOM   391  O O   . THR A 1 48  ? 6.441   -7.967  -7.088  1.00 11.84 ? 48  THR A O   1 
ATOM   392  C CB  . THR A 1 48  ? 8.281   -10.149 -6.201  1.00 12.51 ? 48  THR A CB  1 
ATOM   393  O OG1 . THR A 1 48  ? 8.536   -11.468 -5.799  1.00 13.23 ? 48  THR A OG1 1 
ATOM   394  C CG2 . THR A 1 48  ? 9.430   -9.245  -5.720  1.00 15.83 ? 48  THR A CG2 1 
ATOM   395  N N   . VAL A 1 49  ? 6.760   -7.427  -4.902  1.00 7.71  ? 49  VAL A N   1 
ATOM   396  C CA  . VAL A 1 49  ? 6.539   -5.998  -5.072  1.00 8.46  ? 49  VAL A CA  1 
ATOM   397  C C   . VAL A 1 49  ? 7.814   -5.278  -4.660  1.00 14.24 ? 49  VAL A C   1 
ATOM   398  O O   . VAL A 1 49  ? 8.290   -5.357  -3.529  1.00 12.60 ? 49  VAL A O   1 
ATOM   399  C CB  . VAL A 1 49  ? 5.393   -5.393  -4.273  1.00 12.39 ? 49  VAL A CB  1 
ATOM   400  C CG1 . VAL A 1 49  ? 5.183   -3.924  -4.630  1.00 17.52 ? 49  VAL A CG1 1 
ATOM   401  C CG2 . VAL A 1 49  ? 4.076   -6.152  -4.460  1.00 14.80 ? 49  VAL A CG2 1 
ATOM   402  N N   . LYS A 1 50  ? 8.389   -4.593  -5.620  1.00 14.09 ? 50  LYS A N   1 
ATOM   403  C CA  . LYS A 1 50  ? 9.599   -3.853  -5.337  1.00 13.85 ? 50  LYS A CA  1 
ATOM   404  C C   . LYS A 1 50  ? 9.100   -2.453  -5.118  1.00 13.17 ? 50  LYS A C   1 
ATOM   405  O O   . LYS A 1 50  ? 8.533   -1.823  -6.016  1.00 13.54 ? 50  LYS A O   1 
ATOM   406  C CB  . LYS A 1 50  ? 10.525  -3.863  -6.532  1.00 14.66 ? 50  LYS A CB  1 
ATOM   407  C CG  . LYS A 1 50  ? 11.375  -5.112  -6.455  1.00 20.48 ? 50  LYS A CG  1 
ATOM   408  C CD  . LYS A 1 50  ? 11.985  -5.453  -7.786  1.00 26.86 ? 50  LYS A CD  1 
ATOM   409  C CE  . LYS A 1 50  ? 12.850  -6.678  -7.604  1.00 32.27 ? 50  LYS A CE  1 
ATOM   410  N NZ  . LYS A 1 50  ? 13.777  -6.472  -6.481  1.00 36.39 ? 50  LYS A NZ  1 
ATOM   411  N N   . GLU A 1 51  ? 9.309   -2.001  -3.890  1.00 11.02 ? 51  GLU A N   1 
ATOM   412  C CA  . GLU A 1 51  ? 8.857   -0.694  -3.520  1.00 10.54 ? 51  GLU A CA  1 
ATOM   413  C C   . GLU A 1 51  ? 10.057  0.230   -3.520  1.00 7.38  ? 51  GLU A C   1 
ATOM   414  O O   . GLU A 1 51  ? 11.087  -0.101  -2.897  1.00 12.50 ? 51  GLU A O   1 
ATOM   415  C CB  . GLU A 1 51  ? 8.228   -0.859  -2.110  1.00 19.93 ? 51  GLU A CB  1 
ATOM   416  C CG  . GLU A 1 51  ? 7.794   0.468   -1.455  1.00 24.83 ? 51  GLU A CG  1 
ATOM   417  C CD  . GLU A 1 51  ? 7.275   0.232   -0.060  1.00 26.10 ? 51  GLU A CD  1 
ATOM   418  O OE1 . GLU A 1 51  ? 6.590   -0.736  0.249   1.00 19.98 ? 51  GLU A OE1 1 
ATOM   419  O OE2 . GLU A 1 51  ? 7.644   1.165   0.785   1.00 18.80 ? 51  GLU A OE2 1 
ATOM   420  N N   . SER A 1 52  ? 9.908   1.360   -4.206  1.00 7.64  ? 52  SER A N   1 
ATOM   421  C CA  . SER A 1 52  ? 11.017  2.309   -4.262  1.00 11.19 ? 52  SER A CA  1 
ATOM   422  C C   . SER A 1 52  ? 10.467  3.698   -4.024  1.00 16.33 ? 52  SER A C   1 
ATOM   423  O O   . SER A 1 52  ? 9.496   4.136   -4.668  1.00 14.87 ? 52  SER A O   1 
ATOM   424  C CB  . SER A 1 52  ? 11.686  2.180   -5.630  1.00 16.95 ? 52  SER A CB  1 
ATOM   425  O OG  . SER A 1 52  ? 12.695  3.137   -5.808  1.00 27.05 ? 52  SER A OG  1 
ATOM   426  N N   . SER A 1 53  ? 11.074  4.407   -3.056  1.00 11.08 ? 53  SER A N   1 
ATOM   427  C CA  . SER A 1 53  ? 10.575  5.755   -2.782  1.00 10.16 ? 53  SER A CA  1 
ATOM   428  C C   . SER A 1 53  ? 11.705  6.626   -2.245  1.00 11.54 ? 53  SER A C   1 
ATOM   429  O O   . SER A 1 53  ? 12.810  6.110   -2.063  1.00 12.31 ? 53  SER A O   1 
ATOM   430  C CB  . SER A 1 53  ? 9.448   5.755   -1.747  1.00 13.86 ? 53  SER A CB  1 
ATOM   431  O OG  . SER A 1 53  ? 9.979   5.387   -0.479  1.00 12.83 ? 53  SER A OG  1 
ATOM   432  N N   . ASN A 1 54  ? 11.368  7.887   -1.934  1.00 9.25  ? 54  ASN A N   1 
ATOM   433  C CA  . ASN A 1 54  ? 12.390  8.771   -1.369  1.00 13.71 ? 54  ASN A CA  1 
ATOM   434  C C   . ASN A 1 54  ? 12.882  8.243   -0.036  1.00 18.63 ? 54  ASN A C   1 
ATOM   435  O O   . ASN A 1 54  ? 14.008  8.533   0.366   1.00 17.36 ? 54  ASN A O   1 
ATOM   436  C CB  . ASN A 1 54  ? 11.974  10.232  -1.197  1.00 10.61 ? 54  ASN A CB  1 
ATOM   437  C CG  . ASN A 1 54  ? 11.709  11.000  -2.463  1.00 13.86 ? 54  ASN A CG  1 
ATOM   438  O OD1 . ASN A 1 54  ? 12.282  10.694  -3.511  1.00 15.15 ? 54  ASN A OD1 1 
ATOM   439  N ND2 . ASN A 1 54  ? 10.815  11.985  -2.381  1.00 18.89 ? 54  ASN A ND2 1 
ATOM   440  N N   . PHE A 1 55  ? 12.051  7.448   0.652   1.00 13.09 ? 55  PHE A N   1 
ATOM   441  C CA  . PHE A 1 55  ? 12.392  6.877   1.955   1.00 12.58 ? 55  PHE A CA  1 
ATOM   442  C C   . PHE A 1 55  ? 13.228  5.618   1.943   1.00 17.30 ? 55  PHE A C   1 
ATOM   443  O O   . PHE A 1 55  ? 14.113  5.412   2.779   1.00 16.93 ? 55  PHE A O   1 
ATOM   444  C CB  . PHE A 1 55  ? 11.113  6.523   2.761   1.00 12.61 ? 55  PHE A CB  1 
ATOM   445  C CG  . PHE A 1 55  ? 10.200  7.687   3.014   1.00 18.32 ? 55  PHE A CG  1 
ATOM   446  C CD1 . PHE A 1 55  ? 10.511  8.616   4.006   1.00 30.06 ? 55  PHE A CD1 1 
ATOM   447  C CD2 . PHE A 1 55  ? 9.020   7.890   2.308   1.00 21.61 ? 55  PHE A CD2 1 
ATOM   448  C CE1 . PHE A 1 55  ? 9.693   9.711   4.277   1.00 33.67 ? 55  PHE A CE1 1 
ATOM   449  C CE2 . PHE A 1 55  ? 8.187   8.981   2.558   1.00 28.00 ? 55  PHE A CE2 1 
ATOM   450  C CZ  . PHE A 1 55  ? 8.521   9.904   3.548   1.00 32.87 ? 55  PHE A CZ  1 
ATOM   451  N N   . ARG A 1 56  ? 12.981  4.725   0.994   1.00 14.41 ? 56  ARG A N   1 
ATOM   452  C CA  . ARG A 1 56  ? 13.730  3.480   0.994   1.00 13.80 ? 56  ARG A CA  1 
ATOM   453  C C   . ARG A 1 56  ? 13.454  2.693   -0.285  1.00 11.71 ? 56  ARG A C   1 
ATOM   454  O O   . ARG A 1 56  ? 12.666  3.086   -1.142  1.00 15.86 ? 56  ARG A O   1 
ATOM   455  C CB  . ARG A 1 56  ? 13.274  2.588   2.156   1.00 14.54 ? 56  ARG A CB  1 
ATOM   456  C CG  . ARG A 1 56  ? 11.745  2.464   2.226   1.00 15.04 ? 56  ARG A CG  1 
ATOM   457  C CD  . ARG A 1 56  ? 11.207  1.492   3.264   1.00 15.01 ? 56  ARG A CD  1 
ATOM   458  N NE  . ARG A 1 56  ? 9.753   1.243   3.114   1.00 18.43 ? 56  ARG A NE  1 
ATOM   459  C CZ  . ARG A 1 56  ? 9.028   0.504   3.966   1.00 16.21 ? 56  ARG A CZ  1 
ATOM   460  N NH1 . ARG A 1 56  ? 9.583   -0.049  5.042   1.00 15.56 ? 56  ARG A NH1 1 
ATOM   461  N NH2 . ARG A 1 56  ? 7.717   0.316   3.752   1.00 12.43 ? 56  ARG A NH2 1 
ATOM   462  N N   . ASN A 1 57  ? 14.082  1.550   -0.336  1.00 11.52 ? 57  ASN A N   1 
ATOM   463  C CA  . ASN A 1 57  ? 13.946  0.658   -1.473  1.00 13.58 ? 57  ASN A CA  1 
ATOM   464  C C   . ASN A 1 57  ? 13.974  -0.743  -0.918  1.00 19.21 ? 57  ASN A C   1 
ATOM   465  O O   . ASN A 1 57  ? 15.012  -1.216  -0.474  1.00 22.04 ? 57  ASN A O   1 
ATOM   466  C CB  . ASN A 1 57  ? 15.129  0.817   -2.454  1.00 13.86 ? 57  ASN A CB  1 
ATOM   467  C CG  . ASN A 1 57  ? 15.028  2.141   -3.168  1.00 23.64 ? 57  ASN A CG  1 
ATOM   468  O OD1 . ASN A 1 57  ? 15.648  3.142   -2.771  1.00 35.60 ? 57  ASN A OD1 1 
ATOM   469  N ND2 . ASN A 1 57  ? 14.254  2.172   -4.234  1.00 30.32 ? 57  ASN A ND2 1 
ATOM   470  N N   . ILE A 1 58  ? 12.834  -1.430  -0.968  1.00 14.74 ? 58  ILE A N   1 
ATOM   471  C CA  . ILE A 1 58  ? 12.794  -2.774  -0.436  1.00 12.10 ? 58  ILE A CA  1 
ATOM   472  C C   . ILE A 1 58  ? 11.871  -3.658  -1.251  1.00 14.16 ? 58  ILE A C   1 
ATOM   473  O O   . ILE A 1 58  ? 11.004  -3.163  -1.975  1.00 16.53 ? 58  ILE A O   1 
ATOM   474  C CB  . ILE A 1 58  ? 12.163  -2.722  0.951   1.00 21.67 ? 58  ILE A CB  1 
ATOM   475  C CG1 . ILE A 1 58  ? 10.761  -2.123  0.879   1.00 22.19 ? 58  ILE A CG1 1 
ATOM   476  C CG2 . ILE A 1 58  ? 13.001  -1.802  1.824   1.00 24.70 ? 58  ILE A CG2 1 
ATOM   477  C CD1 . ILE A 1 58  ? 9.897   -2.382  2.119   1.00 29.67 ? 58  ILE A CD1 1 
ATOM   478  N N   . ASP A 1 59  ? 12.105  -4.955  -1.065  1.00 11.77 ? 59  ASP A N   1 
ATOM   479  C CA  . ASP A 1 59  ? 11.278  -5.950  -1.716  1.00 13.18 ? 59  ASP A CA  1 
ATOM   480  C C   . ASP A 1 59  ? 10.233  -6.459  -0.711  1.00 15.99 ? 59  ASP A C   1 
ATOM   481  O O   . ASP A 1 59  ? 10.509  -6.642  0.497   1.00 14.65 ? 59  ASP A O   1 
ATOM   482  C CB  . ASP A 1 59  ? 12.130  -7.157  -2.123  1.00 16.74 ? 59  ASP A CB  1 
ATOM   483  C CG  . ASP A 1 59  ? 12.996  -6.925  -3.336  1.00 22.84 ? 59  ASP A CG  1 
ATOM   484  O OD1 . ASP A 1 59  ? 13.063  -5.671  -3.717  1.00 22.36 ? 59  ASP A OD1 1 
ATOM   485  O OD2 . ASP A 1 59  ? 13.565  -7.844  -3.892  1.00 28.61 ? 59  ASP A OD2 1 
ATOM   486  N N   . VAL A 1 60  ? 9.026   -6.675  -1.208  1.00 11.32 ? 60  VAL A N   1 
ATOM   487  C CA  . VAL A 1 60  ? 7.942   -7.213  -0.389  1.00 9.90  ? 60  VAL A CA  1 
ATOM   488  C C   . VAL A 1 60  ? 7.512   -8.476  -1.132  1.00 11.94 ? 60  VAL A C   1 
ATOM   489  O O   . VAL A 1 60  ? 7.115   -8.417  -2.298  1.00 17.31 ? 60  VAL A O   1 
ATOM   490  C CB  . VAL A 1 60  ? 6.763   -6.274  -0.273  1.00 14.85 ? 60  VAL A CB  1 
ATOM   491  C CG1 . VAL A 1 60  ? 5.813   -6.787  0.802   1.00 18.58 ? 60  VAL A CG1 1 
ATOM   492  C CG2 . VAL A 1 60  ? 7.188   -4.850  0.072   1.00 20.16 ? 60  VAL A CG2 1 
ATOM   493  N N   . VAL A 1 61  ? 7.597   -9.625  -0.492  1.00 11.02 ? 61  VAL A N   1 
ATOM   494  C CA  . VAL A 1 61  ? 7.163   -10.866 -1.097  1.00 8.98  ? 61  VAL A CA  1 
ATOM   495  C C   . VAL A 1 61  ? 5.999   -11.483 -0.315  1.00 13.44 ? 61  VAL A C   1 
ATOM   496  O O   . VAL A 1 61  ? 6.057   -11.614 0.914   1.00 11.50 ? 61  VAL A O   1 
ATOM   497  C CB  . VAL A 1 61  ? 8.341   -11.837 -1.056  1.00 15.08 ? 61  VAL A CB  1 
ATOM   498  C CG1 . VAL A 1 61  ? 7.945   -13.219 -1.585  1.00 13.97 ? 61  VAL A CG1 1 
ATOM   499  C CG2 . VAL A 1 61  ? 9.498   -11.220 -1.842  1.00 16.22 ? 61  VAL A CG2 1 
ATOM   500  N N   . PHE A 1 62  ? 4.938   -11.872 -0.976  1.00 10.66 ? 62  PHE A N   1 
ATOM   501  C CA  . PHE A 1 62  ? 3.836   -12.522 -0.311  1.00 13.50 ? 62  PHE A CA  1 
ATOM   502  C C   . PHE A 1 62  ? 3.143   -13.614 -1.140  1.00 15.13 ? 62  PHE A C   1 
ATOM   503  O O   . PHE A 1 62  ? 3.155   -13.584 -2.363  1.00 11.09 ? 62  PHE A O   1 
ATOM   504  C CB  . PHE A 1 62  ? 2.790   -11.510 0.168   1.00 11.27 ? 62  PHE A CB  1 
ATOM   505  C CG  . PHE A 1 62  ? 2.174   -10.646 -0.865  1.00 6.88  ? 62  PHE A CG  1 
ATOM   506  C CD1 . PHE A 1 62  ? 1.028   -11.096 -1.524  1.00 12.11 ? 62  PHE A CD1 1 
ATOM   507  C CD2 . PHE A 1 62  ? 2.680   -9.390  -1.177  1.00 9.83  ? 62  PHE A CD2 1 
ATOM   508  C CE1 . PHE A 1 62  ? 0.401   -10.277 -2.455  1.00 15.20 ? 62  PHE A CE1 1 
ATOM   509  C CE2 . PHE A 1 62  ? 2.064   -8.556  -2.102  1.00 11.45 ? 62  PHE A CE2 1 
ATOM   510  C CZ  . PHE A 1 62  ? 0.918   -9.014  -2.749  1.00 9.69  ? 62  PHE A CZ  1 
ATOM   511  N N   . GLU A 1 63  ? 2.546   -14.603 -0.466  1.00 11.33 ? 63  GLU A N   1 
ATOM   512  C CA  . GLU A 1 63  ? 1.802   -15.660 -1.108  1.00 7.45  ? 63  GLU A CA  1 
ATOM   513  C C   . GLU A 1 63  ? 0.333   -15.356 -0.803  1.00 12.21 ? 63  GLU A C   1 
ATOM   514  O O   . GLU A 1 63  ? -0.001  -15.049 0.357   1.00 12.95 ? 63  GLU A O   1 
ATOM   515  C CB  . GLU A 1 63  ? 2.194   -17.031 -0.525  1.00 12.18 ? 63  GLU A CB  1 
ATOM   516  C CG  . GLU A 1 63  ? 1.376   -18.110 -1.245  1.00 24.60 ? 63  GLU A CG  1 
ATOM   517  C CD  . GLU A 1 63  ? 1.756   -19.524 -0.877  1.00 32.81 ? 63  GLU A CD  1 
ATOM   518  O OE1 . GLU A 1 63  ? 2.900   -19.671 -0.252  1.00 29.64 ? 63  GLU A OE1 1 
ATOM   519  O OE2 . GLU A 1 63  ? 1.026   -20.455 -1.166  1.00 38.53 ? 63  GLU A OE2 1 
ATOM   520  N N   . LEU A 1 64  ? -0.567  -15.386 -1.784  1.00 10.14 ? 64  LEU A N   1 
ATOM   521  C CA  . LEU A 1 64  ? -1.968  -15.081 -1.504  1.00 11.69 ? 64  LEU A CA  1 
ATOM   522  C C   . LEU A 1 64  ? -2.541  -15.928 -0.360  1.00 13.76 ? 64  LEU A C   1 
ATOM   523  O O   . LEU A 1 64  ? -2.266  -17.134 -0.293  1.00 14.38 ? 64  LEU A O   1 
ATOM   524  C CB  . LEU A 1 64  ? -2.812  -15.314 -2.781  1.00 16.38 ? 64  LEU A CB  1 
ATOM   525  C CG  . LEU A 1 64  ? -2.546  -14.324 -3.916  1.00 16.13 ? 64  LEU A CG  1 
ATOM   526  C CD1 . LEU A 1 64  ? -3.511  -14.663 -5.054  1.00 18.92 ? 64  LEU A CD1 1 
ATOM   527  C CD2 . LEU A 1 64  ? -2.854  -12.906 -3.446  1.00 18.26 ? 64  LEU A CD2 1 
ATOM   528  N N   . GLY A 1 65  ? -3.313  -15.335 0.560   1.00 11.37 ? 65  GLY A N   1 
ATOM   529  C CA  . GLY A 1 65  ? -3.881  -16.149 1.643   1.00 13.81 ? 65  GLY A CA  1 
ATOM   530  C C   . GLY A 1 65  ? -2.952  -16.582 2.781   1.00 17.62 ? 65  GLY A C   1 
ATOM   531  O O   . GLY A 1 65  ? -3.373  -17.255 3.719   1.00 17.84 ? 65  GLY A O   1 
ATOM   532  N N   . VAL A 1 66  ? -1.663  -16.222 2.764   1.00 11.82 ? 66  VAL A N   1 
ATOM   533  C CA  . VAL A 1 66  ? -0.722  -16.596 3.797   1.00 9.54  ? 66  VAL A CA  1 
ATOM   534  C C   . VAL A 1 66  ? -0.300  -15.315 4.511   1.00 11.45 ? 66  VAL A C   1 
ATOM   535  O O   . VAL A 1 66  ? 0.122   -14.368 3.849   1.00 13.14 ? 66  VAL A O   1 
ATOM   536  C CB  . VAL A 1 66  ? 0.458   -17.310 3.166   1.00 8.76  ? 66  VAL A CB  1 
ATOM   537  C CG1 . VAL A 1 66  ? 1.440   -17.762 4.219   1.00 11.14 ? 66  VAL A CG1 1 
ATOM   538  C CG2 . VAL A 1 66  ? -0.031  -18.550 2.423   1.00 13.00 ? 66  VAL A CG2 1 
ATOM   539  N N   . ASP A 1 67  ? -0.395  -15.217 5.847   1.00 11.99 ? 67  ASP A N   1 
ATOM   540  C CA  . ASP A 1 67  ? 0.002   -13.949 6.412   1.00 13.59 ? 67  ASP A CA  1 
ATOM   541  C C   . ASP A 1 67  ? 1.472   -13.705 6.423   1.00 13.84 ? 67  ASP A C   1 
ATOM   542  O O   . ASP A 1 67  ? 2.282   -14.617 6.438   1.00 10.30 ? 67  ASP A O   1 
ATOM   543  C CB  . ASP A 1 67  ? -0.606  -13.485 7.722   1.00 31.21 ? 67  ASP A CB  1 
ATOM   544  C CG  . ASP A 1 67  ? -0.904  -14.724 8.454   1.00 41.63 ? 67  ASP A CG  1 
ATOM   545  O OD1 . ASP A 1 67  ? 0.192   -15.433 8.605   1.00 39.56 ? 67  ASP A OD1 1 
ATOM   546  O OD2 . ASP A 1 67  ? -2.044  -15.002 8.803   1.00 46.76 ? 67  ASP A OD2 1 
ATOM   547  N N   . PHE A 1 68  ? 1.760   -12.416 6.427   1.00 12.17 ? 68  PHE A N   1 
ATOM   548  C CA  . PHE A 1 68  ? 3.154   -12.004 6.391   1.00 13.17 ? 68  PHE A CA  1 
ATOM   549  C C   . PHE A 1 68  ? 3.267   -10.703 7.165   1.00 15.25 ? 68  PHE A C   1 
ATOM   550  O O   . PHE A 1 68  ? 2.230   -10.114 7.506   1.00 15.85 ? 68  PHE A O   1 
ATOM   551  C CB  . PHE A 1 68  ? 3.595   -11.867 4.902   1.00 8.22  ? 68  PHE A CB  1 
ATOM   552  C CG  . PHE A 1 68  ? 2.940   -10.738 4.173   1.00 10.34 ? 68  PHE A CG  1 
ATOM   553  C CD1 . PHE A 1 68  ? 1.636   -10.812 3.689   1.00 10.52 ? 68  PHE A CD1 1 
ATOM   554  C CD2 . PHE A 1 68  ? 3.637   -9.563  3.891   1.00 12.32 ? 68  PHE A CD2 1 
ATOM   555  C CE1 . PHE A 1 68  ? 1.055   -9.732  3.031   1.00 12.76 ? 68  PHE A CE1 1 
ATOM   556  C CE2 . PHE A 1 68  ? 3.077   -8.468  3.232   1.00 8.98  ? 68  PHE A CE2 1 
ATOM   557  C CZ  . PHE A 1 68  ? 1.757   -8.552  2.794   1.00 13.99 ? 68  PHE A CZ  1 
ATOM   558  N N   . ALA A 1 69  ? 4.498   -10.252 7.439   1.00 13.28 ? 69  ALA A N   1 
ATOM   559  C CA  . ALA A 1 69  ? 4.682   -8.997  8.177   1.00 13.15 ? 69  ALA A CA  1 
ATOM   560  C C   . ALA A 1 69  ? 5.249   -7.900  7.281   1.00 13.98 ? 69  ALA A C   1 
ATOM   561  O O   . ALA A 1 69  ? 6.133   -8.157  6.459   1.00 14.85 ? 69  ALA A O   1 
ATOM   562  C CB  . ALA A 1 69  ? 5.694   -9.265  9.278   1.00 16.15 ? 69  ALA A CB  1 
ATOM   563  N N   . TYR A 1 70  ? 4.776   -6.675  7.423   1.00 11.61 ? 70  TYR A N   1 
ATOM   564  C CA  . TYR A 1 70  ? 5.289   -5.593  6.627   1.00 11.14 ? 70  TYR A CA  1 
ATOM   565  C C   . TYR A 1 70  ? 5.441   -4.349  7.502   1.00 16.32 ? 70  TYR A C   1 
ATOM   566  O O   . TYR A 1 70  ? 4.582   -4.048  8.308   1.00 16.18 ? 70  TYR A O   1 
ATOM   567  C CB  . TYR A 1 70  ? 4.283   -5.300  5.508   1.00 11.94 ? 70  TYR A CB  1 
ATOM   568  C CG  . TYR A 1 70  ? 4.519   -4.011  4.739   1.00 13.89 ? 70  TYR A CG  1 
ATOM   569  C CD1 . TYR A 1 70  ? 5.457   -3.933  3.712   1.00 13.31 ? 70  TYR A CD1 1 
ATOM   570  C CD2 . TYR A 1 70  ? 3.758   -2.877  5.019   1.00 11.12 ? 70  TYR A CD2 1 
ATOM   571  C CE1 . TYR A 1 70  ? 5.659   -2.752  3.000   1.00 13.10 ? 70  TYR A CE1 1 
ATOM   572  C CE2 . TYR A 1 70  ? 3.947   -1.691  4.319   1.00 12.58 ? 70  TYR A CE2 1 
ATOM   573  C CZ  . TYR A 1 70  ? 4.903   -1.618  3.307   1.00 11.10 ? 70  TYR A CZ  1 
ATOM   574  O OH  . TYR A 1 70  ? 5.054   -0.429  2.616   1.00 11.89 ? 70  TYR A OH  1 
ATOM   575  N N   . SER A 1 71  ? 6.524   -3.595  7.377   1.00 15.81 ? 71  SER A N   1 
ATOM   576  C CA  . SER A 1 71  ? 6.696   -2.379  8.163   1.00 15.71 ? 71  SER A CA  1 
ATOM   577  C C   . SER A 1 71  ? 6.653   -1.137  7.315   1.00 14.10 ? 71  SER A C   1 
ATOM   578  O O   . SER A 1 71  ? 7.159   -1.094  6.190   1.00 15.75 ? 71  SER A O   1 
ATOM   579  C CB  . SER A 1 71  ? 8.084   -2.271  8.784   1.00 27.31 ? 71  SER A CB  1 
ATOM   580  O OG  . SER A 1 71  ? 8.292   -3.367  9.648   1.00 34.95 ? 71  SER A OG  1 
ATOM   581  N N   . LEU A 1 72  ? 6.062   -0.105  7.866   1.00 12.76 ? 72  LEU A N   1 
ATOM   582  C CA  . LEU A 1 72  ? 5.993   1.182   7.207   1.00 20.39 ? 72  LEU A CA  1 
ATOM   583  C C   . LEU A 1 72  ? 7.368   1.844   7.318   1.00 19.43 ? 72  LEU A C   1 
ATOM   584  O O   . LEU A 1 72  ? 8.193   1.403   8.099   1.00 17.61 ? 72  LEU A O   1 
ATOM   585  C CB  . LEU A 1 72  ? 4.998   2.126   7.881   1.00 24.58 ? 72  LEU A CB  1 
ATOM   586  C CG  . LEU A 1 72  ? 3.615   1.525   7.986   1.00 32.40 ? 72  LEU A CG  1 
ATOM   587  C CD1 . LEU A 1 72  ? 2.641   2.656   8.335   1.00 31.83 ? 72  LEU A CD1 1 
ATOM   588  C CD2 . LEU A 1 72  ? 3.309   0.843   6.649   1.00 38.62 ? 72  LEU A CD2 1 
ATOM   589  N N   . ALA A 1 73  ? 7.591   2.892   6.530   1.00 27.46 ? 73  ALA A N   1 
ATOM   590  C CA  . ALA A 1 73  ? 8.837   3.641   6.452   1.00 26.48 ? 73  ALA A CA  1 
ATOM   591  C C   . ALA A 1 73  ? 9.280   4.137   7.809   1.00 28.45 ? 73  ALA A C   1 
ATOM   592  O O   . ALA A 1 73  ? 10.478  4.216   8.120   1.00 28.98 ? 73  ALA A O   1 
ATOM   593  C CB  . ALA A 1 73  ? 8.614   4.841   5.551   1.00 24.83 ? 73  ALA A CB  1 
ATOM   594  N N   . ASP A 1 74  ? 8.274   4.456   8.609   1.00 25.19 ? 74  ASP A N   1 
ATOM   595  C CA  . ASP A 1 74  ? 8.514   4.942   9.960   1.00 28.72 ? 74  ASP A CA  1 
ATOM   596  C C   . ASP A 1 74  ? 8.716   3.866   11.002  1.00 27.08 ? 74  ASP A C   1 
ATOM   597  O O   . ASP A 1 74  ? 8.783   4.210   12.161  1.00 29.17 ? 74  ASP A O   1 
ATOM   598  C CB  . ASP A 1 74  ? 7.420   5.885   10.514  1.00 26.60 ? 74  ASP A CB  1 
ATOM   599  C CG  . ASP A 1 74  ? 6.150   5.204   10.919  1.00 36.67 ? 74  ASP A CG  1 
ATOM   600  O OD1 . ASP A 1 74  ? 6.040   3.995   10.446  1.00 38.54 ? 74  ASP A OD1 1 
ATOM   601  O OD2 . ASP A 1 74  ? 5.276   5.716   11.604  1.00 44.07 ? 74  ASP A OD2 1 
ATOM   602  N N   . GLY A 1 75  ? 8.757   2.592   10.637  1.00 23.33 ? 75  GLY A N   1 
ATOM   603  C CA  . GLY A 1 75  ? 8.906   1.538   11.603  1.00 17.88 ? 75  GLY A CA  1 
ATOM   604  C C   . GLY A 1 75  ? 7.606   0.895   12.140  1.00 12.76 ? 75  GLY A C   1 
ATOM   605  O O   . GLY A 1 75  ? 7.743   -0.147  12.777  1.00 20.32 ? 75  GLY A O   1 
ATOM   606  N N   . THR A 1 76  ? 6.390   1.443   11.933  1.00 15.82 ? 76  THR A N   1 
ATOM   607  C CA  . THR A 1 76  ? 5.109   0.864   12.419  1.00 13.62 ? 76  THR A CA  1 
ATOM   608  C C   . THR A 1 76  ? 4.906   -0.498  11.797  1.00 13.47 ? 76  THR A C   1 
ATOM   609  O O   . THR A 1 76  ? 4.930   -0.632  10.557  1.00 16.89 ? 76  THR A O   1 
ATOM   610  C CB  . THR A 1 76  ? 3.955   1.763   12.002  1.00 18.26 ? 76  THR A CB  1 
ATOM   611  O OG1 . THR A 1 76  ? 4.120   2.988   12.671  1.00 24.27 ? 76  THR A OG1 1 
ATOM   612  C CG2 . THR A 1 76  ? 2.589   1.168   12.297  1.00 22.20 ? 76  THR A CG2 1 
ATOM   613  N N   . GLU A 1 77  ? 4.797   -1.526  12.624  1.00 10.48 ? 77  GLU A N   1 
ATOM   614  C CA  . GLU A 1 77  ? 4.655   -2.891  12.094  1.00 13.48 ? 77  GLU A CA  1 
ATOM   615  C C   . GLU A 1 77  ? 3.218   -3.391  11.888  1.00 18.19 ? 77  GLU A C   1 
ATOM   616  O O   . GLU A 1 77  ? 2.353   -3.140  12.731  1.00 12.95 ? 77  GLU A O   1 
ATOM   617  C CB  . GLU A 1 77  ? 5.526   -3.876  12.884  1.00 17.63 ? 77  GLU A CB  1 
ATOM   618  C CG  . GLU A 1 77  ? 7.008   -3.573  12.612  1.00 32.72 ? 77  GLU A CG  1 
ATOM   619  C CD  . GLU A 1 77  ? 7.977   -4.056  13.654  1.00 47.25 ? 77  GLU A CD  1 
ATOM   620  O OE1 . GLU A 1 77  ? 7.660   -4.404  14.795  1.00 50.33 ? 77  GLU A OE1 1 
ATOM   621  O OE2 . GLU A 1 77  ? 9.201   -4.050  13.179  1.00 50.89 ? 77  GLU A OE2 1 
ATOM   622  N N   . LEU A 1 78  ? 2.961   -4.085  10.765  1.00 14.44 ? 78  LEU A N   1 
ATOM   623  C CA  . LEU A 1 78  ? 1.630   -4.605  10.459  1.00 11.92 ? 78  LEU A CA  1 
ATOM   624  C C   . LEU A 1 78  ? 1.795   -6.086  10.150  1.00 13.27 ? 78  LEU A C   1 
ATOM   625  O O   . LEU A 1 78  ? 2.887   -6.557  9.777   1.00 12.20 ? 78  LEU A O   1 
ATOM   626  C CB  . LEU A 1 78  ? 1.090   -4.038  9.096   1.00 13.27 ? 78  LEU A CB  1 
ATOM   627  C CG  . LEU A 1 78  ? 1.185   -2.540  8.866   1.00 18.64 ? 78  LEU A CG  1 
ATOM   628  C CD1 . LEU A 1 78  ? 0.521   -2.229  7.544   1.00 23.80 ? 78  LEU A CD1 1 
ATOM   629  C CD2 . LEU A 1 78  ? 0.343   -1.858  9.912   1.00 26.04 ? 78  LEU A CD2 1 
ATOM   630  N N   . THR A 1 79  ? 0.708   -6.844  10.266  1.00 12.15 ? 79  THR A N   1 
ATOM   631  C CA  . THR A 1 79  ? 0.740   -8.254  9.870   1.00 11.89 ? 79  THR A CA  1 
ATOM   632  C C   . THR A 1 79  ? -0.596  -8.477  9.164   1.00 13.59 ? 79  THR A C   1 
ATOM   633  O O   . THR A 1 79  ? -1.618  -7.873  9.532   1.00 10.70 ? 79  THR A O   1 
ATOM   634  C CB  . THR A 1 79  ? 0.948   -9.322  10.936  1.00 17.45 ? 79  THR A CB  1 
ATOM   635  O OG1 . THR A 1 79  ? -0.051  -9.060  11.902  1.00 22.38 ? 79  THR A OG1 1 
ATOM   636  C CG2 . THR A 1 79  ? 2.327   -9.157  11.546  1.00 19.62 ? 79  THR A CG2 1 
ATOM   637  N N   . GLY A 1 80  ? -0.616  -9.315  8.119   1.00 15.14 ? 80  GLY A N   1 
ATOM   638  C CA  . GLY A 1 80  ? -1.914  -9.504  7.472   1.00 13.80 ? 80  GLY A CA  1 
ATOM   639  C C   . GLY A 1 80  ? -1.759  -10.396 6.248   1.00 13.86 ? 80  GLY A C   1 
ATOM   640  O O   . GLY A 1 80  ? -0.753  -11.078 6.076   1.00 13.31 ? 80  GLY A O   1 
ATOM   641  N N   . THR A 1 81  ? -2.798  -10.368 5.417   1.00 12.96 ? 81  THR A N   1 
ATOM   642  C CA  . THR A 1 81  ? -2.805  -11.175 4.203   1.00 17.04 ? 81  THR A CA  1 
ATOM   643  C C   . THR A 1 81  ? -3.518  -10.437 3.086   1.00 13.19 ? 81  THR A C   1 
ATOM   644  O O   . THR A 1 81  ? -4.414  -9.614  3.257   1.00 15.48 ? 81  THR A O   1 
ATOM   645  C CB  . THR A 1 81  ? -3.616  -12.507 4.366   1.00 19.20 ? 81  THR A CB  1 
ATOM   646  O OG1 . THR A 1 81  ? -4.950  -12.110 4.575   1.00 28.35 ? 81  THR A OG1 1 
ATOM   647  C CG2 . THR A 1 81  ? -3.197  -13.292 5.597   1.00 15.19 ? 81  THR A CG2 1 
ATOM   648  N N   . TRP A 1 82  ? -3.114  -10.798 1.886   1.00 11.83 ? 82  TRP A N   1 
ATOM   649  C CA  . TRP A 1 82  ? -3.753  -10.289 0.709   1.00 11.74 ? 82  TRP A CA  1 
ATOM   650  C C   . TRP A 1 82  ? -4.481  -11.511 0.103   1.00 10.30 ? 82  TRP A C   1 
ATOM   651  O O   . TRP A 1 82  ? -3.960  -12.651 0.086   1.00 12.54 ? 82  TRP A O   1 
ATOM   652  C CB  . TRP A 1 82  ? -2.699  -9.884  -0.370  1.00 14.58 ? 82  TRP A CB  1 
ATOM   653  C CG  . TRP A 1 82  ? -2.019  -8.546  -0.236  1.00 12.51 ? 82  TRP A CG  1 
ATOM   654  C CD1 . TRP A 1 82  ? -0.728  -8.343  0.132   1.00 9.61  ? 82  TRP A CD1 1 
ATOM   655  C CD2 . TRP A 1 82  ? -2.592  -7.249  -0.495  1.00 8.11  ? 82  TRP A CD2 1 
ATOM   656  N NE1 . TRP A 1 82  ? -0.507  -6.981  0.141   1.00 8.53  ? 82  TRP A NE1 1 
ATOM   657  C CE2 . TRP A 1 82  ? -1.603  -6.288  -0.239  1.00 7.35  ? 82  TRP A CE2 1 
ATOM   658  C CE3 . TRP A 1 82  ? -3.846  -6.809  -0.916  1.00 13.87 ? 82  TRP A CE3 1 
ATOM   659  C CZ2 . TRP A 1 82  ? -1.834  -4.928  -0.434  1.00 7.04  ? 82  TRP A CZ2 1 
ATOM   660  C CZ3 . TRP A 1 82  ? -4.110  -5.463  -1.105  1.00 12.13 ? 82  TRP A CZ3 1 
ATOM   661  C CH2 . TRP A 1 82  ? -3.090  -4.542  -0.847  1.00 7.16  ? 82  TRP A CH2 1 
ATOM   662  N N   . THR A 1 83  ? -5.649  -11.244 -0.477  1.00 11.02 ? 83  THR A N   1 
ATOM   663  C CA  . THR A 1 83  ? -6.330  -12.345 -1.160  1.00 16.56 ? 83  THR A CA  1 
ATOM   664  C C   . THR A 1 83  ? -6.925  -11.805 -2.438  1.00 16.88 ? 83  THR A C   1 
ATOM   665  O O   . THR A 1 83  ? -7.210  -10.613 -2.512  1.00 14.43 ? 83  THR A O   1 
ATOM   666  C CB  . THR A 1 83  ? -7.480  -12.955 -0.340  1.00 21.94 ? 83  THR A CB  1 
ATOM   667  O OG1 . THR A 1 83  ? -8.358  -11.915 0.068   1.00 29.88 ? 83  THR A OG1 1 
ATOM   668  C CG2 . THR A 1 83  ? -6.909  -13.700 0.853   1.00 18.21 ? 83  THR A CG2 1 
ATOM   669  N N   . MET A 1 84  ? -7.148  -12.662 -3.449  1.00 17.73 ? 84  MET A N   1 
ATOM   670  C CA  . MET A 1 84  ? -7.756  -12.162 -4.690  1.00 15.18 ? 84  MET A CA  1 
ATOM   671  C C   . MET A 1 84  ? -9.269  -12.290 -4.620  1.00 20.93 ? 84  MET A C   1 
ATOM   672  O O   . MET A 1 84  ? -9.766  -13.407 -4.437  1.00 21.64 ? 84  MET A O   1 
ATOM   673  C CB  . MET A 1 84  ? -7.247  -12.945 -5.903  1.00 20.68 ? 84  MET A CB  1 
ATOM   674  C CG  . MET A 1 84  ? -7.840  -12.390 -7.187  1.00 31.05 ? 84  MET A CG  1 
ATOM   675  S SD  . MET A 1 84  ? -6.835  -11.092 -7.956  1.00 45.74 ? 84  MET A SD  1 
ATOM   676  C CE  . MET A 1 84  ? -5.424  -12.101 -8.485  1.00 36.13 ? 84  MET A CE  1 
ATOM   677  N N   . GLU A 1 85  ? -9.975  -11.167 -4.739  1.00 20.61 ? 85  GLU A N   1 
ATOM   678  C CA  . GLU A 1 85  ? -11.431 -11.157 -4.697  1.00 28.00 ? 85  GLU A CA  1 
ATOM   679  C C   . GLU A 1 85  ? -11.927 -10.636 -6.003  1.00 37.90 ? 85  GLU A C   1 
ATOM   680  O O   . GLU A 1 85  ? -11.864 -9.428  -6.213  1.00 35.05 ? 85  GLU A O   1 
ATOM   681  C CB  . GLU A 1 85  ? -12.086 -10.128 -3.783  1.00 37.40 ? 85  GLU A CB  1 
ATOM   682  C CG  . GLU A 1 85  ? -12.804 -10.771 -2.603  1.00 55.76 ? 85  GLU A CG  1 
ATOM   683  C CD  . GLU A 1 85  ? -11.791 -11.147 -1.566  1.00 71.55 ? 85  GLU A CD  1 
ATOM   684  O OE1 . GLU A 1 85  ? -10.945 -12.040 -2.024  1.00 75.79 ? 85  GLU A OE1 1 
ATOM   685  O OE2 . GLU A 1 85  ? -11.770 -10.670 -0.440  1.00 76.00 ? 85  GLU A OE2 1 
ATOM   686  N N   . GLY A 1 86  ? -12.435 -11.530 -6.842  1.00 41.03 ? 86  GLY A N   1 
ATOM   687  C CA  . GLY A 1 86  ? -12.867 -11.078 -8.129  1.00 37.13 ? 86  GLY A CA  1 
ATOM   688  C C   . GLY A 1 86  ? -11.567 -10.704 -8.814  1.00 33.94 ? 86  GLY A C   1 
ATOM   689  O O   . GLY A 1 86  ? -10.604 -11.477 -8.914  1.00 32.64 ? 86  GLY A O   1 
ATOM   690  N N   . ASN A 1 87  ? -11.567 -9.467  -9.280  1.00 36.07 ? 87  ASN A N   1 
ATOM   691  C CA  . ASN A 1 87  ? -10.426 -8.914  -9.959  1.00 41.06 ? 87  ASN A CA  1 
ATOM   692  C C   . ASN A 1 87  ? -9.532  -8.065  -9.083  1.00 32.75 ? 87  ASN A C   1 
ATOM   693  O O   . ASN A 1 87  ? -8.512  -7.560  -9.533  1.00 34.62 ? 87  ASN A O   1 
ATOM   694  C CB  . ASN A 1 87  ? -10.941 -8.066  -11.134 1.00 54.97 ? 87  ASN A CB  1 
ATOM   695  C CG  . ASN A 1 87  ? -10.869 -8.942  -12.359 1.00 69.50 ? 87  ASN A CG  1 
ATOM   696  O OD1 . ASN A 1 87  ? -9.763  -9.299  -12.817 1.00 73.37 ? 87  ASN A OD1 1 
ATOM   697  N ND2 . ASN A 1 87  ? -12.046 -9.311  -12.870 1.00 74.76 ? 87  ASN A ND2 1 
ATOM   698  N N   . LYS A 1 88  ? -9.960  -7.874  -7.849  1.00 29.79 ? 88  LYS A N   1 
ATOM   699  C CA  . LYS A 1 88  ? -9.230  -7.061  -6.903  1.00 21.15 ? 88  LYS A CA  1 
ATOM   700  C C   . LYS A 1 88  ? -8.406  -7.854  -5.919  1.00 15.57 ? 88  LYS A C   1 
ATOM   701  O O   . LYS A 1 88  ? -8.681  -9.019  -5.616  1.00 19.01 ? 88  LYS A O   1 
ATOM   702  C CB  . LYS A 1 88  ? -10.212 -6.381  -5.957  1.00 24.38 ? 88  LYS A CB  1 
ATOM   703  C CG  . LYS A 1 88  ? -11.353 -5.586  -6.567  1.00 29.57 ? 88  LYS A CG  1 
ATOM   704  C CD  . LYS A 1 88  ? -12.366 -5.191  -5.494  1.00 34.33 ? 88  LYS A CD  1 
ATOM   705  C CE  . LYS A 1 88  ? -13.064 -3.880  -5.861  1.00 43.58 ? 88  LYS A CE  1 
ATOM   706  N NZ  . LYS A 1 88  ? -14.255 -3.547  -5.051  1.00 45.75 ? 88  LYS A NZ  1 
ATOM   707  N N   . LEU A 1 89  ? -7.411  -7.141  -5.369  1.00 12.29 ? 89  LEU A N   1 
ATOM   708  C CA  . LEU A 1 89  ? -6.612  -7.707  -4.287  1.00 9.68  ? 89  LEU A CA  1 
ATOM   709  C C   . LEU A 1 89  ? -7.155  -6.985  -3.035  1.00 14.48 ? 89  LEU A C   1 
ATOM   710  O O   . LEU A 1 89  ? -7.263  -5.736  -3.048  1.00 13.52 ? 89  LEU A O   1 
ATOM   711  C CB  . LEU A 1 89  ? -5.102  -7.494  -4.436  1.00 13.24 ? 89  LEU A CB  1 
ATOM   712  C CG  . LEU A 1 89  ? -4.411  -8.422  -5.421  1.00 23.37 ? 89  LEU A CG  1 
ATOM   713  C CD1 . LEU A 1 89  ? -2.961  -7.954  -5.611  1.00 24.92 ? 89  LEU A CD1 1 
ATOM   714  C CD2 . LEU A 1 89  ? -4.370  -9.789  -4.757  1.00 28.84 ? 89  LEU A CD2 1 
ATOM   715  N N   . VAL A 1 90  ? -7.534  -7.759  -2.003  1.00 12.36 ? 90  VAL A N   1 
ATOM   716  C CA  . VAL A 1 90  ? -8.086  -7.199  -0.774  1.00 12.23 ? 90  VAL A CA  1 
ATOM   717  C C   . VAL A 1 90  ? -7.113  -7.569  0.310   1.00 15.08 ? 90  VAL A C   1 
ATOM   718  O O   . VAL A 1 90  ? -6.778  -8.753  0.376   1.00 13.10 ? 90  VAL A O   1 
ATOM   719  C CB  . VAL A 1 90  ? -9.491  -7.754  -0.522  1.00 19.73 ? 90  VAL A CB  1 
ATOM   720  C CG1 . VAL A 1 90  ? -10.011 -7.323  0.857   1.00 18.09 ? 90  VAL A CG1 1 
ATOM   721  C CG2 . VAL A 1 90  ? -10.445 -7.246  -1.609  1.00 18.45 ? 90  VAL A CG2 1 
ATOM   722  N N   . GLY A 1 91  ? -6.629  -6.552  1.050   1.00 10.67 ? 91  GLY A N   1 
ATOM   723  C CA  . GLY A 1 91  ? -5.653  -6.782  2.077   1.00 8.05  ? 91  GLY A CA  1 
ATOM   724  C C   . GLY A 1 91  ? -6.243  -6.470  3.454   1.00 9.15  ? 91  GLY A C   1 
ATOM   725  O O   . GLY A 1 91  ? -6.754  -5.375  3.690   1.00 17.35 ? 91  GLY A O   1 
ATOM   726  N N   . LYS A 1 92  ? -6.162  -7.445  4.333   1.00 8.17  ? 92  LYS A N   1 
ATOM   727  C CA  . LYS A 1 92  ? -6.667  -7.331  5.708   1.00 11.41 ? 92  LYS A CA  1 
ATOM   728  C C   . LYS A 1 92  ? -5.464  -7.351  6.626   1.00 10.04 ? 92  LYS A C   1 
ATOM   729  O O   . LYS A 1 92  ? -4.821  -8.396  6.759   1.00 9.02  ? 92  LYS A O   1 
ATOM   730  C CB  . LYS A 1 92  ? -7.631  -8.454  6.086   1.00 20.45 ? 92  LYS A CB  1 
ATOM   731  C CG  . LYS A 1 92  ? -8.887  -8.382  5.223   1.00 33.20 ? 92  LYS A CG  1 
ATOM   732  C CD  . LYS A 1 92  ? -9.754  -9.640  5.227   1.00 46.38 ? 92  LYS A CD  1 
ATOM   733  C CE  . LYS A 1 92  ? -10.978 -9.532  4.316   1.00 56.28 ? 92  LYS A CE  1 
ATOM   734  N NZ  . LYS A 1 92  ? -12.095 -10.433 4.683   1.00 60.23 ? 92  LYS A NZ  1 
ATOM   735  N N   . PHE A 1 93  ? -5.218  -6.173  7.232   1.00 11.12 ? 93  PHE A N   1 
ATOM   736  C CA  . PHE A 1 93  ? -4.069  -5.995  8.117   1.00 10.45 ? 93  PHE A CA  1 
ATOM   737  C C   . PHE A 1 93  ? -4.443  -5.468  9.511   1.00 12.23 ? 93  PHE A C   1 
ATOM   738  O O   . PHE A 1 93  ? -5.529  -4.943  9.729   1.00 11.58 ? 93  PHE A O   1 
ATOM   739  C CB  . PHE A 1 93  ? -3.098  -4.971  7.495   1.00 11.39 ? 93  PHE A CB  1 
ATOM   740  C CG  . PHE A 1 93  ? -2.528  -5.480  6.193   1.00 13.93 ? 93  PHE A CG  1 
ATOM   741  C CD1 . PHE A 1 93  ? -1.492  -6.412  6.194   1.00 12.92 ? 93  PHE A CD1 1 
ATOM   742  C CD2 . PHE A 1 93  ? -3.097  -5.027  5.001   1.00 12.96 ? 93  PHE A CD2 1 
ATOM   743  C CE1 . PHE A 1 93  ? -1.028  -6.890  4.963   1.00 20.53 ? 93  PHE A CE1 1 
ATOM   744  C CE2 . PHE A 1 93  ? -2.620  -5.467  3.766   1.00 12.87 ? 93  PHE A CE2 1 
ATOM   745  C CZ  . PHE A 1 93  ? -1.593  -6.413  3.776   1.00 13.44 ? 93  PHE A CZ  1 
ATOM   746  N N   . LYS A 1 94  ? -3.471  -5.634  10.393  1.00 9.91  ? 94  LYS A N   1 
ATOM   747  C CA  . LYS A 1 94  ? -3.585  -5.202  11.784  1.00 18.42 ? 94  LYS A CA  1 
ATOM   748  C C   . LYS A 1 94  ? -2.254  -4.589  12.209  1.00 17.45 ? 94  LYS A C   1 
ATOM   749  O O   . LYS A 1 94  ? -1.211  -5.161  11.893  1.00 12.21 ? 94  LYS A O   1 
ATOM   750  C CB  . LYS A 1 94  ? -3.644  -6.476  12.635  1.00 28.45 ? 94  LYS A CB  1 
ATOM   751  C CG  . LYS A 1 94  ? -4.671  -6.506  13.747  1.00 44.10 ? 94  LYS A CG  1 
ATOM   752  C CD  . LYS A 1 94  ? -5.847  -7.422  13.416  1.00 50.80 ? 94  LYS A CD  1 
ATOM   753  C CE  . LYS A 1 94  ? -7.187  -6.880  13.897  1.00 50.98 ? 94  LYS A CE  1 
ATOM   754  N NZ  . LYS A 1 94  ? -8.222  -7.922  13.951  1.00 52.49 ? 94  LYS A NZ  1 
ATOM   755  N N   . ARG A 1 95  ? -2.293  -3.471  12.950  1.00 14.42 ? 95  ARG A N   1 
ATOM   756  C CA  . ARG A 1 95  ? -1.104  -2.821  13.507  1.00 10.97 ? 95  ARG A CA  1 
ATOM   757  C C   . ARG A 1 95  ? -0.688  -3.678  14.678  1.00 13.79 ? 95  ARG A C   1 
ATOM   758  O O   . ARG A 1 95  ? -1.544  -3.957  15.500  1.00 16.70 ? 95  ARG A O   1 
ATOM   759  C CB  . ARG A 1 95  ? -1.465  -1.427  14.041  1.00 12.45 ? 95  ARG A CB  1 
ATOM   760  C CG  . ARG A 1 95  ? -1.548  -0.374  12.932  1.00 9.61  ? 95  ARG A CG  1 
ATOM   761  C CD  . ARG A 1 95  ? -1.725  1.071   13.395  1.00 12.23 ? 95  ARG A CD  1 
ATOM   762  N NE  . ARG A 1 95  ? -0.688  1.501   14.353  1.00 11.16 ? 95  ARG A NE  1 
ATOM   763  C CZ  . ARG A 1 95  ? -0.307  2.788   14.490  1.00 17.38 ? 95  ARG A CZ  1 
ATOM   764  N NH1 . ARG A 1 95  ? -0.817  3.800   13.756  1.00 16.37 ? 95  ARG A NH1 1 
ATOM   765  N NH2 . ARG A 1 95  ? 0.633   3.055   15.417  1.00 16.82 ? 95  ARG A NH2 1 
ATOM   766  N N   . VAL A 1 96  ? 0.537   -4.124  14.809  1.00 11.38 ? 96  VAL A N   1 
ATOM   767  C CA  . VAL A 1 96  ? 0.864   -4.962  15.926  1.00 12.16 ? 96  VAL A CA  1 
ATOM   768  C C   . VAL A 1 96  ? 0.901   -4.197  17.242  1.00 19.18 ? 96  VAL A C   1 
ATOM   769  O O   . VAL A 1 96  ? 0.736   -4.831  18.270  1.00 23.18 ? 96  VAL A O   1 
ATOM   770  C CB  . VAL A 1 96  ? 2.244   -5.537  15.671  1.00 18.77 ? 96  VAL A CB  1 
ATOM   771  C CG1 . VAL A 1 96  ? 2.777   -6.356  16.843  1.00 21.69 ? 96  VAL A CG1 1 
ATOM   772  C CG2 . VAL A 1 96  ? 2.191   -6.349  14.384  1.00 18.67 ? 96  VAL A CG2 1 
ATOM   773  N N   . ASP A 1 97  ? 1.113   -2.871  17.224  1.00 12.99 ? 97  ASP A N   1 
ATOM   774  C CA  . ASP A 1 97  ? 1.176   -2.150  18.486  1.00 11.04 ? 97  ASP A CA  1 
ATOM   775  C C   . ASP A 1 97  ? -0.166  -2.037  19.209  1.00 15.00 ? 97  ASP A C   1 
ATOM   776  O O   . ASP A 1 97  ? -0.322  -2.471  20.358  1.00 16.71 ? 97  ASP A O   1 
ATOM   777  C CB  . ASP A 1 97  ? 1.800   -0.754  18.290  1.00 11.93 ? 97  ASP A CB  1 
ATOM   778  C CG  . ASP A 1 97  ? 1.165   0.099   17.225  1.00 18.88 ? 97  ASP A CG  1 
ATOM   779  O OD1 . ASP A 1 97  ? 0.236   -0.278  16.541  1.00 18.56 ? 97  ASP A OD1 1 
ATOM   780  O OD2 . ASP A 1 97  ? 1.710   1.299   17.105  1.00 22.63 ? 97  ASP A OD2 1 
ATOM   781  N N   . ASN A 1 98  ? -1.109  -1.410  18.510  1.00 11.94 ? 98  ASN A N   1 
ATOM   782  C CA  . ASN A 1 98  ? -2.441  -1.110  18.955  1.00 12.16 ? 98  ASN A CA  1 
ATOM   783  C C   . ASN A 1 98  ? -3.548  -2.075  18.533  1.00 16.85 ? 98  ASN A C   1 
ATOM   784  O O   . ASN A 1 98  ? -4.695  -1.878  18.965  1.00 19.05 ? 98  ASN A O   1 
ATOM   785  C CB  . ASN A 1 98  ? -2.753  0.393   18.805  1.00 9.12  ? 98  ASN A CB  1 
ATOM   786  C CG  . ASN A 1 98  ? -3.006  0.835   17.374  1.00 16.52 ? 98  ASN A CG  1 
ATOM   787  O OD1 . ASN A 1 98  ? -3.039  2.038   17.025  1.00 18.82 ? 98  ASN A OD1 1 
ATOM   788  N ND2 . ASN A 1 98  ? -3.242  -0.156  16.530  1.00 11.65 ? 98  ASN A ND2 1 
ATOM   789  N N   . GLY A 1 99  ? -3.238  -3.088  17.702  1.00 11.37 ? 99  GLY A N   1 
ATOM   790  C CA  . GLY A 1 99  ? -4.234  -4.048  17.275  1.00 12.77 ? 99  GLY A CA  1 
ATOM   791  C C   . GLY A 1 99  ? -5.368  -3.538  16.393  1.00 14.88 ? 99  GLY A C   1 
ATOM   792  O O   . GLY A 1 99  ? -6.357  -4.206  16.121  1.00 14.46 ? 99  GLY A O   1 
ATOM   793  N N   . LYS A 1 100 ? -5.257  -2.325  15.916  1.00 11.02 ? 100 LYS A N   1 
ATOM   794  C CA  . LYS A 1 100 ? -6.281  -1.732  15.089  1.00 16.29 ? 100 LYS A CA  1 
ATOM   795  C C   . LYS A 1 100 ? -6.213  -2.242  13.654  1.00 16.48 ? 100 LYS A C   1 
ATOM   796  O O   . LYS A 1 100 ? -5.156  -2.592  13.179  1.00 12.71 ? 100 LYS A O   1 
ATOM   797  C CB  . LYS A 1 100 ? -6.342  -0.216  15.231  1.00 18.53 ? 100 LYS A CB  1 
ATOM   798  C CG  . LYS A 1 100 ? -6.935  0.075   16.613  1.00 27.93 ? 100 LYS A CG  1 
ATOM   799  C CD  . LYS A 1 100 ? -6.670  1.454   17.197  1.00 38.37 ? 100 LYS A CD  1 
ATOM   800  C CE  . LYS A 1 100 ? -7.501  1.740   18.437  1.00 46.25 ? 100 LYS A CE  1 
ATOM   801  N NZ  . LYS A 1 100 ? -8.939  1.822   18.130  1.00 49.64 ? 100 LYS A NZ  1 
ATOM   802  N N   . GLU A 1 101 ? -7.360  -2.312  13.019  1.00 12.11 ? 101 GLU A N   1 
ATOM   803  C CA  . GLU A 1 101 ? -7.469  -2.833  11.662  1.00 15.76 ? 101 GLU A CA  1 
ATOM   804  C C   . GLU A 1 101 ? -7.255  -1.795  10.579  1.00 10.42 ? 101 GLU A C   1 
ATOM   805  O O   . GLU A 1 101 ? -7.742  -0.656  10.615  1.00 11.32 ? 101 GLU A O   1 
ATOM   806  C CB  . GLU A 1 101 ? -8.862  -3.501  11.532  1.00 19.68 ? 101 GLU A CB  1 
ATOM   807  C CG  . GLU A 1 101 ? -9.286  -3.907  10.116  1.00 37.03 ? 101 GLU A CG  1 
ATOM   808  C CD  . GLU A 1 101 ? -10.764 -4.172  10.007  1.00 45.35 ? 101 GLU A CD  1 
ATOM   809  O OE1 . GLU A 1 101 ? -11.484 -3.065  10.004  1.00 50.52 ? 101 GLU A OE1 1 
ATOM   810  O OE2 . GLU A 1 101 ? -11.220 -5.299  9.939   1.00 46.05 ? 101 GLU A OE2 1 
ATOM   811  N N   . LEU A 1 102 ? -6.546  -2.274  9.549   1.00 10.69 ? 102 LEU A N   1 
ATOM   812  C CA  . LEU A 1 102 ? -6.268  -1.434  8.384   1.00 10.79 ? 102 LEU A CA  1 
ATOM   813  C C   . LEU A 1 102 ? -6.558  -2.301  7.160   1.00 9.54  ? 102 LEU A C   1 
ATOM   814  O O   . LEU A 1 102 ? -6.007  -3.405  7.014   1.00 9.23  ? 102 LEU A O   1 
ATOM   815  C CB  . LEU A 1 102 ? -4.775  -1.009  8.359   1.00 15.40 ? 102 LEU A CB  1 
ATOM   816  C CG  . LEU A 1 102 ? -4.373  0.050   7.307   1.00 21.33 ? 102 LEU A CG  1 
ATOM   817  C CD1 . LEU A 1 102 ? -3.002  0.632   7.676   1.00 20.23 ? 102 LEU A CD1 1 
ATOM   818  C CD2 . LEU A 1 102 ? -4.284  -0.636  5.927   1.00 19.99 ? 102 LEU A CD2 1 
ATOM   819  N N   . ILE A 1 103 ? -7.432  -1.790  6.334   1.00 9.36  ? 103 ILE A N   1 
ATOM   820  C CA  . ILE A 1 103 ? -7.789  -2.529  5.116   1.00 12.68 ? 103 ILE A CA  1 
ATOM   821  C C   . ILE A 1 103 ? -7.198  -1.854  3.888   1.00 11.37 ? 103 ILE A C   1 
ATOM   822  O O   . ILE A 1 103 ? -7.253  -0.619  3.769   1.00 13.98 ? 103 ILE A O   1 
ATOM   823  C CB  . ILE A 1 103 ? -9.302  -2.351  4.889   1.00 16.13 ? 103 ILE A CB  1 
ATOM   824  C CG1 . ILE A 1 103 ? -10.081 -2.973  6.037   1.00 17.71 ? 103 ILE A CG1 1 
ATOM   825  C CG2 . ILE A 1 103 ? -9.697  -3.063  3.583   1.00 16.39 ? 103 ILE A CG2 1 
ATOM   826  C CD1 . ILE A 1 103 ? -9.711  -4.410  6.333   1.00 16.94 ? 103 ILE A CD1 1 
ATOM   827  N N   . ALA A 1 104 ? -6.720  -2.646  2.936   1.00 10.75 ? 104 ALA A N   1 
ATOM   828  C CA  . ALA A 1 104 ? -6.226  -2.020  1.715   1.00 11.19 ? 104 ALA A CA  1 
ATOM   829  C C   . ALA A 1 104 ? -6.778  -2.779  0.506   1.00 13.81 ? 104 ALA A C   1 
ATOM   830  O O   . ALA A 1 104 ? -6.906  -4.007  0.547   1.00 11.20 ? 104 ALA A O   1 
ATOM   831  C CB  . ALA A 1 104 ? -4.704  -1.986  1.649   1.00 17.57 ? 104 ALA A CB  1 
ATOM   832  N N   . VAL A 1 105 ? -7.036  -2.036  -0.554  1.00 11.27 ? 105 VAL A N   1 
ATOM   833  C CA  . VAL A 1 105 ? -7.527  -2.641  -1.787  1.00 9.17  ? 105 VAL A CA  1 
ATOM   834  C C   . VAL A 1 105 ? -6.733  -2.117  -2.980  1.00 12.62 ? 105 VAL A C   1 
ATOM   835  O O   . VAL A 1 105 ? -6.449  -0.925  -3.067  1.00 12.78 ? 105 VAL A O   1 
ATOM   836  C CB  . VAL A 1 105 ? -8.976  -2.197  -2.044  1.00 10.57 ? 105 VAL A CB  1 
ATOM   837  C CG1 . VAL A 1 105 ? -9.567  -2.830  -3.319  1.00 14.67 ? 105 VAL A CG1 1 
ATOM   838  C CG2 . VAL A 1 105 ? -9.826  -2.469  -0.808  1.00 14.00 ? 105 VAL A CG2 1 
ATOM   839  N N   . ARG A 1 106 ? -6.414  -3.028  -3.888  1.00 12.17 ? 106 ARG A N   1 
ATOM   840  C CA  . ARG A 1 106 ? -5.719  -2.681  -5.119  1.00 7.69  ? 106 ARG A CA  1 
ATOM   841  C C   . ARG A 1 106 ? -6.648  -3.105  -6.254  1.00 9.50  ? 106 ARG A C   1 
ATOM   842  O O   . ARG A 1 106 ? -7.099  -4.237  -6.319  1.00 12.51 ? 106 ARG A O   1 
ATOM   843  C CB  . ARG A 1 106 ? -4.439  -3.460  -5.332  1.00 10.60 ? 106 ARG A CB  1 
ATOM   844  C CG  . ARG A 1 106 ? -3.284  -2.871  -4.545  1.00 14.48 ? 106 ARG A CG  1 
ATOM   845  C CD  . ARG A 1 106 ? -2.021  -3.684  -4.765  1.00 18.51 ? 106 ARG A CD  1 
ATOM   846  N NE  . ARG A 1 106 ? -0.883  -3.000  -4.165  1.00 16.82 ? 106 ARG A NE  1 
ATOM   847  C CZ  . ARG A 1 106 ? 0.112   -3.561  -3.499  1.00 16.62 ? 106 ARG A CZ  1 
ATOM   848  N NH1 . ARG A 1 106 ? 0.127   -4.875  -3.253  1.00 14.65 ? 106 ARG A NH1 1 
ATOM   849  N NH2 . ARG A 1 106 ? 1.087   -2.785  -3.022  1.00 20.07 ? 106 ARG A NH2 1 
ATOM   850  N N   . GLU A 1 107 ? -6.932  -2.174  -7.143  1.00 9.23  ? 107 GLU A N   1 
ATOM   851  C CA  . GLU A 1 107 ? -7.773  -2.519  -8.270  1.00 14.74 ? 107 GLU A CA  1 
ATOM   852  C C   . GLU A 1 107 ? -7.354  -1.695  -9.496  1.00 17.12 ? 107 GLU A C   1 
ATOM   853  O O   . GLU A 1 107 ? -6.849  -0.588  -9.354  1.00 15.80 ? 107 GLU A O   1 
ATOM   854  C CB  . GLU A 1 107 ? -9.219  -2.254  -7.861  1.00 13.14 ? 107 GLU A CB  1 
ATOM   855  C CG  . GLU A 1 107 ? -9.547  -0.778  -7.956  1.00 26.56 ? 107 GLU A CG  1 
ATOM   856  C CD  . GLU A 1 107 ? -10.891 -0.491  -7.341  1.00 41.56 ? 107 GLU A CD  1 
ATOM   857  O OE1 . GLU A 1 107 ? -11.900 -0.981  -8.058  1.00 40.83 ? 107 GLU A OE1 1 
ATOM   858  O OE2 . GLU A 1 107 ? -10.967 0.136   -6.277  1.00 34.93 ? 107 GLU A OE2 1 
ATOM   859  N N   . ILE A 1 108 ? -7.536  -2.235  -10.705 1.00 11.72 ? 108 ILE A N   1 
ATOM   860  C CA  . ILE A 1 108 ? -7.217  -1.553  -11.953 1.00 12.67 ? 108 ILE A CA  1 
ATOM   861  C C   . ILE A 1 108 ? -8.441  -0.811  -12.483 1.00 14.17 ? 108 ILE A C   1 
ATOM   862  O O   . ILE A 1 108 ? -9.585  -1.280  -12.521 1.00 17.79 ? 108 ILE A O   1 
ATOM   863  C CB  . ILE A 1 108 ? -6.835  -2.552  -13.061 1.00 19.40 ? 108 ILE A CB  1 
ATOM   864  C CG1 . ILE A 1 108 ? -5.851  -3.652  -12.676 1.00 18.17 ? 108 ILE A CG1 1 
ATOM   865  C CG2 . ILE A 1 108 ? -6.365  -1.794  -14.308 1.00 20.67 ? 108 ILE A CG2 1 
ATOM   866  C CD1 . ILE A 1 108 ? -4.476  -3.054  -12.442 1.00 23.03 ? 108 ILE A CD1 1 
ATOM   867  N N   . SER A 1 109 ? -8.273  0.373   -12.986 1.00 13.27 ? 109 SER A N   1 
ATOM   868  C CA  . SER A 1 109 ? -9.374  1.111   -13.530 1.00 16.40 ? 109 SER A CA  1 
ATOM   869  C C   . SER A 1 109 ? -8.804  1.697   -14.806 1.00 18.75 ? 109 SER A C   1 
ATOM   870  O O   . SER A 1 109 ? -8.067  2.683   -14.784 1.00 17.46 ? 109 SER A O   1 
ATOM   871  C CB  . SER A 1 109 ? -9.757  2.234   -12.589 1.00 24.69 ? 109 SER A CB  1 
ATOM   872  O OG  . SER A 1 109 ? -10.328 3.252   -13.373 1.00 32.66 ? 109 SER A OG  1 
ATOM   873  N N   . GLY A 1 110 ? -9.098  1.049   -15.939 1.00 26.84 ? 110 GLY A N   1 
ATOM   874  C CA  . GLY A 1 110 ? -8.557  1.509   -17.198 1.00 22.34 ? 110 GLY A CA  1 
ATOM   875  C C   . GLY A 1 110 ? -7.081  1.142   -17.183 1.00 22.86 ? 110 GLY A C   1 
ATOM   876  O O   . GLY A 1 110 ? -6.722  -0.033  -17.089 1.00 27.89 ? 110 GLY A O   1 
ATOM   877  N N   . ASN A 1 111 ? -6.209  2.143   -17.284 1.00 18.05 ? 111 ASN A N   1 
ATOM   878  C CA  . ASN A 1 111 ? -4.784  1.900   -17.236 1.00 24.05 ? 111 ASN A CA  1 
ATOM   879  C C   . ASN A 1 111 ? -4.212  2.433   -15.930 1.00 21.13 ? 111 ASN A C   1 
ATOM   880  O O   . ASN A 1 111 ? -3.002  2.682   -15.873 1.00 16.58 ? 111 ASN A O   1 
ATOM   881  C CB  . ASN A 1 111 ? -3.963  2.536   -18.374 1.00 35.96 ? 111 ASN A CB  1 
ATOM   882  C CG  . ASN A 1 111 ? -4.218  4.030   -18.584 1.00 44.27 ? 111 ASN A CG  1 
ATOM   883  O OD1 . ASN A 1 111 ? -3.705  4.599   -19.566 1.00 49.49 ? 111 ASN A OD1 1 
ATOM   884  N ND2 . ASN A 1 111 ? -5.007  4.673   -17.720 1.00 44.33 ? 111 ASN A ND2 1 
ATOM   885  N N   . GLU A 1 112 ? -5.052  2.670   -14.927 1.00 15.89 ? 112 GLU A N   1 
ATOM   886  C CA  . GLU A 1 112 ? -4.515  3.169   -13.658 1.00 12.22 ? 112 GLU A CA  1 
ATOM   887  C C   . GLU A 1 112 ? -4.618  2.087   -12.587 1.00 13.07 ? 112 GLU A C   1 
ATOM   888  O O   . GLU A 1 112 ? -5.539  1.260   -12.648 1.00 15.64 ? 112 GLU A O   1 
ATOM   889  C CB  . GLU A 1 112 ? -5.301  4.414   -13.161 1.00 10.52 ? 112 GLU A CB  1 
ATOM   890  C CG  . GLU A 1 112 ? -4.939  5.673   -13.981 1.00 14.68 ? 112 GLU A CG  1 
ATOM   891  C CD  . GLU A 1 112 ? -5.668  6.940   -13.609 1.00 19.84 ? 112 GLU A CD  1 
ATOM   892  O OE1 . GLU A 1 112 ? -6.902  6.768   -13.217 1.00 19.96 ? 112 GLU A OE1 1 
ATOM   893  O OE2 . GLU A 1 112 ? -5.148  8.043   -13.682 1.00 20.28 ? 112 GLU A OE2 1 
ATOM   894  N N   . LEU A 1 113 ? -3.735  2.102   -11.577 1.00 11.46 ? 113 LEU A N   1 
ATOM   895  C CA  . LEU A 1 113 ? -3.800  1.202   -10.418 1.00 10.03 ? 113 LEU A CA  1 
ATOM   896  C C   . LEU A 1 113 ? -4.338  2.055   -9.241  1.00 17.74 ? 113 LEU A C   1 
ATOM   897  O O   . LEU A 1 113 ? -3.788  3.133   -8.934  1.00 10.16 ? 113 LEU A O   1 
ATOM   898  C CB  . LEU A 1 113 ? -2.442  0.564   -10.103 1.00 7.76  ? 113 LEU A CB  1 
ATOM   899  C CG  . LEU A 1 113 ? -2.354  -0.002  -8.717  1.00 12.02 ? 113 LEU A CG  1 
ATOM   900  C CD1 . LEU A 1 113 ? -3.132  -1.295  -8.787  1.00 23.87 ? 113 LEU A CD1 1 
ATOM   901  C CD2 . LEU A 1 113 ? -0.920  -0.413  -8.463  1.00 17.68 ? 113 LEU A CD2 1 
ATOM   902  N N   . ILE A 1 114 ? -5.457  1.663   -8.607  1.00 16.47 ? 114 ILE A N   1 
ATOM   903  C CA  . ILE A 1 114 ? -5.981  2.467   -7.520  1.00 11.55 ? 114 ILE A CA  1 
ATOM   904  C C   . ILE A 1 114 ? -5.768  1.721   -6.234  1.00 13.28 ? 114 ILE A C   1 
ATOM   905  O O   . ILE A 1 114 ? -6.155  0.554   -6.189  1.00 13.80 ? 114 ILE A O   1 
ATOM   906  C CB  . ILE A 1 114 ? -7.464  2.729   -7.659  1.00 13.57 ? 114 ILE A CB  1 
ATOM   907  C CG1 . ILE A 1 114 ? -7.711  3.398   -9.021  1.00 15.00 ? 114 ILE A CG1 1 
ATOM   908  C CG2 . ILE A 1 114 ? -7.932  3.533   -6.420  1.00 16.87 ? 114 ILE A CG2 1 
ATOM   909  C CD1 . ILE A 1 114 ? -9.186  3.651   -9.295  1.00 19.01 ? 114 ILE A CD1 1 
ATOM   910  N N   . GLN A 1 115 ? -5.103  2.368   -5.264  1.00 9.56  ? 115 GLN A N   1 
ATOM   911  C CA  . GLN A 1 115 ? -4.859  1.720   -3.983  1.00 10.54 ? 115 GLN A CA  1 
ATOM   912  C C   . GLN A 1 115 ? -5.675  2.473   -2.953  1.00 16.58 ? 115 GLN A C   1 
ATOM   913  O O   . GLN A 1 115 ? -5.435  3.668   -2.744  1.00 12.24 ? 115 GLN A O   1 
ATOM   914  C CB  . GLN A 1 115 ? -3.395  1.748   -3.485  1.00 13.53 ? 115 GLN A CB  1 
ATOM   915  C CG  . GLN A 1 115 ? -2.461  0.778   -4.206  1.00 21.20 ? 115 GLN A CG  1 
ATOM   916  C CD  . GLN A 1 115 ? -1.127  0.503   -3.512  1.00 22.44 ? 115 GLN A CD  1 
ATOM   917  O OE1 . GLN A 1 115 ? -0.621  -0.631  -3.954  1.00 20.69 ? 115 GLN A OE1 1 
ATOM   918  N NE2 . GLN A 1 115 ? -0.551  1.234   -2.657  1.00 24.77 ? 115 GLN A NE2 1 
ATOM   919  N N   . THR A 1 116 ? -6.632  1.819   -2.314  1.00 10.33 ? 116 THR A N   1 
ATOM   920  C CA  . THR A 1 116 ? -7.435  2.531   -1.320  1.00 8.66  ? 116 THR A CA  1 
ATOM   921  C C   . THR A 1 116 ? -7.102  1.953   0.054   1.00 10.14 ? 116 THR A C   1 
ATOM   922  O O   . THR A 1 116 ? -6.890  0.734   0.211   1.00 10.46 ? 116 THR A O   1 
ATOM   923  C CB  . THR A 1 116 ? -8.927  2.216   -1.577  1.00 8.04  ? 116 THR A CB  1 
ATOM   924  O OG1 . THR A 1 116 ? -9.239  2.696   -2.855  1.00 10.25 ? 116 THR A OG1 1 
ATOM   925  C CG2 . THR A 1 116 ? -9.860  3.022   -0.683  1.00 12.05 ? 116 THR A CG2 1 
ATOM   926  N N   . TYR A 1 117 ? -7.108  2.830   1.055   1.00 7.32  ? 117 TYR A N   1 
ATOM   927  C CA  . TYR A 1 117 ? -6.893  2.373   2.425   1.00 12.25 ? 117 TYR A CA  1 
ATOM   928  C C   . TYR A 1 117 ? -8.015  2.912   3.340   1.00 7.75  ? 117 TYR A C   1 
ATOM   929  O O   . TYR A 1 117 ? -8.559  4.012   3.149   1.00 8.36  ? 117 TYR A O   1 
ATOM   930  C CB  . TYR A 1 117 ? -5.594  2.948   3.068   1.00 15.85 ? 117 TYR A CB  1 
ATOM   931  C CG  . TYR A 1 117 ? -4.315  2.989   2.241   1.00 17.47 ? 117 TYR A CG  1 
ATOM   932  C CD1 . TYR A 1 117 ? -3.768  1.808   1.729   1.00 18.82 ? 117 TYR A CD1 1 
ATOM   933  C CD2 . TYR A 1 117 ? -3.637  4.188   2.009   1.00 19.40 ? 117 TYR A CD2 1 
ATOM   934  C CE1 . TYR A 1 117 ? -2.587  1.818   0.981   1.00 20.64 ? 117 TYR A CE1 1 
ATOM   935  C CE2 . TYR A 1 117 ? -2.442  4.211   1.280   1.00 21.25 ? 117 TYR A CE2 1 
ATOM   936  C CZ  . TYR A 1 117 ? -1.925  3.025   0.748   1.00 27.25 ? 117 TYR A CZ  1 
ATOM   937  O OH  . TYR A 1 117 ? -0.761  3.026   0.006   1.00 35.20 ? 117 TYR A OH  1 
ATOM   938  N N   . THR A 1 118 ? -8.276  2.178   4.412   1.00 8.21  ? 118 THR A N   1 
ATOM   939  C CA  . THR A 1 118 ? -9.200  2.674   5.427   1.00 8.98  ? 118 THR A CA  1 
ATOM   940  C C   . THR A 1 118 ? -8.582  2.362   6.799   1.00 6.34  ? 118 THR A C   1 
ATOM   941  O O   . THR A 1 118 ? -8.012  1.295   7.044   1.00 8.16  ? 118 THR A O   1 
ATOM   942  C CB  . THR A 1 118 ? -10.638 2.079   5.415   1.00 16.37 ? 118 THR A CB  1 
ATOM   943  O OG1 . THR A 1 118 ? -10.531 0.670   5.532   1.00 16.88 ? 118 THR A OG1 1 
ATOM   944  C CG2 . THR A 1 118 ? -11.395 2.433   4.136   1.00 16.33 ? 118 THR A CG2 1 
ATOM   945  N N   . TYR A 1 119 ? -8.751  3.324   7.696   1.00 8.03  ? 119 TYR A N   1 
ATOM   946  C CA  . TYR A 1 119 ? -8.240  3.170   9.044   1.00 7.72  ? 119 TYR A CA  1 
ATOM   947  C C   . TYR A 1 119 ? -9.026  4.092   9.994   1.00 7.51  ? 119 TYR A C   1 
ATOM   948  O O   . TYR A 1 119 ? -9.153  5.301   9.727   1.00 10.53 ? 119 TYR A O   1 
ATOM   949  C CB  . TYR A 1 119 ? -6.747  3.557   9.105   1.00 7.90  ? 119 TYR A CB  1 
ATOM   950  C CG  . TYR A 1 119 ? -6.156  3.495   10.500  1.00 6.92  ? 119 TYR A CG  1 
ATOM   951  C CD1 . TYR A 1 119 ? -5.807  2.276   11.089  1.00 5.12  ? 119 TYR A CD1 1 
ATOM   952  C CD2 . TYR A 1 119 ? -5.853  4.670   11.177  1.00 7.87  ? 119 TYR A CD2 1 
ATOM   953  C CE1 . TYR A 1 119 ? -5.225  2.130   12.349  1.00 6.76  ? 119 TYR A CE1 1 
ATOM   954  C CE2 . TYR A 1 119 ? -5.246  4.552   12.431  1.00 11.88 ? 119 TYR A CE2 1 
ATOM   955  C CZ  . TYR A 1 119 ? -4.963  3.318   13.024  1.00 13.18 ? 119 TYR A CZ  1 
ATOM   956  O OH  . TYR A 1 119 ? -4.358  3.251   14.260  1.00 17.05 ? 119 TYR A OH  1 
ATOM   957  N N   . GLU A 1 120 ? -9.615  3.480   11.030  1.00 10.12 ? 120 GLU A N   1 
ATOM   958  C CA  . GLU A 1 120 ? -10.363 4.161   12.059  1.00 10.47 ? 120 GLU A CA  1 
ATOM   959  C C   . GLU A 1 120 ? -11.355 5.126   11.525  1.00 11.95 ? 120 GLU A C   1 
ATOM   960  O O   . GLU A 1 120 ? -11.461 6.233   12.017  1.00 14.05 ? 120 GLU A O   1 
ATOM   961  C CB  . GLU A 1 120 ? -9.410  4.916   12.981  1.00 10.70 ? 120 GLU A CB  1 
ATOM   962  C CG  . GLU A 1 120 ? -8.605  3.954   13.855  1.00 13.71 ? 120 GLU A CG  1 
ATOM   963  C CD  . GLU A 1 120 ? -9.527  3.266   14.823  1.00 33.67 ? 120 GLU A CD  1 
ATOM   964  O OE1 . GLU A 1 120 ? -9.948  4.091   15.760  1.00 43.02 ? 120 GLU A OE1 1 
ATOM   965  O OE2 . GLU A 1 120 ? -9.836  2.087   14.739  1.00 36.36 ? 120 GLU A OE2 1 
ATOM   966  N N   . GLY A 1 121 ? -12.057 4.742   10.470  1.00 11.48 ? 121 GLY A N   1 
ATOM   967  C CA  . GLY A 1 121 ? -13.040 5.669   9.930   1.00 8.95  ? 121 GLY A CA  1 
ATOM   968  C C   . GLY A 1 121 ? -12.584 6.685   8.890   1.00 12.06 ? 121 GLY A C   1 
ATOM   969  O O   . GLY A 1 121 ? -13.395 7.520   8.442   1.00 12.19 ? 121 GLY A O   1 
ATOM   970  N N   . VAL A 1 122 ? -11.305 6.608   8.471   1.00 10.11 ? 122 VAL A N   1 
ATOM   971  C CA  . VAL A 1 122 ? -10.832 7.556   7.460   1.00 8.60  ? 122 VAL A CA  1 
ATOM   972  C C   . VAL A 1 122 ? -10.356 6.720   6.265   1.00 8.11  ? 122 VAL A C   1 
ATOM   973  O O   . VAL A 1 122 ? -9.745  5.645   6.436   1.00 11.21 ? 122 VAL A O   1 
ATOM   974  C CB  . VAL A 1 122 ? -9.593  8.297   7.990   1.00 13.74 ? 122 VAL A CB  1 
ATOM   975  C CG1 . VAL A 1 122 ? -9.138  9.328   6.963   1.00 16.69 ? 122 VAL A CG1 1 
ATOM   976  C CG2 . VAL A 1 122 ? -10.004 9.022   9.270   1.00 18.81 ? 122 VAL A CG2 1 
ATOM   977  N N   . GLU A 1 123 ? -10.683 7.275   5.100   1.00 9.60  ? 123 GLU A N   1 
ATOM   978  C CA  . GLU A 1 123 ? -10.325 6.620   3.835   1.00 10.69 ? 123 GLU A CA  1 
ATOM   979  C C   . GLU A 1 123 ? -9.298  7.485   3.100   1.00 11.76 ? 123 GLU A C   1 
ATOM   980  O O   . GLU A 1 123 ? -9.345  8.718   3.172   1.00 15.92 ? 123 GLU A O   1 
ATOM   981  C CB  . GLU A 1 123 ? -11.609 6.615   2.956   1.00 15.21 ? 123 GLU A CB  1 
ATOM   982  C CG  . GLU A 1 123 ? -11.487 5.940   1.570   1.00 21.56 ? 123 GLU A CG  1 
ATOM   983  C CD  . GLU A 1 123 ? -12.608 6.326   0.615   1.00 28.61 ? 123 GLU A CD  1 
ATOM   984  O OE1 . GLU A 1 123 ? -13.528 7.087   0.847   1.00 27.76 ? 123 GLU A OE1 1 
ATOM   985  O OE2 . GLU A 1 123 ? -12.513 5.741   -0.540  1.00 32.99 ? 123 GLU A OE2 1 
ATOM   986  N N   . ALA A 1 124 ? -8.399  6.845   2.353   1.00 12.45 ? 124 ALA A N   1 
ATOM   987  C CA  . ALA A 1 124 ? -7.435  7.602   1.554   1.00 11.76 ? 124 ALA A CA  1 
ATOM   988  C C   . ALA A 1 124 ? -7.189  6.791   0.287   1.00 14.67 ? 124 ALA A C   1 
ATOM   989  O O   . ALA A 1 124 ? -7.338  5.568   0.292   1.00 13.04 ? 124 ALA A O   1 
ATOM   990  C CB  . ALA A 1 124 ? -6.074  7.706   2.225   1.00 13.24 ? 124 ALA A CB  1 
ATOM   991  N N   . LYS A 1 125 ? -6.770  7.433   -0.802  1.00 12.40 ? 125 LYS A N   1 
ATOM   992  C CA  . LYS A 1 125 ? -6.407  6.699   -2.008  1.00 11.84 ? 125 LYS A CA  1 
ATOM   993  C C   . LYS A 1 125 ? -5.093  7.275   -2.564  1.00 16.64 ? 125 LYS A C   1 
ATOM   994  O O   . LYS A 1 125 ? -4.775  8.493   -2.430  1.00 14.52 ? 125 LYS A O   1 
ATOM   995  C CB  . LYS A 1 125 ? -7.371  6.939   -3.149  1.00 15.91 ? 125 LYS A CB  1 
ATOM   996  C CG  . LYS A 1 125 ? -8.823  6.761   -2.788  1.00 20.01 ? 125 LYS A CG  1 
ATOM   997  C CD  . LYS A 1 125 ? -9.537  6.231   -4.015  1.00 28.68 ? 125 LYS A CD  1 
ATOM   998  C CE  . LYS A 1 125 ? -10.960 6.740   -4.137  1.00 41.14 ? 125 LYS A CE  1 
ATOM   999  N NZ  . LYS A 1 125 ? -11.804 6.472   -2.965  1.00 48.53 ? 125 LYS A NZ  1 
ATOM   1000 N N   . ARG A 1 126 ? -4.365  6.371   -3.218  1.00 10.40 ? 126 ARG A N   1 
ATOM   1001 C CA  . ARG A 1 126 ? -3.147  6.682   -3.963  1.00 9.67  ? 126 ARG A CA  1 
ATOM   1002 C C   . ARG A 1 126 ? -3.388  6.114   -5.361  1.00 8.76  ? 126 ARG A C   1 
ATOM   1003 O O   . ARG A 1 126 ? -3.650  4.923   -5.470  1.00 9.32  ? 126 ARG A O   1 
ATOM   1004 C CB  . ARG A 1 126 ? -1.879  6.107   -3.360  1.00 12.39 ? 126 ARG A CB  1 
ATOM   1005 C CG  . ARG A 1 126 ? -1.710  6.686   -1.951  1.00 13.63 ? 126 ARG A CG  1 
ATOM   1006 C CD  . ARG A 1 126 ? -0.250  6.783   -1.511  1.00 15.30 ? 126 ARG A CD  1 
ATOM   1007 N NE  . ARG A 1 126 ? 0.386   7.964   -2.098  1.00 14.36 ? 126 ARG A NE  1 
ATOM   1008 C CZ  . ARG A 1 126 ? 1.694   8.099   -1.978  1.00 13.29 ? 126 ARG A CZ  1 
ATOM   1009 N NH1 . ARG A 1 126 ? 2.359   7.137   -1.305  1.00 12.26 ? 126 ARG A NH1 1 
ATOM   1010 N NH2 . ARG A 1 126 ? 2.287   9.173   -2.477  1.00 10.57 ? 126 ARG A NH2 1 
ATOM   1011 N N   . ILE A 1 127 ? -3.339  6.945   -6.392  1.00 9.12  ? 127 ILE A N   1 
ATOM   1012 C CA  . ILE A 1 127 ? -3.553  6.444   -7.761  1.00 11.61 ? 127 ILE A CA  1 
ATOM   1013 C C   . ILE A 1 127 ? -2.254  6.452   -8.582  1.00 13.22 ? 127 ILE A C   1 
ATOM   1014 O O   . ILE A 1 127 ? -1.560  7.474   -8.638  1.00 11.75 ? 127 ILE A O   1 
ATOM   1015 C CB  . ILE A 1 127 ? -4.669  7.304   -8.341  1.00 11.59 ? 127 ILE A CB  1 
ATOM   1016 C CG1 . ILE A 1 127 ? -5.933  7.121   -7.480  1.00 16.22 ? 127 ILE A CG1 1 
ATOM   1017 C CG2 . ILE A 1 127 ? -4.883  6.969   -9.826  1.00 11.39 ? 127 ILE A CG2 1 
ATOM   1018 C CD1 . ILE A 1 127 ? -6.997  8.197   -7.668  1.00 17.82 ? 127 ILE A CD1 1 
ATOM   1019 N N   . PHE A 1 128 ? -1.890  5.346   -9.247  1.00 14.85 ? 128 PHE A N   1 
ATOM   1020 C CA  . PHE A 1 128 ? -0.657  5.236   -10.011 1.00 9.59  ? 128 PHE A CA  1 
ATOM   1021 C C   . PHE A 1 128 ? -0.887  5.124   -11.507 1.00 16.30 ? 128 PHE A C   1 
ATOM   1022 O O   . PHE A 1 128 ? -1.944  4.606   -11.894 1.00 18.79 ? 128 PHE A O   1 
ATOM   1023 C CB  . PHE A 1 128 ? 0.006   3.895   -9.639  1.00 9.53  ? 128 PHE A CB  1 
ATOM   1024 C CG  . PHE A 1 128 ? 0.302   3.769   -8.151  1.00 13.61 ? 128 PHE A CG  1 
ATOM   1025 C CD1 . PHE A 1 128 ? -0.711  3.614   -7.193  1.00 15.26 ? 128 PHE A CD1 1 
ATOM   1026 C CD2 . PHE A 1 128 ? 1.618   3.818   -7.686  1.00 13.29 ? 128 PHE A CD2 1 
ATOM   1027 C CE1 . PHE A 1 128 ? -0.419  3.512   -5.823  1.00 14.67 ? 128 PHE A CE1 1 
ATOM   1028 C CE2 . PHE A 1 128 ? 1.937   3.729   -6.325  1.00 13.76 ? 128 PHE A CE2 1 
ATOM   1029 C CZ  . PHE A 1 128 ? 0.908   3.574   -5.387  1.00 12.49 ? 128 PHE A CZ  1 
ATOM   1030 N N   . LYS A 1 129 ? 0.074   5.593   -12.319 1.00 12.95 ? 129 LYS A N   1 
ATOM   1031 C CA  . LYS A 1 129 ? -0.037  5.481   -13.762 1.00 10.83 ? 129 LYS A CA  1 
ATOM   1032 C C   . LYS A 1 129 ? 0.959   4.444   -14.191 1.00 10.59 ? 129 LYS A C   1 
ATOM   1033 O O   . LYS A 1 129 ? 1.996   4.302   -13.571 1.00 11.54 ? 129 LYS A O   1 
ATOM   1034 C CB  . LYS A 1 129 ? 0.248   6.772   -14.495 1.00 13.91 ? 129 LYS A CB  1 
ATOM   1035 C CG  . LYS A 1 129 ? -1.009  7.610   -14.659 1.00 18.25 ? 129 LYS A CG  1 
ATOM   1036 C CD  . LYS A 1 129 ? -0.654  8.940   -15.299 1.00 26.60 ? 129 LYS A CD  1 
ATOM   1037 C CE  . LYS A 1 129 ? -1.717  9.999   -15.042 1.00 31.86 ? 129 LYS A CE  1 
ATOM   1038 N NZ  . LYS A 1 129 ? -3.063  9.546   -15.446 1.00 31.75 ? 129 LYS A NZ  1 
ATOM   1039 N N   . LYS A 1 130 ? 0.635   3.683   -15.228 1.00 14.97 ? 130 LYS A N   1 
ATOM   1040 C CA  . LYS A 1 130 ? 1.594   2.682   -15.670 1.00 15.24 ? 130 LYS A CA  1 
ATOM   1041 C C   . LYS A 1 130 ? 2.687   3.391   -16.465 1.00 20.92 ? 130 LYS A C   1 
ATOM   1042 O O   . LYS A 1 130 ? 2.430   4.326   -17.222 1.00 22.55 ? 130 LYS A O   1 
ATOM   1043 C CB  . LYS A 1 130 ? 0.894   1.664   -16.563 1.00 20.76 ? 130 LYS A CB  1 
ATOM   1044 C CG  . LYS A 1 130 ? 1.369   0.235   -16.343 1.00 24.91 ? 130 LYS A CG  1 
ATOM   1045 C CD  . LYS A 1 130 ? 0.558   -0.671  -17.260 1.00 30.41 ? 130 LYS A CD  1 
ATOM   1046 C CE  . LYS A 1 130 ? 0.519   -2.126  -16.871 1.00 29.31 ? 130 LYS A CE  1 
ATOM   1047 N NZ  . LYS A 1 130 ? -0.648  -2.747  -17.519 1.00 28.00 ? 130 LYS A NZ  1 
ATOM   1048 N N   . GLU A 1 131 ? 3.936   2.964   -16.277 1.00 24.47 ? 131 GLU A N   1 
ATOM   1049 C CA  . GLU A 1 131 ? 5.135   3.479   -16.927 1.00 29.51 ? 131 GLU A CA  1 
ATOM   1050 C C   . GLU A 1 131 ? 5.168   3.135   -18.412 1.00 42.49 ? 131 GLU A C   1 
ATOM   1051 O O   . GLU A 1 131 ? 6.270   3.244   -19.011 1.00 52.61 ? 131 GLU A O   1 
ATOM   1052 C CB  . GLU A 1 131 ? 6.384   2.813   -16.308 1.00 33.32 ? 131 GLU A CB  1 
ATOM   1053 C CG  . GLU A 1 131 ? 7.716   3.505   -16.633 1.00 51.67 ? 131 GLU A CG  1 
ATOM   1054 C CD  . GLU A 1 131 ? 8.133   4.457   -15.549 1.00 67.04 ? 131 GLU A CD  1 
ATOM   1055 O OE1 . GLU A 1 131 ? 7.121   5.185   -15.141 1.00 67.61 ? 131 GLU A OE1 1 
ATOM   1056 O OE2 . GLU A 1 131 ? 9.278   4.518   -15.108 1.00 73.69 ? 131 GLU A OE2 1 
ATOM   1057 O OXT . GLU A 1 131 ? 4.114   2.745   -18.964 1.00 45.67 ? 131 GLU A OXT 1 
HETATM 1058 C C1  . MYR B 2 .   ? 2.360   -4.603  -0.441  1.00 27.61 ? 133 MYR A C1  1 
HETATM 1059 O O1  . MYR B 2 .   ? 2.973   -3.819  -1.263  1.00 24.74 ? 133 MYR A O1  1 
HETATM 1060 O O2  . MYR B 2 .   ? 1.515   -5.365  -0.835  1.00 28.44 ? 133 MYR A O2  1 
HETATM 1061 C C2  . MYR B 2 .   ? 2.797   -4.497  1.016   1.00 24.53 ? 133 MYR A C2  1 
HETATM 1062 C C3  . MYR B 2 .   ? 1.712   -4.054  1.979   1.00 27.21 ? 133 MYR A C3  1 
HETATM 1063 C C4  . MYR B 2 .   ? 1.168   -2.654  1.719   1.00 29.37 ? 133 MYR A C4  1 
HETATM 1064 C C5  . MYR B 2 .   ? 0.124   -2.175  2.729   1.00 28.92 ? 133 MYR A C5  1 
HETATM 1065 C C6  . MYR B 2 .   ? -0.064  -0.660  2.631   1.00 31.92 ? 133 MYR A C6  1 
HETATM 1066 C C7  . MYR B 2 .   ? -0.370  0.052   3.941   1.00 31.57 ? 133 MYR A C7  1 
HETATM 1067 C C8  . MYR B 2 .   ? 0.447   1.338   4.042   1.00 30.64 ? 133 MYR A C8  1 
HETATM 1068 C C9  . MYR B 2 .   ? -0.387  2.512   4.503   1.00 32.29 ? 133 MYR A C9  1 
HETATM 1069 C C10 . MYR B 2 .   ? 0.198   3.861   4.118   1.00 36.89 ? 133 MYR A C10 1 
HETATM 1070 C C11 . MYR B 2 .   ? 1.016   4.446   5.252   1.00 43.89 ? 133 MYR A C11 1 
HETATM 1071 C C12 . MYR B 2 .   ? 1.921   5.611   4.894   1.00 48.14 ? 133 MYR A C12 1 
HETATM 1072 C C13 . MYR B 2 .   ? 2.747   6.005   6.107   1.00 56.15 ? 133 MYR A C13 1 
HETATM 1073 C C14 . MYR B 2 .   ? 3.530   7.298   5.963   1.00 62.28 ? 133 MYR A C14 1 
HETATM 1074 O O   . HOH C 3 .   ? -0.811  -12.722 1.808   1.00 15.91 ? 134 HOH A O   1 
HETATM 1075 O O   . HOH C 3 .   ? 0.079   12.628  13.834  1.00 74.29 ? 135 HOH A O   1 
HETATM 1076 O O   . HOH C 3 .   ? -7.580  -7.185  10.440  1.00 44.09 ? 136 HOH A O   1 
HETATM 1077 O O   . HOH C 3 .   ? 2.798   -14.467 2.421   1.00 13.20 ? 137 HOH A O   1 
HETATM 1078 O O   . HOH C 3 .   ? -3.300  -4.099  -16.396 1.00 40.22 ? 138 HOH A O   1 
HETATM 1079 O O   . HOH C 3 .   ? 2.266   0.746   -1.319  1.00 31.71 ? 139 HOH A O   1 
HETATM 1080 O O   . HOH C 3 .   ? -13.809 -8.067  -10.618 1.00 60.70 ? 140 HOH A O   1 
HETATM 1081 O O   . HOH C 3 .   ? 5.294   11.660  -5.159  1.00 21.40 ? 141 HOH A O   1 
HETATM 1082 O O   . HOH C 3 .   ? 7.096   -13.549 2.531   1.00 27.91 ? 142 HOH A O   1 
HETATM 1083 O O   . HOH C 3 .   ? -3.237  5.671   15.328  1.00 19.39 ? 143 HOH A O   1 
HETATM 1084 O O   . HOH C 3 .   ? 9.785   12.303  0.424   1.00 20.15 ? 144 HOH A O   1 
HETATM 1085 O O   . HOH C 3 .   ? 7.369   17.905  0.259   1.00 18.03 ? 145 HOH A O   1 
HETATM 1086 O O   . HOH C 3 .   ? 6.093   20.421  0.605   1.00 18.91 ? 146 HOH A O   1 
HETATM 1087 O O   . HOH C 3 .   ? 13.016  -1.543  -4.438  1.00 28.63 ? 147 HOH A O   1 
HETATM 1088 O O   . HOH C 3 .   ? 10.211  -0.272  -8.088  1.00 20.29 ? 148 HOH A O   1 
HETATM 1089 O O   . HOH C 3 .   ? 8.843   -7.237  -9.063  1.00 15.36 ? 149 HOH A O   1 
HETATM 1090 O O   . HOH C 3 .   ? 7.167   -13.480 -7.125  1.00 21.33 ? 150 HOH A O   1 
HETATM 1091 O O   . HOH C 3 .   ? -4.993  -10.390 -12.010 1.00 47.84 ? 151 HOH A O   1 
HETATM 1092 O O   . HOH C 3 .   ? 16.297  1.259   1.564   1.00 27.52 ? 152 HOH A O   1 
HETATM 1093 O O   . HOH C 3 .   ? 12.482  -0.250  5.735   1.00 40.46 ? 153 HOH A O   1 
HETATM 1094 O O   . HOH C 3 .   ? 12.437  -0.859  -8.152  1.00 57.10 ? 154 HOH A O   1 
HETATM 1095 O O   . HOH C 3 .   ? -1.489  -12.424 10.970  1.00 30.50 ? 155 HOH A O   1 
HETATM 1096 O O   . HOH C 3 .   ? 7.195   -7.115  3.956   1.00 21.31 ? 156 HOH A O   1 
HETATM 1097 O O   . HOH C 3 .   ? -7.085  -10.818 2.713   1.00 21.86 ? 157 HOH A O   1 
HETATM 1098 O O   . HOH C 3 .   ? -8.766  0.551   -4.612  1.00 15.98 ? 158 HOH A O   1 
HETATM 1099 O O   . HOH C 3 .   ? 1.799   2.960   19.538  1.00 21.03 ? 159 HOH A O   1 
HETATM 1100 O O   . HOH C 3 .   ? -6.614  14.039  -6.389  1.00 33.87 ? 160 HOH A O   1 
HETATM 1101 O O   . HOH C 3 .   ? 11.140  6.104   -6.873  1.00 32.59 ? 161 HOH A O   1 
HETATM 1102 O O   . HOH C 3 .   ? -3.616  -12.412 8.650   1.00 45.19 ? 162 HOH A O   1 
HETATM 1103 O O   . HOH C 3 .   ? -9.517  0.544   11.737  1.00 16.79 ? 163 HOH A O   1 
HETATM 1104 O O   . HOH C 3 .   ? 1.195   3.649   -20.080 1.00 38.74 ? 164 HOH A O   1 
HETATM 1105 O O   . HOH C 3 .   ? -6.873  -15.567 -3.206  1.00 22.12 ? 165 HOH A O   1 
HETATM 1106 O O   . HOH C 3 .   ? -12.507 9.758   5.212   1.00 27.63 ? 166 HOH A O   1 
HETATM 1107 O O   . HOH C 3 .   ? 1.483   4.759   0.536   1.00 18.40 ? 167 HOH A O   1 
HETATM 1108 O O   . HOH C 3 .   ? 5.243   2.377   3.972   1.00 43.51 ? 168 HOH A O   1 
HETATM 1109 O O   . HOH C 3 .   ? -4.600  15.841  -3.059  1.00 48.48 ? 169 HOH A O   1 
HETATM 1110 O O   . HOH C 3 .   ? 4.251   -1.378  -1.178  1.00 28.66 ? 170 HOH A O   1 
HETATM 1111 O O   . HOH C 3 .   ? 7.308   12.338  -8.980  1.00 80.00 ? 172 HOH A O   1 
HETATM 1112 O O   . HOH C 3 .   ? 2.194   -1.528  15.227  1.00 31.67 ? 173 HOH A O   1 
HETATM 1113 O O   . HOH C 3 .   ? -1.492  -7.161  16.411  1.00 54.97 ? 174 HOH A O   1 
HETATM 1114 O O   . HOH C 3 .   ? 8.894   -4.188  5.587   1.00 35.34 ? 175 HOH A O   1 
HETATM 1115 O O   . HOH C 3 .   ? 11.544  -7.276  4.320   1.00 35.12 ? 176 HOH A O   1 
HETATM 1116 O O   . HOH C 3 .   ? -7.530  -0.334  -20.553 1.00 45.28 ? 177 HOH A O   1 
HETATM 1117 O O   . HOH C 3 .   ? -6.847  -6.841  17.599  1.00 29.44 ? 178 HOH A O   1 
HETATM 1118 O O   . HOH C 3 .   ? 8.075   -12.686 -9.378  1.00 38.64 ? 179 HOH A O   1 
HETATM 1119 O O   . HOH C 3 .   ? 7.005   17.508  12.627  1.00 41.60 ? 180 HOH A O   1 
HETATM 1120 O O   . HOH C 3 .   ? 9.466   -6.529  3.278   1.00 31.27 ? 181 HOH A O   1 
HETATM 1121 O O   . HOH C 3 .   ? -8.967  -4.945  -10.788 1.00 19.39 ? 182 HOH A O   1 
HETATM 1122 O O   . HOH C 3 .   ? 4.060   8.076   1.949   1.00 13.07 ? 183 HOH A O   1 
HETATM 1123 O O   . HOH C 3 .   ? 8.361   3.734   1.038   1.00 31.14 ? 184 HOH A O   1 
HETATM 1124 O O   . HOH C 3 .   ? 5.433   -3.061  16.880  1.00 49.51 ? 185 HOH A O   1 
HETATM 1125 O O   . HOH C 3 .   ? 4.545   9.193   15.530  1.00 79.60 ? 186 HOH A O   1 
HETATM 1126 O O   . HOH C 3 .   ? 5.417   8.126   13.194  1.00 51.42 ? 187 HOH A O   1 
HETATM 1127 O O   . HOH C 3 .   ? -6.700  -2.092  -18.079 1.00 44.64 ? 188 HOH A O   1 
HETATM 1128 O O   . HOH C 3 .   ? 11.621  -0.582  -14.674 1.00 59.94 ? 189 HOH A O   1 
HETATM 1129 O O   . HOH C 3 .   ? 8.978   -6.422  7.274   1.00 73.29 ? 190 HOH A O   1 
HETATM 1130 O O   . HOH C 3 .   ? 2.225   13.284  -11.019 1.00 50.54 ? 191 HOH A O   1 
HETATM 1131 O O   . HOH C 3 .   ? -2.247  14.503  -5.507  1.00 31.05 ? 192 HOH A O   1 
HETATM 1132 O O   . HOH C 3 .   ? 3.150   2.701   0.677   1.00 27.81 ? 193 HOH A O   1 
HETATM 1133 O O   . HOH C 3 .   ? -8.074  11.914  -7.765  1.00 29.33 ? 194 HOH A O   1 
HETATM 1134 O O   . HOH C 3 .   ? -3.389  14.717  0.040   1.00 21.57 ? 195 HOH A O   1 
HETATM 1135 O O   . HOH C 3 .   ? -5.810  15.121  3.331   1.00 26.66 ? 196 HOH A O   1 
HETATM 1136 O O   . HOH C 3 .   ? -1.490  17.537  7.474   1.00 33.65 ? 197 HOH A O   1 
HETATM 1137 O O   . HOH C 3 .   ? -4.006  16.284  8.630   1.00 44.46 ? 198 HOH A O   1 
HETATM 1138 O O   . HOH C 3 .   ? 4.179   -4.284  20.235  1.00 51.24 ? 199 HOH A O   1 
HETATM 1139 O O   . HOH C 3 .   ? 18.108  2.082   0.062   1.00 52.23 ? 200 HOH A O   1 
HETATM 1140 O O   . HOH C 3 .   ? 13.248  8.906   -4.775  1.00 65.57 ? 201 HOH A O   1 
HETATM 1141 O O   . HOH C 3 .   ? 5.174   -1.088  15.391  1.00 41.08 ? 202 HOH A O   1 
HETATM 1142 O O   . HOH C 3 .   ? 6.037   1.360   18.750  1.00 48.65 ? 203 HOH A O   1 
HETATM 1143 O O   . HOH C 3 .   ? -10.131 -1.956  14.026  1.00 43.00 ? 204 HOH A O   1 
HETATM 1144 O O   . HOH C 3 .   ? -1.283  4.800   -17.021 1.00 28.62 ? 205 HOH A O   1 
HETATM 1145 O O   . HOH C 3 .   ? -5.190  -9.019  9.655   1.00 46.08 ? 206 HOH A O   1 
HETATM 1146 O O   . HOH C 3 .   ? 2.324   -17.019 8.066   1.00 41.63 ? 207 HOH A O   1 
HETATM 1147 O O   . HOH C 3 .   ? 14.486  -5.868  0.757   1.00 27.79 ? 208 HOH A O   1 
HETATM 1148 O O   . HOH C 3 .   ? 5.766   11.384  12.663  1.00 47.59 ? 209 HOH A O   1 
HETATM 1149 O O   . HOH C 3 .   ? 2.344   11.794  -4.419  1.00 29.08 ? 210 HOH A O   1 
HETATM 1150 O O   . HOH C 3 .   ? -0.416  -4.821  -16.480 1.00 32.24 ? 211 HOH A O   1 
HETATM 1151 O O   . HOH C 3 .   ? -0.883  -10.046 -11.976 1.00 44.04 ? 212 HOH A O   1 
HETATM 1152 O O   . HOH C 3 .   ? 5.256   -19.630 -6.589  1.00 51.54 ? 213 HOH A O   1 
HETATM 1153 O O   . HOH C 3 .   ? 3.977   -12.340 9.945   1.00 46.50 ? 214 HOH A O   1 
HETATM 1154 O O   . HOH C 3 .   ? -10.249 -6.601  12.683  1.00 45.56 ? 215 HOH A O   1 
HETATM 1155 O O   . HOH C 3 .   ? 6.804   -7.635  12.859  1.00 65.00 ? 216 HOH A O   1 
HETATM 1156 O O   . HOH C 3 .   ? -5.950  -17.178 -1.570  1.00 39.11 ? 217 HOH A O   1 
HETATM 1157 O O   . HOH C 3 .   ? -7.504  14.831  -0.672  1.00 34.20 ? 218 HOH A O   1 
HETATM 1158 O O   . HOH C 3 .   ? -13.308 5.962   14.468  1.00 71.43 ? 219 HOH A O   1 
HETATM 1159 O O   . HOH C 3 .   ? 2.882   12.847  -7.286  1.00 54.08 ? 220 HOH A O   1 
HETATM 1160 O O   . HOH C 3 .   ? -4.553  -18.116 -4.640  1.00 51.46 ? 221 HOH A O   1 
HETATM 1161 O O   . HOH C 3 .   ? -3.065  -11.984 -11.300 1.00 36.17 ? 222 HOH A O   1 
HETATM 1162 O O   . HOH C 3 .   ? 12.893  -10.435 -3.351  1.00 41.57 ? 223 HOH A O   1 
HETATM 1163 O O   . HOH C 3 .   ? 6.261   5.566   0.603   1.00 26.15 ? 224 HOH A O   1 
HETATM 1164 O O   . HOH C 3 .   ? 13.404  2.871   5.979   1.00 45.69 ? 225 HOH A O   1 
HETATM 1165 O O   . HOH C 3 .   ? -15.905 -5.081  -3.084  1.00 45.95 ? 226 HOH A O   1 
HETATM 1166 O O   . HOH C 3 .   ? -9.484  -4.211  18.299  1.00 68.75 ? 227 HOH A O   1 
HETATM 1167 O O   . HOH C 3 .   ? -10.561 3.532   17.894  1.00 62.42 ? 228 HOH A O   1 
HETATM 1168 O O   . HOH C 3 .   ? -12.144 2.333   -3.854  1.00 39.74 ? 229 HOH A O   1 
HETATM 1169 O O   . HOH C 3 .   ? -12.192 0.782   -11.673 1.00 58.84 ? 230 HOH A O   1 
HETATM 1170 O O   . HOH C 3 .   ? -11.028 12.730  0.600   1.00 60.65 ? 231 HOH A O   1 
HETATM 1171 O O   . HOH C 3 .   ? -10.572 9.579   -0.500  1.00 35.33 ? 232 HOH A O   1 
HETATM 1172 O O   . HOH C 3 .   ? -11.242 5.779   -10.418 1.00 51.62 ? 233 HOH A O   1 
HETATM 1173 O O   . HOH C 3 .   ? -14.057 7.958   -2.048  1.00 46.09 ? 234 HOH A O   1 
HETATM 1174 O O   . HOH C 3 .   ? -0.958  6.935   -18.937 1.00 48.58 ? 235 HOH A O   1 
HETATM 1175 O O   . HOH C 3 .   ? 7.839   -10.035 2.525   1.00 25.60 ? 236 HOH A O   1 
HETATM 1176 O O   . HOH C 3 .   ? -0.901  14.765  -1.877  1.00 48.40 ? 237 HOH A O   1 
HETATM 1177 O O   . HOH C 3 .   ? 17.171  8.647   -1.075  1.00 55.38 ? 238 HOH A O   1 
HETATM 1178 O O   . HOH C 3 .   ? -1.609  -18.589 7.489   1.00 60.48 ? 239 HOH A O   1 
HETATM 1179 O O   . HOH C 3 .   ? -14.429 -8.498  4.045   1.00 65.21 ? 240 HOH A O   1 
HETATM 1180 O O   . HOH C 3 .   ? -11.365 -13.767 2.376   1.00 58.80 ? 241 HOH A O   1 
HETATM 1181 O O   . HOH C 3 .   ? 1.503   6.096   14.845  1.00 74.17 ? 242 HOH A O   1 
HETATM 1182 O O   . HOH C 3 .   ? 10.870  -12.970 -5.143  1.00 60.40 ? 243 HOH A O   1 
HETATM 1183 O O   . HOH C 3 .   ? 8.929   -15.911 -6.162  1.00 78.20 ? 244 HOH A O   1 
HETATM 1184 O O   . HOH C 3 .   ? -3.663  -2.106  -17.489 1.00 48.86 ? 245 HOH A O   1 
HETATM 1185 O O   . HOH C 3 .   ? -12.000 4.155   -6.542  1.00 48.07 ? 246 HOH A O   1 
HETATM 1186 O O   . HOH C 3 .   ? 10.384  15.060  11.924  1.00 60.98 ? 247 HOH A O   1 
HETATM 1187 O O   . HOH C 3 .   ? -12.754 4.064   15.622  1.00 36.14 ? 248 HOH A O   1 
HETATM 1188 O O   . HOH C 3 .   ? 6.021   14.048  15.975  1.00 43.23 ? 249 HOH A O   1 
HETATM 1189 O O   . HOH C 3 .   ? -12.487 -3.161  -9.454  1.00 42.71 ? 250 HOH A O   1 
HETATM 1190 O O   . HOH C 3 .   ? -14.462 -2.094  -10.718 1.00 47.97 ? 251 HOH A O   1 
HETATM 1191 O O   . HOH C 3 .   ? -13.761 9.838   7.861   1.00 35.30 ? 252 HOH A O   1 
HETATM 1192 O O   . HOH C 3 .   ? 2.355   12.553  16.079  1.00 30.78 ? 253 HOH A O   1 
HETATM 1193 O O   . HOH C 3 .   ? -5.324  14.958  -10.560 1.00 59.01 ? 254 HOH A O   1 
HETATM 1194 O O   . HOH C 3 .   ? -12.258 15.254  6.573   1.00 50.30 ? 255 HOH A O   1 
HETATM 1195 O O   . HOH C 3 .   ? -10.872 13.036  8.696   1.00 52.70 ? 256 HOH A O   1 
HETATM 1196 O O   . HOH C 3 .   ? 9.052   4.776   -18.726 1.00 59.49 ? 257 HOH A O   1 
HETATM 1197 O O   . HOH C 3 .   ? -3.400  13.541  -13.030 1.00 36.33 ? 258 HOH A O   1 
HETATM 1198 O O   . HOH C 3 .   ? -0.734  19.441  -0.280  1.00 51.64 ? 259 HOH A O   1 
HETATM 1199 O O   . HOH C 3 .   ? 10.741  0.770   8.528   1.00 60.89 ? 260 HOH A O   1 
HETATM 1200 O O   . HOH C 3 .   ? 12.263  4.457   -16.529 1.00 71.32 ? 261 HOH A O   1 
HETATM 1201 O O   . HOH C 3 .   ? 11.417  -7.543  -10.894 1.00 62.46 ? 262 HOH A O   1 
HETATM 1202 O O   . HOH C 3 .   ? -6.635  -8.283  -12.906 1.00 75.32 ? 263 HOH A O   1 
HETATM 1203 O O   . HOH C 3 .   ? -16.234 9.528   -0.027  1.00 64.34 ? 264 HOH A O   1 
# 
